data_2K4B
#
_entry.id   2K4B
#
_entity_poly.entity_id   1
_entity_poly.type   'polypeptide(L)'
_entity_poly.pdbx_seq_one_letter_code
;MSYYHHHHHHDYDIPTTENLYFQGAMNEVEFNVSNAELIVMRVIWSLGEARVDEIYAQIPQELEWSLATVKTLLGRLVKK
EMLSTEKEGRKFVYRPLME
;
_entity_poly.pdbx_strand_id   A
#
# COMPACT_ATOMS: atom_id res chain seq x y z
N PHE A 31 15.50 20.40 1.78
CA PHE A 31 14.43 19.50 1.29
C PHE A 31 14.08 18.47 2.35
N ASN A 32 12.79 18.14 2.52
CA ASN A 32 12.29 17.00 3.31
C ASN A 32 10.90 16.58 2.76
N VAL A 33 10.30 15.51 3.30
CA VAL A 33 9.05 14.86 2.85
C VAL A 33 8.19 14.38 4.04
N SER A 34 7.02 13.80 3.80
CA SER A 34 6.02 13.43 4.84
C SER A 34 5.36 12.06 4.59
N ASN A 35 6.15 11.12 4.04
CA ASN A 35 5.79 9.74 3.66
C ASN A 35 6.67 8.71 4.40
N ALA A 36 6.23 7.46 4.51
CA ALA A 36 6.95 6.35 5.16
C ALA A 36 8.15 5.78 4.37
N GLU A 37 7.89 5.39 3.12
CA GLU A 37 8.77 4.63 2.22
C GLU A 37 8.10 4.58 0.84
N LEU A 38 8.89 4.48 -0.24
CA LEU A 38 8.38 4.33 -1.59
C LEU A 38 7.84 2.90 -1.87
N ILE A 39 8.33 1.89 -1.14
CA ILE A 39 8.11 0.45 -1.36
C ILE A 39 6.68 0.14 -1.80
N VAL A 40 5.70 0.51 -0.99
CA VAL A 40 4.26 0.21 -1.23
C VAL A 40 3.66 0.99 -2.39
N MET A 41 4.22 2.15 -2.75
CA MET A 41 3.75 2.96 -3.88
C MET A 41 4.33 2.47 -5.21
N ARG A 42 5.59 2.02 -5.22
CA ARG A 42 6.32 1.45 -6.37
C ARG A 42 5.66 0.19 -6.94
N VAL A 43 5.06 -0.67 -6.09
CA VAL A 43 4.37 -1.90 -6.57
C VAL A 43 2.95 -1.65 -7.09
N ILE A 44 2.09 -1.03 -6.28
CA ILE A 44 0.64 -0.96 -6.57
C ILE A 44 0.31 -0.16 -7.82
N TRP A 45 1.06 0.92 -8.06
CA TRP A 45 0.89 1.81 -9.21
C TRP A 45 0.86 1.05 -10.55
N SER A 46 1.65 -0.02 -10.66
CA SER A 46 1.84 -0.76 -11.92
C SER A 46 0.69 -1.74 -12.22
N LEU A 47 0.26 -2.42 -11.16
CA LEU A 47 -0.66 -3.55 -11.13
C LEU A 47 -2.12 -3.20 -11.41
N GLY A 48 -2.56 -2.03 -10.91
CA GLY A 48 -3.88 -1.45 -11.10
C GLY A 48 -4.66 -1.35 -9.80
N GLU A 49 -5.19 -2.48 -9.31
CA GLU A 49 -5.95 -2.56 -8.08
C GLU A 49 -5.43 -3.72 -7.21
N ALA A 50 -4.92 -3.43 -6.01
CA ALA A 50 -4.31 -4.43 -5.15
C ALA A 50 -5.10 -4.61 -3.85
N ARG A 51 -5.43 -5.86 -3.52
CA ARG A 51 -6.20 -6.18 -2.30
C ARG A 51 -5.27 -6.22 -1.09
N VAL A 52 -5.80 -6.24 0.14
CA VAL A 52 -4.98 -6.12 1.35
C VAL A 52 -3.90 -7.19 1.49
N ASP A 53 -4.28 -8.40 1.12
CA ASP A 53 -3.41 -9.55 1.10
C ASP A 53 -2.38 -9.48 -0.04
N GLU A 54 -2.71 -8.75 -1.11
CA GLU A 54 -1.91 -8.52 -2.30
C GLU A 54 -0.80 -7.49 -2.04
N ILE A 55 -1.18 -6.30 -1.55
CA ILE A 55 -0.24 -5.22 -1.18
C ILE A 55 0.81 -5.68 -0.19
N TYR A 56 0.40 -6.50 0.78
CA TYR A 56 1.27 -7.17 1.74
C TYR A 56 2.15 -8.24 1.10
N ALA A 57 1.60 -9.00 0.14
CA ALA A 57 2.38 -10.02 -0.57
C ALA A 57 3.62 -9.47 -1.29
N GLN A 58 3.66 -8.17 -1.64
CA GLN A 58 4.79 -7.58 -2.35
C GLN A 58 5.99 -7.17 -1.45
N ILE A 59 5.87 -7.39 -0.13
CA ILE A 59 6.76 -6.88 0.94
C ILE A 59 7.72 -7.98 1.49
N PRO A 60 8.99 -8.06 1.02
CA PRO A 60 9.93 -9.15 1.37
C PRO A 60 10.62 -9.02 2.74
N GLN A 61 11.23 -10.14 3.21
CA GLN A 61 11.95 -10.23 4.49
C GLN A 61 13.17 -9.29 4.65
N GLU A 62 13.76 -8.78 3.56
CA GLU A 62 14.85 -7.77 3.57
C GLU A 62 14.50 -6.50 4.38
N LEU A 63 13.20 -6.24 4.51
CA LEU A 63 12.63 -5.06 5.18
C LEU A 63 12.40 -5.24 6.67
N GLU A 64 12.15 -6.47 7.10
CA GLU A 64 11.80 -6.90 8.47
C GLU A 64 10.36 -6.50 8.93
N TRP A 65 9.53 -6.00 8.02
CA TRP A 65 8.16 -5.53 8.29
C TRP A 65 7.17 -6.67 8.58
N SER A 66 5.98 -6.33 9.09
CA SER A 66 4.87 -7.26 9.36
C SER A 66 3.57 -6.78 8.70
N LEU A 67 2.52 -7.61 8.63
CA LEU A 67 1.23 -7.24 8.10
C LEU A 67 0.71 -5.95 8.75
N ALA A 68 0.75 -5.88 10.08
CA ALA A 68 0.29 -4.70 10.81
C ALA A 68 0.96 -3.41 10.30
N THR A 69 2.25 -3.44 9.94
CA THR A 69 2.97 -2.31 9.37
C THR A 69 2.34 -1.81 8.08
N VAL A 70 2.16 -2.65 7.06
CA VAL A 70 1.60 -2.13 5.80
C VAL A 70 0.22 -1.55 6.04
N LYS A 71 -0.64 -2.21 6.83
CA LYS A 71 -2.00 -1.74 7.15
C LYS A 71 -2.01 -0.30 7.71
N THR A 72 -1.15 -0.03 8.69
CA THR A 72 -0.98 1.33 9.26
C THR A 72 -0.38 2.37 8.29
N LEU A 73 0.46 1.95 7.34
CA LEU A 73 1.07 2.78 6.33
C LEU A 73 0.03 3.20 5.26
N LEU A 74 -0.81 2.25 4.82
CA LEU A 74 -1.91 2.52 3.90
C LEU A 74 -2.76 3.67 4.38
N GLY A 75 -3.15 3.58 5.63
CA GLY A 75 -3.95 4.59 6.32
C GLY A 75 -3.35 6.00 6.23
N ARG A 76 -2.03 6.10 6.09
CA ARG A 76 -1.34 7.38 5.84
C ARG A 76 -1.43 7.77 4.37
N LEU A 77 -1.20 6.84 3.44
CA LEU A 77 -1.36 7.12 1.99
C LEU A 77 -2.76 7.65 1.65
N VAL A 78 -3.76 6.93 2.16
CA VAL A 78 -5.17 7.20 1.82
C VAL A 78 -5.71 8.51 2.42
N LYS A 79 -5.18 8.95 3.57
CA LYS A 79 -5.41 10.28 4.18
C LYS A 79 -4.63 11.44 3.56
N LYS A 80 -3.55 11.11 2.84
CA LYS A 80 -2.60 12.06 2.22
C LYS A 80 -2.75 12.21 0.70
N GLU A 81 -3.94 11.91 0.18
CA GLU A 81 -4.32 12.16 -1.23
C GLU A 81 -3.46 11.40 -2.28
N MET A 82 -2.70 10.34 -1.88
CA MET A 82 -1.89 9.55 -2.80
C MET A 82 -2.75 8.48 -3.49
N LEU A 83 -3.43 7.67 -2.66
CA LEU A 83 -4.24 6.52 -3.06
C LEU A 83 -5.64 6.61 -2.45
N SER A 84 -6.53 5.71 -2.90
CA SER A 84 -7.86 5.48 -2.31
C SER A 84 -8.13 3.99 -2.10
N THR A 85 -9.25 3.66 -1.44
CA THR A 85 -9.57 2.28 -1.08
C THR A 85 -11.08 2.00 -1.02
N GLU A 86 -11.46 0.78 -1.40
CA GLU A 86 -12.85 0.29 -1.53
C GLU A 86 -13.03 -1.10 -0.93
N LYS A 87 -14.25 -1.46 -0.53
CA LYS A 87 -14.57 -2.80 0.00
C LYS A 87 -15.01 -3.73 -1.13
N GLU A 88 -14.16 -4.67 -1.52
CA GLU A 88 -14.40 -5.65 -2.59
C GLU A 88 -13.71 -6.99 -2.34
N GLY A 89 -14.25 -8.08 -2.90
CA GLY A 89 -13.75 -9.45 -2.71
C GLY A 89 -13.73 -9.91 -1.24
N ARG A 90 -14.74 -9.51 -0.44
CA ARG A 90 -14.83 -9.64 1.04
C ARG A 90 -13.61 -9.08 1.82
N LYS A 91 -12.82 -8.26 1.13
CA LYS A 91 -11.55 -7.64 1.50
C LYS A 91 -11.60 -6.15 1.13
N PHE A 92 -10.50 -5.45 1.37
CA PHE A 92 -10.30 -4.12 0.80
C PHE A 92 -9.52 -4.25 -0.51
N VAL A 93 -9.82 -3.36 -1.46
CA VAL A 93 -9.09 -3.11 -2.71
C VAL A 93 -8.51 -1.72 -2.55
N TYR A 94 -7.19 -1.61 -2.61
CA TYR A 94 -6.45 -0.37 -2.51
C TYR A 94 -6.00 0.00 -3.92
N ARG A 95 -6.42 1.18 -4.39
CA ARG A 95 -6.12 1.62 -5.78
C ARG A 95 -5.88 3.13 -5.92
N PRO A 96 -5.11 3.56 -6.93
CA PRO A 96 -5.03 4.97 -7.31
C PRO A 96 -6.34 5.38 -8.01
N LEU A 97 -6.57 6.69 -8.08
CA LEU A 97 -7.73 7.34 -8.65
C LEU A 97 -7.26 8.43 -9.61
N MET A 98 -7.99 8.60 -10.71
CA MET A 98 -7.75 9.60 -11.76
C MET A 98 -9.09 10.03 -12.33
N GLU A 99 -9.13 11.19 -13.00
CA GLU A 99 -10.26 11.67 -13.81
C GLU A 99 -10.33 10.93 -15.17
N PHE A 31 22.62 14.34 -1.87
CA PHE A 31 21.88 13.23 -1.23
C PHE A 31 20.68 13.80 -0.45
N ASN A 32 19.58 13.04 -0.30
CA ASN A 32 18.44 13.34 0.58
C ASN A 32 17.50 12.11 0.69
N VAL A 33 16.53 12.17 1.62
CA VAL A 33 15.48 11.17 1.92
C VAL A 33 14.33 11.82 2.72
N SER A 34 13.09 11.31 2.61
CA SER A 34 11.96 11.74 3.47
C SER A 34 10.83 10.67 3.55
N ASN A 35 9.81 10.92 4.38
CA ASN A 35 8.63 10.06 4.66
C ASN A 35 8.94 8.64 5.21
N ALA A 36 7.93 7.76 5.27
CA ALA A 36 8.07 6.33 5.61
C ALA A 36 8.93 5.57 4.58
N GLU A 37 8.53 5.62 3.31
CA GLU A 37 9.11 4.88 2.18
C GLU A 37 8.43 5.28 0.85
N LEU A 38 8.85 4.66 -0.27
CA LEU A 38 8.23 4.75 -1.62
C LEU A 38 7.96 3.35 -2.24
N ILE A 39 8.11 2.26 -1.48
CA ILE A 39 7.86 0.88 -1.92
C ILE A 39 6.37 0.69 -2.24
N VAL A 40 5.49 1.15 -1.35
CA VAL A 40 4.03 1.13 -1.55
C VAL A 40 3.64 1.95 -2.79
N MET A 41 4.33 3.07 -3.00
CA MET A 41 4.09 3.98 -4.14
C MET A 41 4.40 3.32 -5.49
N ARG A 42 5.28 2.31 -5.54
CA ARG A 42 5.60 1.58 -6.78
C ARG A 42 4.71 0.35 -7.00
N VAL A 43 4.68 -0.62 -6.07
CA VAL A 43 4.07 -1.93 -6.38
C VAL A 43 2.59 -1.84 -6.77
N ILE A 44 1.84 -0.99 -6.08
CA ILE A 44 0.39 -0.80 -6.30
C ILE A 44 0.11 -0.06 -7.61
N TRP A 45 0.87 1.01 -7.83
CA TRP A 45 0.75 1.86 -9.02
C TRP A 45 0.95 1.03 -10.30
N SER A 46 1.82 0.02 -10.22
CA SER A 46 2.22 -0.76 -11.40
C SER A 46 1.16 -1.76 -11.87
N LEU A 47 0.48 -2.39 -10.91
CA LEU A 47 -0.41 -3.49 -11.11
C LEU A 47 -1.77 -3.08 -11.68
N GLY A 48 -2.40 -2.07 -11.07
CA GLY A 48 -3.71 -1.52 -11.41
C GLY A 48 -4.67 -1.63 -10.24
N GLU A 49 -5.14 -2.85 -9.96
CA GLU A 49 -5.93 -3.18 -8.77
C GLU A 49 -5.24 -4.32 -7.99
N ALA A 50 -4.82 -4.01 -6.76
CA ALA A 50 -4.25 -4.98 -5.81
C ALA A 50 -5.13 -5.04 -4.56
N ARG A 51 -4.98 -6.04 -3.66
CA ARG A 51 -5.63 -5.99 -2.33
C ARG A 51 -4.64 -5.83 -1.19
N VAL A 52 -5.13 -5.60 0.02
CA VAL A 52 -4.32 -5.64 1.24
C VAL A 52 -3.52 -6.91 1.42
N ASP A 53 -4.09 -8.07 1.13
CA ASP A 53 -3.32 -9.31 1.17
C ASP A 53 -2.34 -9.48 0.00
N GLU A 54 -2.52 -8.69 -1.08
CA GLU A 54 -1.55 -8.57 -2.19
C GLU A 54 -0.36 -7.66 -1.84
N ILE A 55 -0.61 -6.41 -1.42
CA ILE A 55 0.45 -5.42 -1.18
C ILE A 55 1.49 -5.89 -0.16
N TYR A 56 1.05 -6.55 0.92
CA TYR A 56 1.91 -7.22 1.88
C TYR A 56 2.72 -8.38 1.29
N ALA A 57 2.14 -9.10 0.34
CA ALA A 57 2.85 -10.15 -0.40
C ALA A 57 4.02 -9.59 -1.21
N GLN A 58 3.97 -8.30 -1.57
CA GLN A 58 5.01 -7.60 -2.30
C GLN A 58 6.13 -7.05 -1.40
N ILE A 59 5.99 -7.19 -0.08
CA ILE A 59 6.89 -6.73 0.97
C ILE A 59 7.73 -7.93 1.44
N PRO A 60 8.95 -8.15 0.93
CA PRO A 60 9.73 -9.36 1.20
C PRO A 60 10.39 -9.37 2.60
N GLN A 61 10.83 -10.56 3.04
CA GLN A 61 11.66 -10.76 4.24
C GLN A 61 12.88 -9.84 4.35
N GLU A 62 13.43 -9.39 3.22
CA GLU A 62 14.53 -8.42 3.09
C GLU A 62 14.29 -7.08 3.82
N LEU A 63 13.02 -6.71 4.02
CA LEU A 63 12.57 -5.51 4.75
C LEU A 63 12.28 -5.74 6.23
N GLU A 64 11.98 -7.00 6.56
CA GLU A 64 11.68 -7.54 7.90
C GLU A 64 10.31 -7.13 8.51
N TRP A 65 9.38 -6.59 7.72
CA TRP A 65 8.12 -5.97 8.23
C TRP A 65 7.02 -6.96 8.66
N SER A 66 6.30 -6.60 9.74
CA SER A 66 5.08 -7.27 10.22
C SER A 66 3.80 -6.78 9.50
N LEU A 67 2.77 -7.62 9.39
CA LEU A 67 1.56 -7.30 8.65
C LEU A 67 0.83 -6.05 9.16
N ALA A 68 0.82 -5.85 10.47
CA ALA A 68 0.26 -4.62 11.05
C ALA A 68 0.85 -3.36 10.42
N THR A 69 2.15 -3.34 10.07
CA THR A 69 2.82 -2.15 9.55
C THR A 69 2.20 -1.63 8.25
N VAL A 70 2.13 -2.43 7.18
CA VAL A 70 1.65 -1.93 5.89
C VAL A 70 0.22 -1.41 5.93
N LYS A 71 -0.64 -2.09 6.68
CA LYS A 71 -2.04 -1.69 6.88
C LYS A 71 -2.14 -0.35 7.61
N THR A 72 -1.36 -0.15 8.68
CA THR A 72 -1.34 1.16 9.37
C THR A 72 -0.74 2.28 8.51
N LEU A 73 0.16 1.95 7.57
CA LEU A 73 0.79 2.90 6.68
C LEU A 73 -0.19 3.34 5.56
N LEU A 74 -0.86 2.35 4.95
CA LEU A 74 -1.85 2.59 3.90
C LEU A 74 -2.85 3.64 4.28
N GLY A 75 -3.47 3.41 5.43
CA GLY A 75 -4.52 4.26 6.00
C GLY A 75 -4.07 5.72 6.14
N ARG A 76 -2.75 5.94 6.29
CA ARG A 76 -2.16 7.29 6.35
C ARG A 76 -1.98 7.86 4.95
N LEU A 77 -1.63 7.02 3.96
CA LEU A 77 -1.59 7.47 2.55
C LEU A 77 -2.97 7.92 2.07
N VAL A 78 -3.95 7.04 2.32
CA VAL A 78 -5.31 7.18 1.73
C VAL A 78 -6.16 8.26 2.39
N LYS A 79 -6.09 8.47 3.73
CA LYS A 79 -6.74 9.64 4.35
C LYS A 79 -6.18 10.98 3.88
N LYS A 80 -4.91 10.98 3.47
CA LYS A 80 -4.18 12.10 2.85
C LYS A 80 -4.24 12.06 1.31
N GLU A 81 -5.20 11.30 0.78
CA GLU A 81 -5.59 11.21 -0.62
C GLU A 81 -4.42 11.02 -1.61
N MET A 82 -3.35 10.30 -1.20
CA MET A 82 -2.22 9.97 -2.07
C MET A 82 -2.50 8.70 -2.88
N LEU A 83 -3.14 7.72 -2.23
CA LEU A 83 -3.60 6.47 -2.84
C LEU A 83 -5.12 6.36 -2.81
N SER A 84 -5.67 5.48 -3.68
CA SER A 84 -7.08 5.14 -3.66
C SER A 84 -7.36 3.71 -3.18
N THR A 85 -8.60 3.47 -2.74
CA THR A 85 -9.06 2.14 -2.36
C THR A 85 -10.60 1.98 -2.36
N GLU A 86 -11.10 0.77 -2.61
CA GLU A 86 -12.52 0.39 -2.43
C GLU A 86 -12.63 -0.98 -1.71
N LYS A 87 -13.75 -1.23 -1.01
CA LYS A 87 -14.05 -2.50 -0.34
C LYS A 87 -14.62 -3.52 -1.34
N GLU A 88 -14.10 -4.73 -1.36
CA GLU A 88 -14.65 -5.88 -2.12
C GLU A 88 -15.17 -6.93 -1.13
N GLY A 89 -16.31 -6.58 -0.50
CA GLY A 89 -17.05 -7.33 0.52
C GLY A 89 -16.25 -7.66 1.78
N ARG A 90 -15.39 -8.68 1.68
CA ARG A 90 -14.58 -9.26 2.77
C ARG A 90 -13.11 -8.86 2.65
N LYS A 91 -12.65 -8.41 1.48
CA LYS A 91 -11.34 -7.89 1.17
C LYS A 91 -11.37 -6.37 0.92
N PHE A 92 -10.21 -5.77 0.73
CA PHE A 92 -10.03 -4.34 0.46
C PHE A 92 -9.06 -4.16 -0.72
N VAL A 93 -9.48 -3.46 -1.76
CA VAL A 93 -8.70 -3.23 -2.98
C VAL A 93 -8.07 -1.85 -2.94
N TYR A 94 -6.87 -1.76 -3.49
CA TYR A 94 -6.00 -0.59 -3.56
C TYR A 94 -5.64 -0.30 -5.02
N ARG A 95 -5.95 0.93 -5.43
CA ARG A 95 -5.75 1.55 -6.76
C ARG A 95 -4.84 2.80 -6.70
N PRO A 96 -4.21 3.20 -7.83
CA PRO A 96 -3.56 4.50 -7.96
C PRO A 96 -4.59 5.65 -8.00
N LEU A 97 -4.13 6.89 -8.24
CA LEU A 97 -4.97 8.05 -8.54
C LEU A 97 -4.84 8.43 -10.03
N MET A 98 -5.72 9.31 -10.50
CA MET A 98 -5.76 9.78 -11.90
C MET A 98 -4.73 10.89 -12.14
N GLU A 99 -3.78 10.65 -13.06
CA GLU A 99 -2.78 11.62 -13.54
C GLU A 99 -2.28 11.29 -14.96
N PHE A 31 24.05 8.60 2.28
CA PHE A 31 22.76 8.17 1.72
C PHE A 31 21.65 8.51 2.70
N ASN A 32 20.72 9.42 2.36
CA ASN A 32 19.62 9.80 3.27
C ASN A 32 18.30 10.09 2.53
N VAL A 33 17.70 9.06 1.90
CA VAL A 33 16.41 9.15 1.20
C VAL A 33 15.50 7.92 1.44
N SER A 34 15.74 7.16 2.50
CA SER A 34 15.03 5.90 2.82
C SER A 34 13.60 6.08 3.36
N ASN A 35 12.83 6.97 2.74
CA ASN A 35 11.41 7.24 3.05
C ASN A 35 10.52 6.06 2.62
N ALA A 36 9.38 5.85 3.27
CA ALA A 36 8.44 4.76 2.95
C ALA A 36 7.83 4.85 1.53
N GLU A 37 7.58 6.08 1.05
CA GLU A 37 7.03 6.43 -0.28
C GLU A 37 8.07 6.25 -1.40
N LEU A 38 8.52 5.00 -1.48
CA LEU A 38 9.44 4.42 -2.45
C LEU A 38 8.96 3.00 -2.75
N ILE A 39 8.68 2.23 -1.69
CA ILE A 39 8.12 0.87 -1.72
C ILE A 39 6.60 0.86 -1.99
N VAL A 40 5.79 1.23 -0.99
CA VAL A 40 4.32 1.06 -1.02
C VAL A 40 3.63 1.95 -2.05
N MET A 41 4.07 3.21 -2.20
CA MET A 41 3.65 4.09 -3.30
C MET A 41 3.82 3.45 -4.68
N ARG A 42 4.76 2.49 -4.82
CA ARG A 42 5.17 1.93 -6.11
C ARG A 42 4.57 0.56 -6.43
N VAL A 43 4.53 -0.40 -5.50
CA VAL A 43 4.08 -1.76 -5.87
C VAL A 43 2.64 -1.77 -6.40
N ILE A 44 1.75 -0.99 -5.76
CA ILE A 44 0.32 -0.93 -6.12
C ILE A 44 0.12 -0.37 -7.53
N TRP A 45 0.86 0.71 -7.80
CA TRP A 45 0.73 1.49 -9.02
C TRP A 45 1.01 0.67 -10.28
N SER A 46 1.86 -0.36 -10.17
CA SER A 46 2.38 -1.07 -11.34
C SER A 46 1.39 -2.07 -11.94
N LEU A 47 0.59 -2.72 -11.06
CA LEU A 47 -0.56 -3.53 -11.42
C LEU A 47 -1.70 -2.63 -11.97
N GLY A 48 -2.32 -1.90 -11.04
CA GLY A 48 -3.46 -0.99 -11.26
C GLY A 48 -4.48 -1.07 -10.12
N GLU A 49 -4.61 -2.26 -9.53
CA GLU A 49 -5.33 -2.58 -8.31
C GLU A 49 -4.46 -3.60 -7.57
N ALA A 50 -4.50 -3.57 -6.24
CA ALA A 50 -3.97 -4.61 -5.39
C ALA A 50 -4.83 -4.73 -4.12
N ARG A 51 -5.34 -5.92 -3.83
CA ARG A 51 -6.05 -6.23 -2.57
C ARG A 51 -5.08 -6.15 -1.38
N VAL A 52 -5.58 -6.00 -0.14
CA VAL A 52 -4.75 -5.90 1.09
C VAL A 52 -3.74 -7.03 1.29
N ASP A 53 -4.22 -8.22 1.01
CA ASP A 53 -3.47 -9.45 1.11
C ASP A 53 -2.45 -9.61 -0.02
N GLU A 54 -2.67 -8.90 -1.14
CA GLU A 54 -1.71 -8.78 -2.25
C GLU A 54 -0.59 -7.74 -2.03
N ILE A 55 -0.94 -6.57 -1.51
CA ILE A 55 0.04 -5.50 -1.20
C ILE A 55 1.05 -5.95 -0.15
N TYR A 56 0.58 -6.61 0.90
CA TYR A 56 1.44 -7.32 1.84
C TYR A 56 2.29 -8.42 1.19
N ALA A 57 1.73 -9.15 0.24
CA ALA A 57 2.44 -10.22 -0.47
C ALA A 57 3.61 -9.69 -1.32
N GLN A 58 3.67 -8.38 -1.55
CA GLN A 58 4.75 -7.74 -2.30
C GLN A 58 5.96 -7.35 -1.43
N ILE A 59 5.88 -7.55 -0.11
CA ILE A 59 6.83 -7.04 0.90
C ILE A 59 7.83 -8.11 1.38
N PRO A 60 9.13 -8.02 1.01
CA PRO A 60 10.15 -9.03 1.33
C PRO A 60 10.76 -8.91 2.74
N GLN A 61 11.41 -10.00 3.16
CA GLN A 61 12.04 -10.17 4.49
C GLN A 61 13.03 -9.05 4.86
N GLU A 62 13.84 -8.56 3.91
CA GLU A 62 14.91 -7.56 4.14
C GLU A 62 14.49 -6.25 4.86
N LEU A 63 13.16 -6.01 4.92
CA LEU A 63 12.53 -4.82 5.49
C LEU A 63 12.24 -5.00 6.96
N GLU A 64 12.10 -6.26 7.34
CA GLU A 64 11.67 -6.73 8.68
C GLU A 64 10.25 -6.29 9.16
N TRP A 65 9.36 -5.95 8.23
CA TRP A 65 8.00 -5.49 8.48
C TRP A 65 7.11 -6.63 9.02
N SER A 66 5.98 -6.22 9.59
CA SER A 66 4.88 -7.10 9.99
C SER A 66 3.67 -6.77 9.11
N LEU A 67 2.70 -7.68 8.96
CA LEU A 67 1.44 -7.40 8.29
C LEU A 67 0.73 -6.16 8.87
N ALA A 68 0.85 -5.98 10.20
CA ALA A 68 0.35 -4.82 10.90
C ALA A 68 0.91 -3.50 10.32
N THR A 69 2.20 -3.49 9.95
CA THR A 69 2.90 -2.30 9.41
C THR A 69 2.30 -1.83 8.10
N VAL A 70 2.16 -2.68 7.09
CA VAL A 70 1.67 -2.21 5.81
C VAL A 70 0.25 -1.68 5.91
N LYS A 71 -0.63 -2.40 6.60
CA LYS A 71 -2.04 -2.01 6.76
C LYS A 71 -2.18 -0.67 7.45
N THR A 72 -1.36 -0.46 8.49
CA THR A 72 -1.37 0.82 9.22
C THR A 72 -0.76 1.98 8.41
N LEU A 73 0.27 1.73 7.57
CA LEU A 73 0.96 2.74 6.77
C LEU A 73 0.10 3.16 5.58
N LEU A 74 -0.55 2.20 4.91
CA LEU A 74 -1.58 2.45 3.90
C LEU A 74 -2.62 3.43 4.39
N GLY A 75 -3.09 3.15 5.60
CA GLY A 75 -4.04 3.96 6.35
C GLY A 75 -3.61 5.43 6.50
N ARG A 76 -2.31 5.71 6.43
CA ARG A 76 -1.70 7.05 6.34
C ARG A 76 -1.75 7.59 4.92
N LEU A 77 -1.34 6.80 3.92
CA LEU A 77 -1.40 7.24 2.51
C LEU A 77 -2.82 7.66 2.12
N VAL A 78 -3.75 6.76 2.38
CA VAL A 78 -5.18 6.92 2.04
C VAL A 78 -5.89 8.05 2.79
N LYS A 79 -5.43 8.42 4.01
CA LYS A 79 -5.94 9.61 4.73
C LYS A 79 -5.43 10.96 4.21
N LYS A 80 -4.22 10.96 3.62
CA LYS A 80 -3.72 12.10 2.84
C LYS A 80 -4.34 12.04 1.44
N GLU A 81 -3.56 11.81 0.37
CA GLU A 81 -4.08 11.97 -1.00
C GLU A 81 -3.40 11.10 -2.08
N MET A 82 -2.39 10.29 -1.74
CA MET A 82 -1.53 9.58 -2.68
C MET A 82 -2.30 8.45 -3.35
N LEU A 83 -2.77 7.54 -2.50
CA LEU A 83 -3.44 6.29 -2.87
C LEU A 83 -4.86 6.25 -2.33
N SER A 84 -5.72 5.43 -2.93
CA SER A 84 -7.09 5.24 -2.44
C SER A 84 -7.49 3.78 -2.33
N THR A 85 -8.66 3.52 -1.76
CA THR A 85 -9.15 2.17 -1.53
C THR A 85 -10.68 2.09 -1.45
N GLU A 86 -11.22 0.94 -1.85
CA GLU A 86 -12.64 0.61 -1.89
C GLU A 86 -12.88 -0.82 -1.37
N LYS A 87 -14.12 -1.16 -0.99
CA LYS A 87 -14.48 -2.46 -0.40
C LYS A 87 -15.25 -3.32 -1.42
N GLU A 88 -14.84 -4.58 -1.55
CA GLU A 88 -15.49 -5.61 -2.38
C GLU A 88 -15.67 -6.91 -1.57
N GLY A 89 -16.55 -7.82 -1.99
CA GLY A 89 -17.05 -9.02 -1.31
C GLY A 89 -16.49 -9.29 0.09
N ARG A 90 -15.24 -9.75 0.19
CA ARG A 90 -14.60 -10.19 1.45
C ARG A 90 -13.40 -9.35 1.91
N LYS A 91 -12.95 -8.34 1.14
CA LYS A 91 -11.70 -7.58 1.34
C LYS A 91 -11.74 -6.10 0.89
N PHE A 92 -10.62 -5.42 1.12
CA PHE A 92 -10.33 -4.09 0.54
C PHE A 92 -9.52 -4.21 -0.77
N VAL A 93 -9.69 -3.21 -1.64
CA VAL A 93 -9.00 -3.03 -2.92
C VAL A 93 -8.32 -1.67 -2.91
N TYR A 94 -7.00 -1.66 -2.99
CA TYR A 94 -6.18 -0.45 -3.00
C TYR A 94 -5.80 -0.14 -4.45
N ARG A 95 -6.23 1.03 -4.94
CA ARG A 95 -5.95 1.54 -6.31
C ARG A 95 -5.56 3.04 -6.31
N PRO A 96 -4.88 3.55 -7.35
CA PRO A 96 -4.34 4.92 -7.36
C PRO A 96 -5.34 6.03 -7.69
N LEU A 97 -6.56 5.72 -8.16
CA LEU A 97 -7.63 6.70 -8.45
C LEU A 97 -7.23 7.83 -9.44
N MET A 98 -6.57 7.44 -10.54
CA MET A 98 -6.18 8.26 -11.71
C MET A 98 -6.41 7.48 -13.03
N GLU A 99 -6.07 8.06 -14.19
CA GLU A 99 -6.38 7.52 -15.54
C GLU A 99 -5.42 8.01 -16.65
N PHE A 31 25.86 -0.92 2.39
CA PHE A 31 24.84 0.02 1.90
C PHE A 31 23.53 -0.18 2.63
N ASN A 32 22.75 0.88 2.89
CA ASN A 32 21.36 0.81 3.37
C ASN A 32 20.66 2.13 2.98
N VAL A 33 19.61 2.07 2.14
CA VAL A 33 18.82 3.24 1.66
C VAL A 33 17.37 2.81 1.39
N SER A 34 16.40 3.36 2.13
CA SER A 34 14.96 3.19 1.84
C SER A 34 14.09 4.28 2.51
N ASN A 35 12.86 4.43 2.01
CA ASN A 35 11.76 5.23 2.59
C ASN A 35 10.47 4.39 2.43
N ALA A 36 9.48 4.52 3.33
CA ALA A 36 8.22 3.75 3.29
C ALA A 36 7.48 3.89 1.95
N GLU A 37 7.39 5.13 1.46
CA GLU A 37 6.81 5.50 0.18
C GLU A 37 7.53 4.87 -1.02
N LEU A 38 8.86 4.64 -0.96
CA LEU A 38 9.61 4.05 -2.09
C LEU A 38 9.16 2.62 -2.42
N ILE A 39 8.75 1.83 -1.43
CA ILE A 39 8.24 0.47 -1.64
C ILE A 39 6.85 0.51 -2.29
N VAL A 40 5.91 1.16 -1.60
CA VAL A 40 4.48 1.15 -1.99
C VAL A 40 4.15 2.00 -3.23
N MET A 41 4.91 3.07 -3.52
CA MET A 41 4.77 3.91 -4.73
C MET A 41 5.44 3.29 -5.97
N ARG A 42 5.45 1.96 -6.08
CA ARG A 42 5.93 1.24 -7.26
C ARG A 42 4.96 0.12 -7.65
N VAL A 43 4.88 -0.93 -6.83
CA VAL A 43 4.18 -2.16 -7.22
C VAL A 43 2.71 -1.96 -7.57
N ILE A 44 2.00 -1.15 -6.78
CA ILE A 44 0.55 -0.96 -6.91
C ILE A 44 0.16 -0.22 -8.20
N TRP A 45 0.97 0.76 -8.59
CA TRP A 45 0.79 1.54 -9.82
C TRP A 45 0.82 0.67 -11.08
N SER A 46 1.57 -0.43 -11.01
CA SER A 46 1.74 -1.37 -12.13
C SER A 46 0.42 -2.06 -12.44
N LEU A 47 -0.16 -2.65 -11.40
CA LEU A 47 -1.41 -3.39 -11.39
C LEU A 47 -2.65 -2.51 -11.62
N GLY A 48 -2.80 -1.47 -10.83
CA GLY A 48 -3.88 -0.47 -10.93
C GLY A 48 -4.94 -0.60 -9.84
N GLU A 49 -5.33 -1.82 -9.49
CA GLU A 49 -6.17 -2.12 -8.33
C GLU A 49 -5.54 -3.32 -7.60
N ALA A 50 -5.17 -3.17 -6.32
CA ALA A 50 -4.46 -4.23 -5.59
C ALA A 50 -5.22 -4.64 -4.33
N ARG A 51 -5.39 -5.96 -4.13
CA ARG A 51 -6.00 -6.51 -2.91
C ARG A 51 -5.04 -6.31 -1.74
N VAL A 52 -5.55 -6.29 -0.52
CA VAL A 52 -4.68 -6.06 0.67
C VAL A 52 -3.60 -7.11 0.89
N ASP A 53 -3.92 -8.36 0.61
CA ASP A 53 -2.94 -9.44 0.60
C ASP A 53 -1.97 -9.35 -0.59
N GLU A 54 -2.37 -8.68 -1.68
CA GLU A 54 -1.53 -8.45 -2.87
C GLU A 54 -0.48 -7.35 -2.66
N ILE A 55 -0.89 -6.19 -2.15
CA ILE A 55 0.04 -5.09 -1.81
C ILE A 55 1.11 -5.55 -0.81
N TYR A 56 0.70 -6.38 0.14
CA TYR A 56 1.52 -7.07 1.11
C TYR A 56 2.40 -8.17 0.51
N ALA A 57 1.91 -8.88 -0.49
CA ALA A 57 2.66 -9.96 -1.12
C ALA A 57 3.97 -9.48 -1.77
N GLN A 58 4.05 -8.17 -2.06
CA GLN A 58 5.21 -7.54 -2.65
C GLN A 58 6.24 -7.00 -1.61
N ILE A 59 5.92 -7.10 -0.32
CA ILE A 59 6.63 -6.49 0.81
C ILE A 59 7.39 -7.54 1.66
N PRO A 60 8.71 -7.68 1.50
CA PRO A 60 9.51 -8.69 2.21
C PRO A 60 9.79 -8.31 3.67
N GLN A 61 9.89 -9.35 4.52
CA GLN A 61 10.02 -9.23 5.98
C GLN A 61 11.45 -8.94 6.52
N GLU A 62 12.44 -8.70 5.66
CA GLU A 62 13.87 -8.57 5.98
C GLU A 62 14.26 -7.39 6.91
N LEU A 63 13.37 -6.41 7.13
CA LEU A 63 13.61 -5.27 8.03
C LEU A 63 13.21 -5.57 9.47
N GLU A 64 12.01 -6.15 9.59
CA GLU A 64 11.11 -6.43 10.72
C GLU A 64 9.61 -6.36 10.34
N TRP A 65 9.29 -5.94 9.11
CA TRP A 65 7.91 -5.66 8.68
C TRP A 65 7.02 -6.92 8.58
N SER A 66 5.73 -6.72 8.85
CA SER A 66 4.67 -7.71 8.67
C SER A 66 3.44 -7.07 8.02
N LEU A 67 2.38 -7.84 7.77
CA LEU A 67 1.10 -7.37 7.25
C LEU A 67 0.61 -6.09 7.92
N ALA A 68 0.67 -6.05 9.26
CA ALA A 68 0.23 -4.91 10.05
C ALA A 68 0.92 -3.59 9.66
N THR A 69 2.18 -3.64 9.23
CA THR A 69 2.91 -2.46 8.75
C THR A 69 2.32 -1.89 7.47
N VAL A 70 2.04 -2.72 6.46
CA VAL A 70 1.40 -2.21 5.26
C VAL A 70 -0.03 -1.73 5.55
N LYS A 71 -0.77 -2.49 6.36
CA LYS A 71 -2.13 -2.15 6.79
C LYS A 71 -2.20 -0.74 7.40
N THR A 72 -1.28 -0.43 8.30
CA THR A 72 -1.18 0.91 8.91
C THR A 72 -0.60 2.00 7.95
N LEU A 73 0.39 1.67 7.12
CA LEU A 73 1.09 2.61 6.24
C LEU A 73 0.15 3.08 5.11
N LEU A 74 -0.67 2.18 4.56
CA LEU A 74 -1.75 2.55 3.64
C LEU A 74 -2.62 3.65 4.22
N GLY A 75 -3.07 3.42 5.42
CA GLY A 75 -3.90 4.33 6.21
C GLY A 75 -3.27 5.71 6.33
N ARG A 76 -1.93 5.80 6.28
CA ARG A 76 -1.22 7.10 6.20
C ARG A 76 -1.35 7.69 4.79
N LEU A 77 -1.19 6.90 3.72
CA LEU A 77 -1.37 7.41 2.36
C LEU A 77 -2.80 7.91 2.19
N VAL A 78 -3.75 7.05 2.54
CA VAL A 78 -5.17 7.27 2.13
C VAL A 78 -5.73 8.36 3.01
N LYS A 79 -5.27 8.59 4.27
CA LYS A 79 -5.61 9.82 5.04
C LYS A 79 -4.83 11.10 4.69
N LYS A 80 -3.73 10.97 3.94
CA LYS A 80 -2.96 12.08 3.36
C LYS A 80 -3.25 12.32 1.87
N GLU A 81 -4.37 11.80 1.37
CA GLU A 81 -4.92 12.14 0.05
C GLU A 81 -3.99 11.78 -1.13
N MET A 82 -3.12 10.76 -0.98
CA MET A 82 -2.29 10.26 -2.08
C MET A 82 -3.06 9.23 -2.91
N LEU A 83 -3.64 8.23 -2.22
CA LEU A 83 -4.31 7.05 -2.80
C LEU A 83 -5.75 6.91 -2.32
N SER A 84 -6.52 6.04 -2.96
CA SER A 84 -7.86 5.64 -2.51
C SER A 84 -8.00 4.13 -2.37
N THR A 85 -9.12 3.72 -1.79
CA THR A 85 -9.45 2.31 -1.55
C THR A 85 -10.97 2.06 -1.52
N GLU A 86 -11.36 0.84 -1.88
CA GLU A 86 -12.73 0.30 -1.99
C GLU A 86 -12.82 -1.07 -1.28
N LYS A 87 -14.02 -1.64 -1.13
CA LYS A 87 -14.27 -2.90 -0.41
C LYS A 87 -14.45 -4.12 -1.32
N GLU A 88 -13.94 -5.29 -0.89
CA GLU A 88 -14.16 -6.62 -1.48
C GLU A 88 -14.41 -7.73 -0.43
N GLY A 89 -14.65 -8.99 -0.83
CA GLY A 89 -14.95 -10.13 0.06
C GLY A 89 -13.89 -10.36 1.15
N ARG A 90 -14.23 -10.06 2.42
CA ARG A 90 -13.33 -9.93 3.58
C ARG A 90 -12.08 -9.08 3.28
N LYS A 91 -12.14 -8.16 2.32
CA LYS A 91 -11.01 -7.43 1.74
C LYS A 91 -11.23 -5.97 1.47
N PHE A 92 -10.13 -5.40 1.01
CA PHE A 92 -10.05 -4.06 0.42
C PHE A 92 -9.38 -4.14 -0.94
N VAL A 93 -9.52 -3.06 -1.71
CA VAL A 93 -8.95 -2.84 -3.04
C VAL A 93 -8.36 -1.44 -3.06
N TYR A 94 -7.04 -1.36 -3.05
CA TYR A 94 -6.29 -0.12 -3.01
C TYR A 94 -5.92 0.29 -4.46
N ARG A 95 -6.52 1.40 -4.93
CA ARG A 95 -6.25 2.01 -6.25
C ARG A 95 -5.89 3.50 -6.20
N PRO A 96 -5.04 4.02 -7.13
CA PRO A 96 -4.82 5.44 -7.30
C PRO A 96 -6.06 6.11 -7.92
N LEU A 97 -6.02 7.42 -8.12
CA LEU A 97 -7.16 8.18 -8.66
C LEU A 97 -7.17 8.20 -10.21
N MET A 98 -8.11 8.94 -10.81
CA MET A 98 -8.40 8.93 -12.26
C MET A 98 -8.86 10.31 -12.77
N GLU A 99 -8.97 10.46 -14.10
CA GLU A 99 -9.56 11.61 -14.82
C GLU A 99 -9.09 13.02 -14.34
N PHE A 31 18.55 15.19 -2.84
CA PHE A 31 17.38 15.28 -1.93
C PHE A 31 16.54 14.02 -2.03
N ASN A 32 15.68 13.74 -1.04
CA ASN A 32 14.99 12.45 -0.89
C ASN A 32 13.44 12.61 -0.93
N VAL A 33 12.69 11.50 -1.03
CA VAL A 33 11.24 11.52 -1.32
C VAL A 33 10.37 11.10 -0.12
N SER A 34 10.74 10.00 0.54
CA SER A 34 9.92 9.32 1.55
C SER A 34 10.81 8.72 2.63
N ASN A 35 10.28 8.59 3.86
CA ASN A 35 11.02 8.04 5.01
C ASN A 35 10.34 6.83 5.67
N ALA A 36 9.02 6.63 5.53
CA ALA A 36 8.38 5.37 5.92
C ALA A 36 8.77 4.24 4.96
N GLU A 37 8.57 4.47 3.67
CA GLU A 37 8.88 3.55 2.56
C GLU A 37 8.75 4.34 1.23
N LEU A 38 9.42 3.87 0.18
CA LEU A 38 9.23 4.34 -1.20
C LEU A 38 8.59 3.25 -2.07
N ILE A 39 8.86 1.96 -1.84
CA ILE A 39 8.32 0.86 -2.67
C ILE A 39 6.79 0.79 -2.72
N VAL A 40 6.08 1.21 -1.65
CA VAL A 40 4.59 1.33 -1.64
C VAL A 40 4.06 2.27 -2.73
N MET A 41 4.85 3.23 -3.19
CA MET A 41 4.50 4.14 -4.28
C MET A 41 4.96 3.64 -5.66
N ARG A 42 5.45 2.39 -5.78
CA ARG A 42 5.84 1.77 -7.07
C ARG A 42 5.11 0.47 -7.36
N VAL A 43 4.97 -0.46 -6.39
CA VAL A 43 4.22 -1.73 -6.59
C VAL A 43 2.85 -1.46 -7.19
N ILE A 44 2.02 -0.71 -6.46
CA ILE A 44 0.60 -0.55 -6.77
C ILE A 44 0.38 0.21 -8.07
N TRP A 45 1.14 1.29 -8.25
CA TRP A 45 1.08 2.14 -9.45
C TRP A 45 1.50 1.37 -10.72
N SER A 46 2.38 0.40 -10.57
CA SER A 46 2.84 -0.44 -11.71
C SER A 46 1.81 -1.50 -12.06
N LEU A 47 1.20 -2.09 -11.03
CA LEU A 47 0.14 -3.08 -11.13
C LEU A 47 -1.16 -2.51 -11.73
N GLY A 48 -1.69 -1.46 -11.11
CA GLY A 48 -2.94 -0.78 -11.44
C GLY A 48 -3.79 -0.62 -10.18
N GLU A 49 -4.26 -1.73 -9.63
CA GLU A 49 -4.92 -1.81 -8.34
C GLU A 49 -4.62 -3.18 -7.69
N ALA A 50 -4.61 -3.24 -6.35
CA ALA A 50 -4.09 -4.38 -5.58
C ALA A 50 -4.95 -4.71 -4.34
N ARG A 51 -4.99 -5.99 -3.91
CA ARG A 51 -5.66 -6.36 -2.64
C ARG A 51 -4.70 -6.16 -1.46
N VAL A 52 -5.20 -6.13 -0.22
CA VAL A 52 -4.33 -6.01 0.97
C VAL A 52 -3.28 -7.12 1.13
N ASP A 53 -3.70 -8.33 0.83
CA ASP A 53 -2.86 -9.52 0.78
C ASP A 53 -1.89 -9.49 -0.43
N GLU A 54 -2.22 -8.74 -1.48
CA GLU A 54 -1.37 -8.55 -2.66
C GLU A 54 -0.23 -7.56 -2.38
N ILE A 55 -0.56 -6.38 -1.86
CA ILE A 55 0.42 -5.33 -1.55
C ILE A 55 1.49 -5.83 -0.57
N TYR A 56 1.11 -6.54 0.49
CA TYR A 56 2.00 -7.21 1.39
C TYR A 56 2.84 -8.32 0.75
N ALA A 57 2.30 -9.02 -0.24
CA ALA A 57 3.05 -10.06 -0.95
C ALA A 57 4.25 -9.48 -1.72
N GLN A 58 4.21 -8.19 -2.07
CA GLN A 58 5.29 -7.50 -2.76
C GLN A 58 6.42 -7.03 -1.83
N ILE A 59 6.14 -6.96 -0.51
CA ILE A 59 7.03 -6.50 0.57
C ILE A 59 7.95 -7.67 1.04
N PRO A 60 9.27 -7.62 0.76
CA PRO A 60 10.19 -8.71 1.12
C PRO A 60 10.49 -8.74 2.62
N GLN A 61 10.78 -9.93 3.18
CA GLN A 61 11.11 -10.07 4.62
C GLN A 61 12.45 -9.42 5.01
N GLU A 62 13.26 -8.97 4.04
CA GLU A 62 14.46 -8.14 4.27
C GLU A 62 14.18 -6.88 5.11
N LEU A 63 12.92 -6.41 5.10
CA LEU A 63 12.45 -5.21 5.80
C LEU A 63 11.96 -5.46 7.24
N GLU A 64 11.54 -6.71 7.49
CA GLU A 64 11.10 -7.33 8.76
C GLU A 64 9.62 -7.09 9.15
N TRP A 65 8.88 -6.35 8.33
CA TRP A 65 7.54 -5.80 8.65
C TRP A 65 6.44 -6.83 8.81
N SER A 66 5.75 -6.81 9.95
CA SER A 66 4.53 -7.62 10.17
C SER A 66 3.32 -7.05 9.41
N LEU A 67 2.34 -7.92 9.12
CA LEU A 67 1.20 -7.63 8.28
C LEU A 67 0.36 -6.44 8.73
N ALA A 68 0.35 -6.12 10.03
CA ALA A 68 -0.38 -4.93 10.48
C ALA A 68 0.27 -3.64 9.94
N THR A 69 1.61 -3.62 9.81
CA THR A 69 2.37 -2.37 9.50
C THR A 69 2.05 -1.78 8.13
N VAL A 70 2.05 -2.58 7.07
CA VAL A 70 1.62 -2.08 5.76
C VAL A 70 0.22 -1.46 5.79
N LYS A 71 -0.75 -2.13 6.42
CA LYS A 71 -2.15 -1.68 6.49
C LYS A 71 -2.30 -0.36 7.22
N THR A 72 -1.58 -0.18 8.32
CA THR A 72 -1.58 1.13 9.01
C THR A 72 -0.91 2.24 8.21
N LEU A 73 0.13 1.94 7.39
CA LEU A 73 0.87 2.93 6.62
C LEU A 73 0.08 3.35 5.37
N LEU A 74 -0.55 2.36 4.71
CA LEU A 74 -1.53 2.59 3.64
C LEU A 74 -2.55 3.59 4.07
N GLY A 75 -3.08 3.36 5.26
CA GLY A 75 -4.08 4.20 5.89
C GLY A 75 -3.65 5.66 5.97
N ARG A 76 -2.34 5.92 6.04
CA ARG A 76 -1.75 7.27 5.99
C ARG A 76 -1.70 7.78 4.56
N LEU A 77 -1.31 6.92 3.60
CA LEU A 77 -1.35 7.30 2.17
C LEU A 77 -2.75 7.73 1.74
N VAL A 78 -3.73 6.87 2.06
CA VAL A 78 -5.13 7.07 1.63
C VAL A 78 -5.72 8.35 2.24
N LYS A 79 -5.33 8.72 3.47
CA LYS A 79 -5.73 9.95 4.18
C LYS A 79 -5.37 11.27 3.51
N LYS A 80 -4.42 11.17 2.58
CA LYS A 80 -3.74 12.30 1.90
C LYS A 80 -3.80 12.22 0.38
N GLU A 81 -4.80 11.50 -0.14
CA GLU A 81 -5.08 11.31 -1.57
C GLU A 81 -3.94 10.66 -2.41
N MET A 82 -2.95 9.97 -1.81
CA MET A 82 -1.90 9.29 -2.59
C MET A 82 -2.44 8.12 -3.44
N LEU A 83 -3.44 7.45 -2.88
CA LEU A 83 -4.31 6.45 -3.51
C LEU A 83 -5.64 6.38 -2.72
N SER A 84 -6.57 5.51 -3.11
CA SER A 84 -7.82 5.25 -2.37
C SER A 84 -8.10 3.76 -2.25
N THR A 85 -9.15 3.40 -1.52
CA THR A 85 -9.49 2.00 -1.28
C THR A 85 -10.99 1.76 -1.14
N GLU A 86 -11.47 0.59 -1.57
CA GLU A 86 -12.87 0.17 -1.41
C GLU A 86 -12.96 -1.30 -0.99
N LYS A 87 -14.13 -1.75 -0.53
CA LYS A 87 -14.34 -3.05 0.10
C LYS A 87 -15.22 -3.95 -0.77
N GLU A 88 -14.80 -5.20 -0.95
CA GLU A 88 -15.61 -6.27 -1.54
C GLU A 88 -15.86 -7.37 -0.48
N GLY A 89 -16.92 -7.15 0.32
CA GLY A 89 -17.44 -8.04 1.38
C GLY A 89 -16.50 -8.31 2.56
N ARG A 90 -15.37 -9.00 2.34
CA ARG A 90 -14.43 -9.46 3.39
C ARG A 90 -13.01 -8.87 3.27
N LYS A 91 -12.55 -8.54 2.07
CA LYS A 91 -11.26 -7.86 1.82
C LYS A 91 -11.42 -6.50 1.14
N PHE A 92 -10.27 -5.83 1.03
CA PHE A 92 -10.13 -4.48 0.50
C PHE A 92 -9.32 -4.51 -0.78
N VAL A 93 -9.64 -3.54 -1.63
CA VAL A 93 -8.87 -3.19 -2.82
C VAL A 93 -8.30 -1.80 -2.59
N TYR A 94 -7.02 -1.62 -2.91
CA TYR A 94 -6.34 -0.36 -2.96
C TYR A 94 -6.26 0.01 -4.44
N ARG A 95 -7.04 1.02 -4.83
CA ARG A 95 -7.33 1.46 -6.21
C ARG A 95 -6.87 2.91 -6.48
N PRO A 96 -6.58 3.28 -7.74
CA PRO A 96 -6.04 4.59 -8.12
C PRO A 96 -7.13 5.64 -8.41
N LEU A 97 -8.24 5.66 -7.65
CA LEU A 97 -9.35 6.61 -7.84
C LEU A 97 -8.88 8.08 -7.77
N MET A 98 -8.81 8.72 -8.93
CA MET A 98 -8.57 10.16 -9.09
C MET A 98 -9.85 10.89 -9.54
N GLU A 99 -9.95 12.17 -9.19
CA GLU A 99 -11.06 13.08 -9.53
C GLU A 99 -10.58 14.54 -9.71
N PHE A 31 21.13 11.16 2.50
CA PHE A 31 20.11 11.07 3.56
C PHE A 31 19.63 12.48 3.92
N ASN A 32 18.34 12.63 4.25
CA ASN A 32 17.76 13.86 4.81
C ASN A 32 16.50 13.51 5.65
N VAL A 33 15.43 13.00 5.02
CA VAL A 33 14.12 12.78 5.68
C VAL A 33 13.47 11.45 5.28
N SER A 34 12.54 10.96 6.12
CA SER A 34 11.83 9.67 5.96
C SER A 34 10.85 9.62 4.77
N ASN A 35 10.62 8.40 4.26
CA ASN A 35 9.86 8.10 3.03
C ASN A 35 9.32 6.65 3.02
N ALA A 36 8.39 6.34 3.93
CA ALA A 36 7.72 5.03 3.99
C ALA A 36 6.80 4.79 2.78
N GLU A 37 6.17 5.86 2.29
CA GLU A 37 5.19 5.90 1.20
C GLU A 37 5.80 5.78 -0.22
N LEU A 38 6.79 4.89 -0.38
CA LEU A 38 7.53 4.68 -1.62
C LEU A 38 7.40 3.22 -2.08
N ILE A 39 7.85 2.25 -1.29
CA ILE A 39 7.79 0.80 -1.58
C ILE A 39 6.37 0.36 -1.98
N VAL A 40 5.39 0.67 -1.14
CA VAL A 40 3.96 0.36 -1.36
C VAL A 40 3.31 1.21 -2.47
N MET A 41 3.99 2.25 -2.97
CA MET A 41 3.54 3.13 -4.06
C MET A 41 4.37 2.98 -5.35
N ARG A 42 5.26 1.96 -5.40
CA ARG A 42 6.11 1.60 -6.54
C ARG A 42 5.69 0.25 -7.11
N VAL A 43 5.47 -0.76 -6.26
CA VAL A 43 5.08 -2.11 -6.74
C VAL A 43 3.64 -2.13 -7.27
N ILE A 44 2.70 -1.44 -6.60
CA ILE A 44 1.27 -1.46 -6.95
C ILE A 44 0.93 -0.59 -8.16
N TRP A 45 1.64 0.52 -8.30
CA TRP A 45 1.63 1.39 -9.47
C TRP A 45 1.95 0.59 -10.75
N SER A 46 2.76 -0.47 -10.62
CA SER A 46 3.28 -1.19 -11.79
C SER A 46 2.20 -2.09 -12.40
N LEU A 47 1.39 -2.67 -11.54
CA LEU A 47 0.29 -3.58 -11.81
C LEU A 47 -1.04 -2.88 -12.23
N GLY A 48 -1.50 -1.92 -11.41
CA GLY A 48 -2.70 -1.12 -11.65
C GLY A 48 -3.56 -0.97 -10.39
N GLU A 49 -4.28 -2.04 -9.98
CA GLU A 49 -5.15 -2.07 -8.80
C GLU A 49 -4.92 -3.36 -7.98
N ALA A 50 -4.92 -3.26 -6.64
CA ALA A 50 -4.50 -4.37 -5.78
C ALA A 50 -5.40 -4.55 -4.56
N ARG A 51 -5.41 -5.75 -3.96
CA ARG A 51 -6.21 -6.09 -2.78
C ARG A 51 -5.35 -6.22 -1.53
N VAL A 52 -5.92 -6.26 -0.32
CA VAL A 52 -5.06 -6.16 0.89
C VAL A 52 -4.04 -7.27 1.15
N ASP A 53 -4.39 -8.49 0.75
CA ASP A 53 -3.50 -9.64 0.72
C ASP A 53 -2.50 -9.57 -0.43
N GLU A 54 -2.82 -8.79 -1.47
CA GLU A 54 -1.93 -8.52 -2.59
C GLU A 54 -0.79 -7.58 -2.17
N ILE A 55 -1.13 -6.41 -1.61
CA ILE A 55 -0.14 -5.35 -1.27
C ILE A 55 0.98 -5.76 -0.32
N TYR A 56 0.66 -6.59 0.67
CA TYR A 56 1.64 -7.19 1.56
C TYR A 56 2.56 -8.20 0.86
N ALA A 57 2.03 -8.90 -0.12
CA ALA A 57 2.74 -9.95 -0.83
C ALA A 57 4.05 -9.46 -1.49
N GLN A 58 4.18 -8.15 -1.74
CA GLN A 58 5.40 -7.60 -2.32
C GLN A 58 6.44 -7.08 -1.29
N ILE A 59 6.16 -7.30 0.00
CA ILE A 59 6.98 -6.88 1.15
C ILE A 59 7.83 -8.06 1.70
N PRO A 60 9.11 -8.22 1.28
CA PRO A 60 9.97 -9.33 1.70
C PRO A 60 10.59 -9.15 3.10
N GLN A 61 11.19 -10.21 3.63
CA GLN A 61 11.80 -10.25 4.99
C GLN A 61 12.91 -9.20 5.22
N GLU A 62 13.70 -8.84 4.20
CA GLU A 62 14.84 -7.89 4.30
C GLU A 62 14.46 -6.47 4.77
N LEU A 63 13.17 -6.13 4.75
CA LEU A 63 12.61 -4.86 5.24
C LEU A 63 12.20 -4.92 6.71
N GLU A 64 11.94 -6.13 7.18
CA GLU A 64 11.50 -6.51 8.54
C GLU A 64 10.09 -6.01 8.91
N TRP A 65 9.36 -5.47 7.92
CA TRP A 65 7.99 -4.98 8.05
C TRP A 65 6.97 -6.13 8.16
N SER A 66 6.61 -6.52 9.39
CA SER A 66 5.51 -7.45 9.64
C SER A 66 4.17 -6.91 9.14
N LEU A 67 3.19 -7.78 8.88
CA LEU A 67 1.89 -7.44 8.31
C LEU A 67 1.17 -6.27 8.99
N ALA A 68 1.34 -6.08 10.30
CA ALA A 68 0.77 -4.93 10.99
C ALA A 68 1.28 -3.59 10.39
N THR A 69 2.55 -3.51 9.99
CA THR A 69 3.14 -2.32 9.35
C THR A 69 2.41 -1.90 8.09
N VAL A 70 2.18 -2.76 7.09
CA VAL A 70 1.50 -2.30 5.87
C VAL A 70 0.08 -1.81 6.11
N LYS A 71 -0.65 -2.52 6.99
CA LYS A 71 -1.98 -2.15 7.52
C LYS A 71 -2.02 -0.72 8.04
N THR A 72 -1.07 -0.34 8.91
CA THR A 72 -1.01 1.05 9.38
C THR A 72 -0.57 2.03 8.28
N LEU A 73 0.41 1.68 7.45
CA LEU A 73 1.02 2.55 6.46
C LEU A 73 0.01 2.96 5.37
N LEU A 74 -0.80 2.02 4.89
CA LEU A 74 -1.90 2.30 3.97
C LEU A 74 -2.78 3.43 4.47
N GLY A 75 -3.21 3.28 5.71
CA GLY A 75 -3.97 4.21 6.53
C GLY A 75 -3.34 5.60 6.59
N ARG A 76 -2.04 5.72 6.33
CA ARG A 76 -1.35 7.00 6.14
C ARG A 76 -1.50 7.51 4.72
N LEU A 77 -1.27 6.66 3.72
CA LEU A 77 -1.39 7.05 2.30
C LEU A 77 -2.78 7.61 1.97
N VAL A 78 -3.78 6.81 2.33
CA VAL A 78 -5.20 7.10 1.98
C VAL A 78 -5.71 8.38 2.68
N LYS A 79 -5.26 8.65 3.92
CA LYS A 79 -5.47 9.84 4.74
C LYS A 79 -4.66 11.10 4.36
N LYS A 80 -3.70 10.94 3.45
CA LYS A 80 -2.90 12.05 2.87
C LYS A 80 -3.13 12.28 1.36
N GLU A 81 -4.17 11.66 0.78
CA GLU A 81 -4.62 11.80 -0.61
C GLU A 81 -3.75 11.06 -1.65
N MET A 82 -2.82 10.19 -1.23
CA MET A 82 -1.87 9.52 -2.13
C MET A 82 -2.52 8.48 -3.06
N LEU A 83 -3.51 7.74 -2.54
CA LEU A 83 -4.35 6.77 -3.27
C LEU A 83 -5.70 6.54 -2.54
N SER A 84 -6.58 5.70 -3.10
CA SER A 84 -7.87 5.32 -2.49
C SER A 84 -8.03 3.82 -2.31
N THR A 85 -9.11 3.45 -1.63
CA THR A 85 -9.43 2.05 -1.35
C THR A 85 -10.95 1.82 -1.21
N GLU A 86 -11.45 0.67 -1.71
CA GLU A 86 -12.90 0.35 -1.70
C GLU A 86 -13.16 -1.11 -1.33
N LYS A 87 -14.25 -1.37 -0.61
CA LYS A 87 -14.63 -2.70 -0.14
C LYS A 87 -15.17 -3.62 -1.25
N GLU A 88 -14.60 -4.82 -1.33
CA GLU A 88 -15.08 -5.94 -2.14
C GLU A 88 -15.46 -7.13 -1.24
N GLY A 89 -16.65 -7.03 -0.64
CA GLY A 89 -17.25 -8.02 0.28
C GLY A 89 -16.57 -8.10 1.64
N ARG A 90 -15.32 -8.57 1.68
CA ARG A 90 -14.50 -8.79 2.89
C ARG A 90 -13.11 -8.15 2.75
N LYS A 91 -12.49 -8.30 1.57
CA LYS A 91 -11.23 -7.62 1.24
C LYS A 91 -11.50 -6.16 0.81
N PHE A 92 -10.42 -5.42 0.64
CA PHE A 92 -10.41 -4.05 0.12
C PHE A 92 -9.53 -4.00 -1.13
N VAL A 93 -9.86 -3.11 -2.06
CA VAL A 93 -9.11 -2.83 -3.29
C VAL A 93 -8.45 -1.48 -3.16
N TYR A 94 -7.16 -1.49 -2.83
CA TYR A 94 -6.31 -0.32 -2.82
C TYR A 94 -5.88 0.00 -4.26
N ARG A 95 -6.33 1.16 -4.75
CA ARG A 95 -6.10 1.62 -6.13
C ARG A 95 -5.92 3.16 -6.27
N PRO A 96 -5.34 3.65 -7.39
CA PRO A 96 -5.20 5.09 -7.64
C PRO A 96 -6.54 5.82 -7.83
N LEU A 97 -6.43 7.14 -7.95
CA LEU A 97 -7.52 8.08 -8.29
C LEU A 97 -7.67 8.20 -9.84
N MET A 98 -8.60 9.04 -10.32
CA MET A 98 -8.99 9.09 -11.75
C MET A 98 -9.15 10.50 -12.37
N GLU A 99 -9.22 11.57 -11.57
CA GLU A 99 -9.27 12.98 -12.01
C GLU A 99 -8.42 13.86 -11.08
N PHE A 31 23.78 14.37 3.39
CA PHE A 31 22.87 13.23 3.08
C PHE A 31 21.86 13.04 4.21
N ASN A 32 20.65 12.52 3.94
CA ASN A 32 19.59 12.33 4.94
C ASN A 32 18.78 11.03 4.71
N VAL A 33 18.10 10.56 5.76
CA VAL A 33 17.09 9.50 5.75
C VAL A 33 15.86 9.94 6.54
N SER A 34 14.67 9.66 6.02
CA SER A 34 13.34 10.04 6.55
C SER A 34 12.26 9.35 5.68
N ASN A 35 10.97 9.60 5.95
CA ASN A 35 9.79 9.16 5.18
C ASN A 35 9.50 7.63 5.21
N ALA A 36 8.21 7.27 5.32
CA ALA A 36 7.73 5.88 5.14
C ALA A 36 7.55 5.49 3.66
N GLU A 37 7.17 6.45 2.82
CA GLU A 37 6.78 6.23 1.43
C GLU A 37 8.00 5.95 0.52
N LEU A 38 8.34 4.66 0.39
CA LEU A 38 9.40 4.14 -0.49
C LEU A 38 8.86 3.00 -1.37
N ILE A 39 9.18 1.73 -1.10
CA ILE A 39 8.74 0.55 -1.89
C ILE A 39 7.24 0.53 -2.23
N VAL A 40 6.37 0.95 -1.30
CA VAL A 40 4.92 1.01 -1.53
C VAL A 40 4.52 1.84 -2.77
N MET A 41 5.30 2.88 -3.13
CA MET A 41 5.06 3.74 -4.29
C MET A 41 5.23 3.02 -5.65
N ARG A 42 5.87 1.84 -5.66
CA ARG A 42 6.23 1.08 -6.88
C ARG A 42 5.43 -0.22 -7.04
N VAL A 43 5.27 -1.04 -5.97
CA VAL A 43 4.48 -2.30 -6.06
C VAL A 43 3.09 -2.05 -6.65
N ILE A 44 2.29 -1.19 -5.99
CA ILE A 44 0.88 -1.00 -6.29
C ILE A 44 0.69 -0.28 -7.63
N TRP A 45 1.56 0.68 -7.90
CA TRP A 45 1.57 1.48 -9.13
C TRP A 45 1.75 0.61 -10.38
N SER A 46 2.57 -0.43 -10.22
CA SER A 46 2.95 -1.35 -11.30
C SER A 46 1.86 -2.41 -11.57
N LEU A 47 1.21 -2.85 -10.51
CA LEU A 47 0.00 -3.65 -10.51
C LEU A 47 -1.19 -2.91 -11.16
N GLY A 48 -1.51 -1.77 -10.59
CA GLY A 48 -2.57 -0.83 -10.97
C GLY A 48 -3.72 -0.84 -9.98
N GLU A 49 -3.99 -2.02 -9.43
CA GLU A 49 -4.93 -2.34 -8.37
C GLU A 49 -4.35 -3.50 -7.57
N ALA A 50 -4.40 -3.41 -6.24
CA ALA A 50 -4.04 -4.52 -5.36
C ALA A 50 -5.06 -4.67 -4.23
N ARG A 51 -5.05 -5.81 -3.52
CA ARG A 51 -5.88 -6.04 -2.33
C ARG A 51 -4.99 -5.92 -1.07
N VAL A 52 -5.53 -5.74 0.14
CA VAL A 52 -4.69 -5.52 1.36
C VAL A 52 -3.78 -6.70 1.75
N ASP A 53 -4.29 -7.89 1.55
CA ASP A 53 -3.60 -9.17 1.68
C ASP A 53 -2.62 -9.37 0.50
N GLU A 54 -2.88 -8.74 -0.66
CA GLU A 54 -2.04 -8.79 -1.86
C GLU A 54 -0.81 -7.87 -1.78
N ILE A 55 -1.00 -6.63 -1.35
CA ILE A 55 0.09 -5.67 -1.16
C ILE A 55 1.10 -6.23 -0.17
N TYR A 56 0.66 -6.81 0.95
CA TYR A 56 1.50 -7.55 1.86
C TYR A 56 2.11 -8.82 1.25
N ALA A 57 1.39 -9.48 0.34
CA ALA A 57 1.94 -10.62 -0.40
C ALA A 57 3.15 -10.22 -1.26
N GLN A 58 3.22 -8.95 -1.66
CA GLN A 58 4.34 -8.37 -2.37
C GLN A 58 5.52 -7.96 -1.44
N ILE A 59 5.36 -8.08 -0.12
CA ILE A 59 6.32 -7.70 0.92
C ILE A 59 6.85 -8.97 1.61
N PRO A 60 7.91 -9.60 1.08
CA PRO A 60 8.47 -10.83 1.66
C PRO A 60 9.59 -10.57 2.69
N GLN A 61 10.47 -9.60 2.39
CA GLN A 61 11.71 -9.35 3.11
C GLN A 61 12.34 -7.96 2.93
N GLU A 62 12.02 -7.19 1.89
CA GLU A 62 12.81 -5.96 1.56
C GLU A 62 12.76 -4.90 2.68
N LEU A 63 11.63 -4.84 3.40
CA LEU A 63 11.32 -3.92 4.51
C LEU A 63 11.50 -4.51 5.91
N GLU A 64 11.40 -5.84 5.95
CA GLU A 64 11.50 -6.70 7.16
C GLU A 64 10.37 -6.41 8.19
N TRP A 65 9.29 -5.74 7.76
CA TRP A 65 8.14 -5.34 8.59
C TRP A 65 7.07 -6.42 8.78
N SER A 66 6.41 -6.35 9.94
CA SER A 66 5.17 -7.07 10.29
C SER A 66 3.95 -6.55 9.50
N LEU A 67 2.95 -7.44 9.27
CA LEU A 67 1.69 -7.15 8.59
C LEU A 67 0.90 -5.95 9.15
N ALA A 68 0.91 -5.76 10.48
CA ALA A 68 0.30 -4.59 11.10
C ALA A 68 0.83 -3.26 10.51
N THR A 69 2.11 -3.22 10.13
CA THR A 69 2.78 -2.03 9.58
C THR A 69 2.23 -1.61 8.22
N VAL A 70 2.24 -2.48 7.19
CA VAL A 70 1.76 -2.04 5.87
C VAL A 70 0.32 -1.49 5.91
N LYS A 71 -0.57 -2.17 6.63
CA LYS A 71 -1.98 -1.79 6.77
C LYS A 71 -2.13 -0.40 7.40
N THR A 72 -1.38 -0.12 8.45
CA THR A 72 -1.33 1.25 9.01
C THR A 72 -0.71 2.28 8.06
N LEU A 73 0.38 1.95 7.33
CA LEU A 73 1.10 2.88 6.47
C LEU A 73 0.24 3.27 5.25
N LEU A 74 -0.49 2.29 4.69
CA LEU A 74 -1.55 2.54 3.72
C LEU A 74 -2.52 3.58 4.22
N GLY A 75 -2.97 3.35 5.44
CA GLY A 75 -3.84 4.23 6.20
C GLY A 75 -3.32 5.67 6.30
N ARG A 76 -1.99 5.86 6.17
CA ARG A 76 -1.34 7.18 6.08
C ARG A 76 -1.46 7.72 4.66
N LEU A 77 -1.19 6.90 3.63
CA LEU A 77 -1.36 7.29 2.22
C LEU A 77 -2.79 7.77 1.94
N VAL A 78 -3.75 6.96 2.39
CA VAL A 78 -5.17 7.23 2.14
C VAL A 78 -5.67 8.46 2.91
N LYS A 79 -5.18 8.70 4.13
CA LYS A 79 -5.45 9.97 4.84
C LYS A 79 -4.80 11.22 4.22
N LYS A 80 -3.84 11.00 3.34
CA LYS A 80 -3.07 12.02 2.60
C LYS A 80 -3.29 11.97 1.08
N GLU A 81 -4.47 11.53 0.64
CA GLU A 81 -4.97 11.63 -0.74
C GLU A 81 -4.04 11.07 -1.86
N MET A 82 -3.12 10.15 -1.56
CA MET A 82 -2.14 9.63 -2.51
C MET A 82 -2.68 8.36 -3.18
N LEU A 83 -3.32 7.50 -2.38
CA LEU A 83 -3.94 6.21 -2.72
C LEU A 83 -5.27 6.09 -2.00
N SER A 84 -6.26 5.43 -2.60
CA SER A 84 -7.53 5.15 -1.92
C SER A 84 -7.92 3.69 -2.03
N THR A 85 -8.99 3.30 -1.33
CA THR A 85 -9.42 1.90 -1.32
C THR A 85 -10.93 1.70 -1.26
N GLU A 86 -11.45 0.69 -1.95
CA GLU A 86 -12.88 0.31 -1.97
C GLU A 86 -13.09 -1.18 -1.66
N LYS A 87 -14.27 -1.55 -1.15
CA LYS A 87 -14.57 -2.90 -0.66
C LYS A 87 -14.97 -3.88 -1.76
N GLU A 88 -14.44 -5.10 -1.71
CA GLU A 88 -14.83 -6.23 -2.59
C GLU A 88 -14.99 -7.56 -1.81
N GLY A 89 -16.24 -8.02 -1.66
CA GLY A 89 -16.67 -9.32 -1.11
C GLY A 89 -16.27 -9.65 0.34
N ARG A 90 -14.97 -9.76 0.62
CA ARG A 90 -14.37 -10.04 1.94
C ARG A 90 -13.03 -9.32 2.19
N LYS A 91 -12.62 -8.45 1.25
CA LYS A 91 -11.35 -7.78 1.12
C LYS A 91 -11.55 -6.29 0.77
N PHE A 92 -10.45 -5.55 0.73
CA PHE A 92 -10.38 -4.17 0.23
C PHE A 92 -9.39 -4.09 -0.91
N VAL A 93 -9.69 -3.21 -1.86
CA VAL A 93 -8.93 -2.99 -3.09
C VAL A 93 -8.35 -1.60 -3.04
N TYR A 94 -7.03 -1.52 -3.00
CA TYR A 94 -6.25 -0.30 -3.00
C TYR A 94 -5.88 0.04 -4.45
N ARG A 95 -6.37 1.21 -4.89
CA ARG A 95 -6.25 1.76 -6.27
C ARG A 95 -6.00 3.30 -6.28
N PRO A 96 -5.44 3.87 -7.38
CA PRO A 96 -5.03 5.29 -7.49
C PRO A 96 -6.21 6.25 -7.73
N LEU A 97 -7.17 6.19 -6.81
CA LEU A 97 -8.38 7.02 -6.69
C LEU A 97 -8.11 8.38 -5.98
N MET A 98 -9.20 8.98 -5.51
CA MET A 98 -9.32 10.10 -4.58
C MET A 98 -10.54 9.79 -3.68
N GLU A 99 -10.51 10.28 -2.44
CA GLU A 99 -11.46 9.96 -1.34
C GLU A 99 -11.52 8.46 -0.98
N PHE A 31 25.03 13.68 0.16
CA PHE A 31 23.57 13.60 0.34
C PHE A 31 23.20 12.45 1.27
N ASN A 32 22.02 12.55 1.90
CA ASN A 32 21.34 11.48 2.64
C ASN A 32 19.84 11.74 2.50
N VAL A 33 19.08 10.75 2.02
CA VAL A 33 17.62 10.79 1.83
C VAL A 33 17.02 9.38 1.92
N SER A 34 15.99 9.21 2.75
CA SER A 34 15.35 7.93 3.13
C SER A 34 13.92 8.19 3.61
N ASN A 35 12.95 7.32 3.29
CA ASN A 35 11.57 7.40 3.81
C ASN A 35 10.73 6.12 3.59
N ALA A 36 9.58 6.03 4.28
CA ALA A 36 8.69 4.85 4.25
C ALA A 36 7.93 4.64 2.93
N GLU A 37 7.44 5.73 2.33
CA GLU A 37 6.50 5.70 1.21
C GLU A 37 7.05 5.12 -0.12
N LEU A 38 8.38 5.02 -0.24
CA LEU A 38 9.07 4.70 -1.49
C LEU A 38 8.57 3.41 -2.18
N ILE A 39 8.72 2.26 -1.51
CA ILE A 39 8.36 0.95 -2.08
C ILE A 39 6.84 0.81 -2.21
N VAL A 40 6.07 1.18 -1.17
CA VAL A 40 4.59 1.08 -1.21
C VAL A 40 3.98 1.91 -2.35
N MET A 41 4.55 3.08 -2.67
CA MET A 41 4.10 3.87 -3.81
C MET A 41 4.56 3.26 -5.15
N ARG A 42 5.80 2.77 -5.23
CA ARG A 42 6.37 2.19 -6.45
C ARG A 42 5.64 0.92 -6.90
N VAL A 43 5.34 -0.01 -6.01
CA VAL A 43 4.84 -1.34 -6.43
C VAL A 43 3.37 -1.33 -6.78
N ILE A 44 2.49 -0.71 -6.00
CA ILE A 44 1.02 -0.97 -6.15
C ILE A 44 0.52 -0.35 -7.48
N TRP A 45 1.04 0.85 -7.79
CA TRP A 45 0.73 1.61 -9.02
C TRP A 45 0.82 0.78 -10.31
N SER A 46 1.69 -0.22 -10.31
CA SER A 46 2.07 -0.97 -11.51
C SER A 46 0.97 -1.94 -11.98
N LEU A 47 0.32 -2.59 -11.01
CA LEU A 47 -0.61 -3.69 -11.18
C LEU A 47 -1.96 -3.27 -11.76
N GLY A 48 -2.51 -2.16 -11.24
CA GLY A 48 -3.77 -1.53 -11.65
C GLY A 48 -4.68 -1.30 -10.44
N GLU A 49 -5.18 -2.41 -9.88
CA GLU A 49 -5.85 -2.47 -8.58
C GLU A 49 -5.43 -3.75 -7.86
N ALA A 50 -5.23 -3.69 -6.54
CA ALA A 50 -4.61 -4.76 -5.78
C ALA A 50 -5.39 -5.06 -4.49
N ARG A 51 -5.44 -6.34 -4.08
CA ARG A 51 -6.00 -6.72 -2.77
C ARG A 51 -4.98 -6.38 -1.66
N VAL A 52 -5.42 -6.28 -0.41
CA VAL A 52 -4.52 -6.05 0.75
C VAL A 52 -3.40 -7.09 0.94
N ASP A 53 -3.72 -8.36 0.72
CA ASP A 53 -2.74 -9.43 0.77
C ASP A 53 -1.80 -9.41 -0.45
N GLU A 54 -2.19 -8.73 -1.54
CA GLU A 54 -1.31 -8.46 -2.68
C GLU A 54 -0.28 -7.36 -2.40
N ILE A 55 -0.75 -6.19 -1.92
CA ILE A 55 0.15 -5.06 -1.58
C ILE A 55 1.16 -5.42 -0.50
N TYR A 56 0.74 -6.19 0.52
CA TYR A 56 1.62 -6.78 1.50
C TYR A 56 2.66 -7.72 0.88
N ALA A 57 2.29 -8.48 -0.15
CA ALA A 57 3.20 -9.40 -0.82
C ALA A 57 4.42 -8.68 -1.46
N GLN A 58 4.36 -7.35 -1.62
CA GLN A 58 5.48 -6.61 -2.18
C GLN A 58 6.45 -6.09 -1.10
N ILE A 59 6.29 -6.51 0.15
CA ILE A 59 7.03 -6.05 1.32
C ILE A 59 7.98 -7.17 1.78
N PRO A 60 9.24 -7.20 1.31
CA PRO A 60 10.15 -8.33 1.51
C PRO A 60 10.63 -8.47 2.96
N GLN A 61 11.13 -9.68 3.27
CA GLN A 61 11.85 -10.02 4.51
C GLN A 61 13.03 -9.08 4.83
N GLU A 62 13.50 -8.30 3.86
CA GLU A 62 14.51 -7.24 3.99
C GLU A 62 14.14 -6.16 5.03
N LEU A 63 12.84 -5.94 5.23
CA LEU A 63 12.25 -4.95 6.17
C LEU A 63 11.91 -5.53 7.55
N GLU A 64 11.68 -6.84 7.54
CA GLU A 64 11.27 -7.70 8.67
C GLU A 64 9.88 -7.34 9.24
N TRP A 65 8.90 -7.07 8.36
CA TRP A 65 7.59 -6.49 8.76
C TRP A 65 6.43 -7.49 8.83
N SER A 66 5.73 -7.45 9.97
CA SER A 66 4.42 -8.10 10.17
C SER A 66 3.33 -7.49 9.28
N LEU A 67 2.32 -8.29 8.91
CA LEU A 67 1.16 -7.87 8.11
C LEU A 67 0.41 -6.64 8.67
N ALA A 68 0.49 -6.39 9.97
CA ALA A 68 -0.08 -5.19 10.57
C ALA A 68 0.57 -3.89 10.02
N THR A 69 1.90 -3.83 9.93
CA THR A 69 2.60 -2.54 9.67
C THR A 69 2.26 -1.89 8.33
N VAL A 70 2.06 -2.67 7.27
CA VAL A 70 1.64 -2.11 6.00
C VAL A 70 0.28 -1.42 6.09
N LYS A 71 -0.69 -2.00 6.79
CA LYS A 71 -2.09 -1.51 6.77
C LYS A 71 -2.20 -0.13 7.44
N THR A 72 -1.42 0.05 8.50
CA THR A 72 -1.21 1.37 9.15
C THR A 72 -0.61 2.40 8.19
N LEU A 73 0.45 2.04 7.48
CA LEU A 73 1.27 2.93 6.66
C LEU A 73 0.48 3.37 5.42
N LEU A 74 -0.17 2.36 4.81
CA LEU A 74 -1.15 2.53 3.75
C LEU A 74 -2.20 3.54 4.15
N GLY A 75 -2.76 3.31 5.31
CA GLY A 75 -3.77 4.17 5.95
C GLY A 75 -3.30 5.62 6.05
N ARG A 76 -2.00 5.88 6.15
CA ARG A 76 -1.46 7.25 6.12
C ARG A 76 -1.36 7.79 4.70
N LEU A 77 -1.00 6.95 3.72
CA LEU A 77 -1.05 7.36 2.29
C LEU A 77 -2.46 7.74 1.85
N VAL A 78 -3.40 6.87 2.22
CA VAL A 78 -4.81 6.99 1.79
C VAL A 78 -5.47 8.28 2.32
N LYS A 79 -5.00 8.76 3.49
CA LYS A 79 -5.37 10.03 4.15
C LYS A 79 -4.67 11.30 3.65
N LYS A 80 -3.54 11.14 2.96
CA LYS A 80 -2.76 12.27 2.40
C LYS A 80 -3.16 12.66 0.97
N GLU A 81 -3.17 11.70 0.02
CA GLU A 81 -3.67 11.87 -1.37
C GLU A 81 -3.45 10.60 -2.23
N MET A 82 -2.27 9.98 -2.11
CA MET A 82 -1.69 8.96 -2.99
C MET A 82 -2.66 8.08 -3.79
N LEU A 83 -3.44 7.31 -3.03
CA LEU A 83 -4.41 6.34 -3.52
C LEU A 83 -5.57 6.20 -2.54
N SER A 84 -6.55 5.37 -2.86
CA SER A 84 -7.68 5.04 -1.98
C SER A 84 -7.97 3.56 -2.02
N THR A 85 -8.92 3.12 -1.19
CA THR A 85 -9.23 1.69 -1.08
C THR A 85 -10.71 1.49 -0.80
N GLU A 86 -11.32 0.45 -1.37
CA GLU A 86 -12.73 0.11 -1.19
C GLU A 86 -12.89 -1.35 -0.76
N LYS A 87 -13.97 -1.65 -0.02
CA LYS A 87 -14.39 -3.01 0.28
C LYS A 87 -15.02 -3.65 -0.96
N GLU A 88 -14.64 -4.87 -1.30
CA GLU A 88 -15.36 -5.68 -2.33
C GLU A 88 -15.85 -6.99 -1.68
N GLY A 89 -17.04 -6.92 -1.09
CA GLY A 89 -17.72 -7.97 -0.34
C GLY A 89 -17.09 -8.27 1.01
N ARG A 90 -15.90 -8.88 1.00
CA ARG A 90 -15.21 -9.37 2.22
C ARG A 90 -13.76 -8.89 2.38
N LYS A 91 -12.96 -8.87 1.31
CA LYS A 91 -11.61 -8.33 1.26
C LYS A 91 -11.59 -6.85 0.82
N PHE A 92 -10.43 -6.20 0.81
CA PHE A 92 -10.26 -4.81 0.35
C PHE A 92 -9.45 -4.72 -0.95
N VAL A 93 -9.70 -3.66 -1.72
CA VAL A 93 -9.05 -3.30 -2.98
C VAL A 93 -8.46 -1.90 -2.89
N TYR A 94 -7.13 -1.85 -2.82
CA TYR A 94 -6.32 -0.64 -2.93
C TYR A 94 -6.06 -0.31 -4.41
N ARG A 95 -6.48 0.90 -4.82
CA ARG A 95 -6.44 1.41 -6.20
C ARG A 95 -6.34 2.95 -6.29
N PRO A 96 -5.94 3.53 -7.44
CA PRO A 96 -6.04 4.97 -7.64
C PRO A 96 -7.50 5.45 -7.71
N LEU A 97 -7.70 6.76 -7.61
CA LEU A 97 -8.98 7.39 -7.94
C LEU A 97 -9.26 7.29 -9.45
N MET A 98 -10.53 7.25 -9.80
CA MET A 98 -11.05 7.32 -11.17
C MET A 98 -12.39 8.07 -11.18
N GLU A 99 -13.21 7.77 -10.16
CA GLU A 99 -14.45 8.41 -9.73
C GLU A 99 -14.63 8.23 -8.19
N PHE A 31 19.54 18.14 2.53
CA PHE A 31 18.16 18.21 2.02
C PHE A 31 17.63 16.79 1.88
N ASN A 32 16.36 16.55 2.21
CA ASN A 32 15.71 15.23 2.15
C ASN A 32 14.19 15.36 1.92
N VAL A 33 13.45 14.25 1.89
CA VAL A 33 11.97 14.22 1.73
C VAL A 33 11.34 13.20 2.69
N SER A 34 10.00 13.25 2.87
CA SER A 34 9.30 12.48 3.90
C SER A 34 8.21 11.58 3.29
N ASN A 35 8.44 10.25 3.34
CA ASN A 35 7.50 9.22 2.87
C ASN A 35 7.74 7.91 3.66
N ALA A 36 6.96 6.85 3.44
CA ALA A 36 7.20 5.50 3.96
C ALA A 36 8.36 4.74 3.28
N GLU A 37 8.35 4.71 1.94
CA GLU A 37 9.44 4.25 1.05
C GLU A 37 9.04 4.58 -0.39
N LEU A 38 10.02 4.71 -1.30
CA LEU A 38 9.76 4.80 -2.75
C LEU A 38 9.08 3.53 -3.29
N ILE A 39 9.34 2.38 -2.66
CA ILE A 39 8.73 1.06 -2.97
C ILE A 39 7.21 1.20 -3.18
N VAL A 40 6.49 1.65 -2.14
CA VAL A 40 5.01 1.61 -2.08
C VAL A 40 4.32 2.52 -3.11
N MET A 41 5.00 3.58 -3.56
CA MET A 41 4.54 4.50 -4.62
C MET A 41 4.63 3.89 -6.04
N ARG A 42 5.29 2.73 -6.20
CA ARG A 42 5.64 2.14 -7.52
C ARG A 42 5.12 0.73 -7.75
N VAL A 43 5.04 -0.14 -6.72
CA VAL A 43 4.34 -1.45 -6.82
C VAL A 43 2.93 -1.26 -7.37
N ILE A 44 2.15 -0.43 -6.66
CA ILE A 44 0.71 -0.31 -6.85
C ILE A 44 0.37 0.35 -8.19
N TRP A 45 1.25 1.24 -8.67
CA TRP A 45 1.13 1.87 -9.98
C TRP A 45 1.08 0.84 -11.13
N SER A 46 1.73 -0.31 -10.96
CA SER A 46 1.79 -1.35 -12.00
C SER A 46 0.50 -2.18 -12.06
N LEU A 47 0.05 -2.63 -10.90
CA LEU A 47 -1.07 -3.52 -10.64
C LEU A 47 -2.43 -2.84 -10.85
N GLY A 48 -2.52 -1.60 -10.41
CA GLY A 48 -3.68 -0.71 -10.56
C GLY A 48 -4.73 -0.94 -9.47
N GLU A 49 -5.33 -2.12 -9.46
CA GLU A 49 -6.40 -2.50 -8.54
C GLU A 49 -5.95 -3.80 -7.87
N ALA A 50 -5.70 -3.73 -6.57
CA ALA A 50 -5.01 -4.78 -5.83
C ALA A 50 -5.72 -5.15 -4.53
N ARG A 51 -5.66 -6.42 -4.12
CA ARG A 51 -6.11 -6.81 -2.77
C ARG A 51 -5.07 -6.35 -1.73
N VAL A 52 -5.49 -6.19 -0.48
CA VAL A 52 -4.63 -5.97 0.69
C VAL A 52 -3.45 -6.94 0.82
N ASP A 53 -3.75 -8.21 0.63
CA ASP A 53 -2.74 -9.24 0.72
C ASP A 53 -1.79 -9.23 -0.50
N GLU A 54 -2.18 -8.64 -1.62
CA GLU A 54 -1.27 -8.39 -2.77
C GLU A 54 -0.30 -7.23 -2.51
N ILE A 55 -0.83 -6.08 -2.09
CA ILE A 55 -0.01 -4.90 -1.76
C ILE A 55 1.01 -5.22 -0.68
N TYR A 56 0.64 -6.03 0.31
CA TYR A 56 1.58 -6.61 1.25
C TYR A 56 2.61 -7.54 0.61
N ALA A 57 2.20 -8.40 -0.32
CA ALA A 57 3.06 -9.48 -0.82
C ALA A 57 4.35 -8.95 -1.47
N GLN A 58 4.30 -7.70 -1.95
CA GLN A 58 5.44 -7.04 -2.58
C GLN A 58 6.54 -6.62 -1.58
N ILE A 59 6.21 -6.58 -0.29
CA ILE A 59 7.01 -6.06 0.83
C ILE A 59 7.66 -7.16 1.70
N PRO A 60 8.93 -7.56 1.48
CA PRO A 60 9.57 -8.64 2.23
C PRO A 60 9.69 -8.33 3.74
N GLN A 61 8.99 -9.09 4.59
CA GLN A 61 8.96 -8.87 6.04
C GLN A 61 10.33 -9.01 6.75
N GLU A 62 11.32 -9.60 6.08
CA GLU A 62 12.67 -9.81 6.65
C GLU A 62 13.50 -8.52 6.75
N LEU A 63 13.07 -7.40 6.11
CA LEU A 63 13.66 -6.08 6.33
C LEU A 63 13.65 -5.73 7.84
N GLU A 64 12.44 -5.66 8.40
CA GLU A 64 12.12 -5.22 9.77
C GLU A 64 10.61 -5.12 10.08
N TRP A 65 9.71 -5.21 9.10
CA TRP A 65 8.27 -4.94 9.25
C TRP A 65 7.40 -6.21 9.41
N SER A 66 6.08 -6.04 9.52
CA SER A 66 5.08 -7.11 9.59
C SER A 66 3.86 -6.79 8.71
N LEU A 67 2.92 -7.71 8.49
CA LEU A 67 1.66 -7.42 7.82
C LEU A 67 0.95 -6.20 8.43
N ALA A 68 0.87 -6.15 9.77
CA ALA A 68 0.27 -5.03 10.50
C ALA A 68 0.87 -3.67 10.10
N THR A 69 2.17 -3.64 9.78
CA THR A 69 2.87 -2.46 9.28
C THR A 69 2.34 -1.98 7.94
N VAL A 70 2.21 -2.82 6.90
CA VAL A 70 1.63 -2.34 5.65
C VAL A 70 0.16 -1.97 5.81
N LYS A 71 -0.61 -2.75 6.56
CA LYS A 71 -2.03 -2.47 6.86
C LYS A 71 -2.23 -1.07 7.42
N THR A 72 -1.36 -0.67 8.35
CA THR A 72 -1.39 0.67 8.95
C THR A 72 -0.71 1.77 8.09
N LEU A 73 0.38 1.46 7.39
CA LEU A 73 1.11 2.38 6.49
C LEU A 73 0.20 2.83 5.36
N LEU A 74 -0.52 1.89 4.75
CA LEU A 74 -1.50 2.15 3.70
C LEU A 74 -2.49 3.20 4.11
N GLY A 75 -3.13 2.96 5.25
CA GLY A 75 -4.05 3.88 5.91
C GLY A 75 -3.47 5.29 6.12
N ARG A 76 -2.14 5.44 6.22
CA ARG A 76 -1.44 6.74 6.25
C ARG A 76 -1.36 7.35 4.86
N LEU A 77 -1.03 6.56 3.82
CA LEU A 77 -1.04 7.07 2.44
C LEU A 77 -2.42 7.52 1.98
N VAL A 78 -3.41 6.65 2.27
CA VAL A 78 -4.82 6.82 1.91
C VAL A 78 -5.49 7.98 2.66
N LYS A 79 -5.24 8.15 3.96
CA LYS A 79 -5.74 9.32 4.72
C LYS A 79 -5.00 10.62 4.44
N LYS A 80 -3.84 10.54 3.80
CA LYS A 80 -3.16 11.75 3.27
C LYS A 80 -3.64 12.08 1.86
N GLU A 81 -2.90 11.68 0.83
CA GLU A 81 -3.09 12.26 -0.51
C GLU A 81 -2.57 11.37 -1.66
N MET A 82 -2.21 10.10 -1.41
CA MET A 82 -1.49 9.33 -2.48
C MET A 82 -2.41 8.38 -3.27
N LEU A 83 -3.33 7.68 -2.60
CA LEU A 83 -4.28 6.72 -3.21
C LEU A 83 -5.56 6.53 -2.36
N SER A 84 -6.46 5.65 -2.80
CA SER A 84 -7.71 5.28 -2.10
C SER A 84 -7.90 3.76 -2.04
N THR A 85 -8.93 3.34 -1.32
CA THR A 85 -9.28 1.93 -1.09
C THR A 85 -10.77 1.76 -0.78
N GLU A 86 -11.36 0.68 -1.27
CA GLU A 86 -12.78 0.37 -1.09
C GLU A 86 -13.00 -1.11 -0.74
N LYS A 87 -14.21 -1.50 -0.32
CA LYS A 87 -14.52 -2.88 0.13
C LYS A 87 -15.24 -3.68 -0.96
N GLU A 88 -14.80 -4.92 -1.15
CA GLU A 88 -15.49 -5.93 -1.99
C GLU A 88 -15.43 -7.34 -1.36
N GLY A 89 -16.57 -8.03 -1.32
CA GLY A 89 -16.68 -9.37 -0.72
C GLY A 89 -16.09 -9.42 0.70
N ARG A 90 -15.20 -10.38 0.98
CA ARG A 90 -14.51 -10.50 2.29
C ARG A 90 -13.31 -9.53 2.46
N LYS A 91 -12.83 -8.86 1.40
CA LYS A 91 -11.58 -8.06 1.40
C LYS A 91 -11.75 -6.58 1.01
N PHE A 92 -10.62 -5.86 1.07
CA PHE A 92 -10.45 -4.51 0.53
C PHE A 92 -9.78 -4.58 -0.84
N VAL A 93 -9.96 -3.53 -1.63
CA VAL A 93 -9.32 -3.27 -2.92
C VAL A 93 -8.72 -1.87 -2.90
N TYR A 94 -7.47 -1.79 -3.32
CA TYR A 94 -6.65 -0.59 -3.25
C TYR A 94 -6.36 -0.11 -4.68
N ARG A 95 -6.73 1.15 -4.95
CA ARG A 95 -6.61 1.83 -6.26
C ARG A 95 -6.00 3.25 -6.23
N PRO A 96 -5.37 3.72 -7.34
CA PRO A 96 -4.97 5.12 -7.50
C PRO A 96 -6.18 6.05 -7.73
N LEU A 97 -5.98 7.37 -7.62
CA LEU A 97 -7.06 8.37 -7.67
C LEU A 97 -7.50 8.84 -9.08
N MET A 98 -6.68 8.58 -10.11
CA MET A 98 -7.01 8.75 -11.55
C MET A 98 -7.65 10.10 -11.95
N GLU A 99 -6.87 11.17 -11.86
CA GLU A 99 -7.19 12.55 -12.31
C GLU A 99 -6.24 13.02 -13.43
N PHE A 31 25.96 9.72 1.57
CA PHE A 31 25.35 8.79 2.53
C PHE A 31 23.89 8.61 2.12
N ASN A 32 23.46 7.39 1.80
CA ASN A 32 22.07 7.11 1.39
C ASN A 32 21.13 6.93 2.60
N VAL A 33 19.81 6.99 2.35
CA VAL A 33 18.73 6.76 3.34
C VAL A 33 17.55 6.05 2.66
N SER A 34 16.54 5.63 3.43
CA SER A 34 15.25 5.12 2.91
C SER A 34 14.08 5.54 3.81
N ASN A 35 12.85 5.47 3.28
CA ASN A 35 11.59 5.89 3.92
C ASN A 35 10.45 4.97 3.40
N ALA A 36 9.24 5.06 3.96
CA ALA A 36 8.06 4.33 3.47
C ALA A 36 7.62 4.74 2.06
N GLU A 37 7.83 5.99 1.63
CA GLU A 37 7.66 6.36 0.22
C GLU A 37 8.74 5.68 -0.67
N LEU A 38 8.60 5.75 -1.99
CA LEU A 38 9.43 5.02 -2.97
C LEU A 38 9.24 3.48 -2.96
N ILE A 39 9.11 2.85 -1.79
CA ILE A 39 8.84 1.41 -1.61
C ILE A 39 7.44 1.05 -2.14
N VAL A 40 6.37 1.48 -1.44
CA VAL A 40 4.97 1.27 -1.87
C VAL A 40 4.64 1.96 -3.21
N MET A 41 5.40 3.00 -3.53
CA MET A 41 5.23 3.92 -4.67
C MET A 41 5.47 3.28 -6.05
N ARG A 42 5.78 1.98 -6.11
CA ARG A 42 5.90 1.23 -7.39
C ARG A 42 5.03 -0.03 -7.44
N VAL A 43 4.98 -0.82 -6.37
CA VAL A 43 4.23 -2.10 -6.31
C VAL A 43 2.80 -1.96 -6.83
N ILE A 44 2.04 -1.06 -6.21
CA ILE A 44 0.61 -0.90 -6.51
C ILE A 44 0.41 -0.21 -7.85
N TRP A 45 1.18 0.86 -8.04
CA TRP A 45 1.08 1.77 -9.18
C TRP A 45 1.27 1.02 -10.51
N SER A 46 2.10 -0.01 -10.48
CA SER A 46 2.44 -0.81 -11.66
C SER A 46 1.32 -1.79 -12.07
N LEU A 47 0.51 -2.26 -11.11
CA LEU A 47 -0.62 -3.16 -11.24
C LEU A 47 -1.92 -2.53 -11.79
N GLY A 48 -2.41 -1.52 -11.08
CA GLY A 48 -3.66 -0.78 -11.34
C GLY A 48 -4.55 -0.69 -10.10
N GLU A 49 -4.84 -1.85 -9.51
CA GLU A 49 -5.49 -2.03 -8.21
C GLU A 49 -4.84 -3.19 -7.45
N ALA A 50 -4.92 -3.20 -6.11
CA ALA A 50 -4.37 -4.30 -5.32
C ALA A 50 -5.17 -4.58 -4.03
N ARG A 51 -5.31 -5.86 -3.66
CA ARG A 51 -5.88 -6.29 -2.37
C ARG A 51 -4.78 -6.31 -1.30
N VAL A 52 -5.18 -6.21 -0.02
CA VAL A 52 -4.24 -5.99 1.10
C VAL A 52 -3.14 -7.02 1.22
N ASP A 53 -3.50 -8.26 0.98
CA ASP A 53 -2.58 -9.36 1.09
C ASP A 53 -1.62 -9.40 -0.13
N GLU A 54 -1.99 -8.81 -1.27
CA GLU A 54 -1.12 -8.67 -2.46
C GLU A 54 -0.05 -7.60 -2.25
N ILE A 55 -0.45 -6.43 -1.73
CA ILE A 55 0.50 -5.34 -1.45
C ILE A 55 1.56 -5.75 -0.42
N TYR A 56 1.16 -6.54 0.58
CA TYR A 56 2.04 -7.18 1.53
C TYR A 56 2.93 -8.27 0.93
N ALA A 57 2.42 -9.03 -0.04
CA ALA A 57 3.18 -10.11 -0.72
C ALA A 57 4.43 -9.60 -1.46
N GLN A 58 4.47 -8.30 -1.70
CA GLN A 58 5.56 -7.58 -2.32
C GLN A 58 6.64 -7.11 -1.33
N ILE A 59 6.38 -7.19 -0.02
CA ILE A 59 7.20 -6.65 1.08
C ILE A 59 8.00 -7.78 1.78
N PRO A 60 9.33 -7.93 1.54
CA PRO A 60 10.10 -9.09 2.02
C PRO A 60 10.51 -9.05 3.50
N GLN A 61 10.79 -10.22 4.08
CA GLN A 61 11.31 -10.41 5.44
C GLN A 61 12.71 -9.79 5.71
N GLU A 62 13.39 -9.25 4.68
CA GLU A 62 14.59 -8.43 4.80
C GLU A 62 14.32 -7.01 5.38
N LEU A 63 13.04 -6.60 5.38
CA LEU A 63 12.50 -5.39 6.05
C LEU A 63 11.83 -5.65 7.41
N GLU A 64 11.48 -6.90 7.63
CA GLU A 64 10.93 -7.46 8.89
C GLU A 64 9.51 -6.99 9.26
N TRP A 65 8.87 -6.20 8.39
CA TRP A 65 7.58 -5.57 8.66
C TRP A 65 6.44 -6.60 8.83
N SER A 66 5.76 -6.50 9.97
CA SER A 66 4.51 -7.22 10.24
C SER A 66 3.44 -6.82 9.22
N LEU A 67 2.50 -7.73 8.93
CA LEU A 67 1.30 -7.44 8.17
C LEU A 67 0.54 -6.22 8.72
N ALA A 68 0.56 -6.02 10.04
CA ALA A 68 -0.06 -4.86 10.67
C ALA A 68 0.53 -3.53 10.14
N THR A 69 1.84 -3.49 9.87
CA THR A 69 2.55 -2.30 9.38
C THR A 69 2.04 -1.82 8.04
N VAL A 70 1.89 -2.68 7.02
CA VAL A 70 1.47 -2.18 5.71
C VAL A 70 0.04 -1.65 5.74
N LYS A 71 -0.85 -2.35 6.43
CA LYS A 71 -2.26 -1.96 6.59
C LYS A 71 -2.42 -0.60 7.27
N THR A 72 -1.59 -0.33 8.29
CA THR A 72 -1.57 1.01 8.93
C THR A 72 -0.86 2.08 8.08
N LEU A 73 0.22 1.75 7.34
CA LEU A 73 0.97 2.66 6.48
C LEU A 73 0.12 3.14 5.29
N LEU A 74 -0.61 2.20 4.66
CA LEU A 74 -1.63 2.50 3.65
C LEU A 74 -2.60 3.54 4.15
N GLY A 75 -3.16 3.23 5.31
CA GLY A 75 -4.11 4.07 6.03
C GLY A 75 -3.59 5.49 6.20
N ARG A 76 -2.28 5.67 6.33
CA ARG A 76 -1.68 7.02 6.35
C ARG A 76 -1.63 7.61 4.94
N LEU A 77 -1.29 6.85 3.90
CA LEU A 77 -1.32 7.36 2.51
C LEU A 77 -2.72 7.85 2.11
N VAL A 78 -3.71 6.99 2.39
CA VAL A 78 -5.12 7.20 2.01
C VAL A 78 -5.74 8.37 2.80
N LYS A 79 -5.35 8.58 4.08
CA LYS A 79 -5.67 9.78 4.87
C LYS A 79 -4.98 11.06 4.42
N LYS A 80 -3.98 10.96 3.55
CA LYS A 80 -3.38 12.09 2.83
C LYS A 80 -3.98 12.30 1.43
N GLU A 81 -3.43 11.68 0.40
CA GLU A 81 -3.76 12.03 -1.01
C GLU A 81 -3.34 10.98 -2.05
N MET A 82 -2.50 9.98 -1.71
CA MET A 82 -1.87 9.15 -2.75
C MET A 82 -2.82 8.23 -3.53
N LEU A 83 -3.75 7.59 -2.82
CA LEU A 83 -4.77 6.70 -3.42
C LEU A 83 -5.99 6.57 -2.51
N SER A 84 -6.99 5.80 -2.97
CA SER A 84 -8.21 5.47 -2.22
C SER A 84 -8.33 3.95 -2.06
N THR A 85 -9.37 3.54 -1.35
CA THR A 85 -9.63 2.14 -1.07
C THR A 85 -11.11 1.87 -0.88
N GLU A 86 -11.56 0.74 -1.40
CA GLU A 86 -12.97 0.35 -1.41
C GLU A 86 -13.12 -1.14 -1.09
N LYS A 87 -14.21 -1.51 -0.41
CA LYS A 87 -14.39 -2.82 0.16
C LYS A 87 -15.38 -3.70 -0.64
N GLU A 88 -14.81 -4.79 -1.11
CA GLU A 88 -15.49 -5.92 -1.72
C GLU A 88 -15.98 -6.89 -0.61
N GLY A 89 -16.85 -7.84 -0.95
CA GLY A 89 -17.47 -8.78 0.00
C GLY A 89 -16.50 -9.75 0.74
N ARG A 90 -15.21 -9.77 0.38
CA ARG A 90 -14.14 -10.60 0.97
C ARG A 90 -12.99 -9.73 1.46
N LYS A 91 -12.53 -8.69 0.73
CA LYS A 91 -11.47 -7.74 1.14
C LYS A 91 -11.46 -6.32 0.58
N PHE A 92 -10.51 -5.53 1.08
CA PHE A 92 -10.24 -4.17 0.65
C PHE A 92 -9.43 -4.14 -0.63
N VAL A 93 -9.73 -3.20 -1.51
CA VAL A 93 -9.06 -2.96 -2.78
C VAL A 93 -8.53 -1.53 -2.79
N TYR A 94 -7.21 -1.42 -2.73
CA TYR A 94 -6.46 -0.17 -2.73
C TYR A 94 -6.14 0.22 -4.20
N ARG A 95 -6.74 1.32 -4.68
CA ARG A 95 -6.53 1.85 -6.05
C ARG A 95 -6.66 3.38 -6.17
N PRO A 96 -6.07 4.01 -7.21
CA PRO A 96 -6.20 5.44 -7.50
C PRO A 96 -7.56 5.81 -8.18
N LEU A 97 -8.23 6.81 -7.60
CA LEU A 97 -9.39 7.50 -8.17
C LEU A 97 -8.95 8.84 -8.85
N MET A 98 -9.91 9.71 -9.17
CA MET A 98 -9.69 11.06 -9.73
C MET A 98 -10.56 12.15 -9.08
N GLU A 99 -11.43 11.78 -8.14
CA GLU A 99 -12.50 12.60 -7.55
C GLU A 99 -12.75 12.30 -6.07
N PHE A 31 22.12 13.25 8.91
CA PHE A 31 21.16 13.16 7.78
C PHE A 31 21.16 11.74 7.22
N ASN A 32 19.99 11.12 7.06
CA ASN A 32 19.84 9.71 6.68
C ASN A 32 18.75 9.56 5.59
N VAL A 33 18.58 8.36 5.02
CA VAL A 33 17.73 8.07 3.85
C VAL A 33 17.02 6.71 4.03
N SER A 34 15.89 6.71 4.73
CA SER A 34 15.05 5.52 4.96
C SER A 34 13.60 5.89 5.25
N ASN A 35 12.67 5.60 4.33
CA ASN A 35 11.26 5.97 4.45
C ASN A 35 10.33 4.97 3.70
N ALA A 36 9.16 4.69 4.28
CA ALA A 36 8.13 3.81 3.70
C ALA A 36 7.44 4.39 2.45
N GLU A 37 7.50 5.71 2.28
CA GLU A 37 6.90 6.51 1.18
C GLU A 37 7.60 6.30 -0.18
N LEU A 38 7.89 5.03 -0.54
CA LEU A 38 8.73 4.65 -1.67
C LEU A 38 8.25 3.33 -2.32
N ILE A 39 8.39 2.19 -1.62
CA ILE A 39 8.09 0.85 -2.17
C ILE A 39 6.61 0.72 -2.58
N VAL A 40 5.69 1.01 -1.65
CA VAL A 40 4.25 0.96 -1.92
C VAL A 40 3.82 1.93 -3.02
N MET A 41 4.55 3.04 -3.20
CA MET A 41 4.33 4.04 -4.25
C MET A 41 4.70 3.54 -5.66
N ARG A 42 5.39 2.39 -5.80
CA ARG A 42 5.86 1.87 -7.10
C ARG A 42 5.47 0.43 -7.40
N VAL A 43 5.30 -0.45 -6.39
CA VAL A 43 4.71 -1.77 -6.67
C VAL A 43 3.26 -1.67 -7.12
N ILE A 44 2.43 -0.83 -6.48
CA ILE A 44 1.01 -0.76 -6.81
C ILE A 44 0.76 -0.04 -8.14
N TRP A 45 1.59 0.96 -8.45
CA TRP A 45 1.52 1.72 -9.70
C TRP A 45 1.63 0.82 -10.95
N SER A 46 2.33 -0.31 -10.84
CA SER A 46 2.67 -1.17 -12.00
C SER A 46 1.46 -2.02 -12.41
N LEU A 47 0.79 -2.57 -11.40
CA LEU A 47 -0.44 -3.33 -11.43
C LEU A 47 -1.66 -2.47 -11.79
N GLY A 48 -1.79 -1.38 -11.06
CA GLY A 48 -2.83 -0.33 -11.13
C GLY A 48 -3.74 -0.37 -9.90
N GLU A 49 -4.05 -1.58 -9.44
CA GLU A 49 -4.91 -1.90 -8.32
C GLU A 49 -4.31 -3.12 -7.61
N ALA A 50 -4.39 -3.17 -6.28
CA ALA A 50 -3.97 -4.34 -5.51
C ALA A 50 -4.86 -4.57 -4.28
N ARG A 51 -5.05 -5.85 -3.90
CA ARG A 51 -5.76 -6.24 -2.68
C ARG A 51 -4.81 -6.09 -1.49
N VAL A 52 -5.30 -5.98 -0.26
CA VAL A 52 -4.43 -5.89 0.94
C VAL A 52 -3.38 -6.99 1.04
N ASP A 53 -3.81 -8.21 0.76
CA ASP A 53 -2.98 -9.38 0.85
C ASP A 53 -2.03 -9.48 -0.35
N GLU A 54 -2.35 -8.79 -1.45
CA GLU A 54 -1.48 -8.64 -2.64
C GLU A 54 -0.38 -7.60 -2.43
N ILE A 55 -0.74 -6.40 -1.94
CA ILE A 55 0.26 -5.37 -1.59
C ILE A 55 1.28 -5.92 -0.60
N TYR A 56 0.86 -6.67 0.43
CA TYR A 56 1.78 -7.35 1.32
C TYR A 56 2.62 -8.43 0.65
N ALA A 57 2.05 -9.11 -0.35
CA ALA A 57 2.79 -10.10 -1.11
C ALA A 57 4.04 -9.50 -1.81
N GLN A 58 4.07 -8.19 -2.05
CA GLN A 58 5.23 -7.53 -2.62
C GLN A 58 6.26 -7.06 -1.57
N ILE A 59 5.98 -7.29 -0.29
CA ILE A 59 6.74 -6.91 0.91
C ILE A 59 7.34 -8.16 1.61
N PRO A 60 8.56 -8.59 1.25
CA PRO A 60 9.19 -9.80 1.79
C PRO A 60 9.72 -9.61 3.22
N GLN A 61 10.07 -10.72 3.88
CA GLN A 61 10.76 -10.78 5.20
C GLN A 61 12.03 -9.91 5.39
N GLU A 62 12.69 -9.52 4.29
CA GLU A 62 13.75 -8.52 4.27
C GLU A 62 13.44 -7.18 4.99
N LEU A 63 12.14 -6.83 5.07
CA LEU A 63 11.63 -5.57 5.60
C LEU A 63 11.32 -5.66 7.09
N GLU A 64 11.30 -6.88 7.64
CA GLU A 64 10.85 -7.22 9.00
C GLU A 64 9.38 -6.85 9.31
N TRP A 65 8.64 -6.25 8.36
CA TRP A 65 7.32 -5.64 8.59
C TRP A 65 6.20 -6.67 8.81
N SER A 66 5.57 -6.61 9.98
CA SER A 66 4.31 -7.33 10.27
C SER A 66 3.19 -6.82 9.35
N LEU A 67 2.14 -7.63 9.09
CA LEU A 67 0.96 -7.23 8.33
C LEU A 67 0.36 -5.90 8.85
N ALA A 68 0.29 -5.70 10.17
CA ALA A 68 -0.13 -4.43 10.76
C ALA A 68 0.67 -3.20 10.30
N THR A 69 1.93 -3.33 9.83
CA THR A 69 2.69 -2.25 9.21
C THR A 69 2.13 -1.81 7.85
N VAL A 70 1.86 -2.72 6.89
CA VAL A 70 1.36 -2.22 5.60
C VAL A 70 0.02 -1.50 5.76
N LYS A 71 -0.81 -2.04 6.65
CA LYS A 71 -2.12 -1.51 7.07
C LYS A 71 -2.04 -0.05 7.50
N THR A 72 -1.16 0.24 8.46
CA THR A 72 -0.95 1.62 8.92
C THR A 72 -0.36 2.50 7.82
N LEU A 73 0.60 2.00 7.02
CA LEU A 73 1.30 2.74 5.98
C LEU A 73 0.30 3.24 4.92
N LEU A 74 -0.53 2.33 4.40
CA LEU A 74 -1.62 2.65 3.49
C LEU A 74 -2.49 3.76 4.04
N GLY A 75 -2.94 3.55 5.26
CA GLY A 75 -3.80 4.45 6.02
C GLY A 75 -3.24 5.87 6.11
N ARG A 76 -1.90 6.01 6.01
CA ARG A 76 -1.23 7.31 5.91
C ARG A 76 -1.30 7.84 4.48
N LEU A 77 -1.06 7.00 3.46
CA LEU A 77 -1.22 7.43 2.05
C LEU A 77 -2.65 7.91 1.77
N VAL A 78 -3.61 7.08 2.15
CA VAL A 78 -5.03 7.30 1.80
C VAL A 78 -5.66 8.46 2.59
N LYS A 79 -5.31 8.66 3.87
CA LYS A 79 -5.74 9.86 4.64
C LYS A 79 -5.05 11.16 4.26
N LYS A 80 -3.90 11.09 3.58
CA LYS A 80 -3.23 12.24 2.95
C LYS A 80 -3.45 12.29 1.42
N GLU A 81 -4.51 11.64 0.94
CA GLU A 81 -5.04 11.76 -0.43
C GLU A 81 -4.06 11.39 -1.56
N MET A 82 -3.03 10.56 -1.30
CA MET A 82 -2.23 9.99 -2.37
C MET A 82 -3.01 8.86 -3.06
N LEU A 83 -3.59 7.95 -2.26
CA LEU A 83 -4.29 6.75 -2.75
C LEU A 83 -5.75 6.72 -2.31
N SER A 84 -6.50 5.74 -2.81
CA SER A 84 -7.86 5.44 -2.34
C SER A 84 -8.11 3.93 -2.21
N THR A 85 -9.24 3.55 -1.64
CA THR A 85 -9.49 2.16 -1.27
C THR A 85 -10.97 1.84 -1.06
N GLU A 86 -11.38 0.61 -1.43
CA GLU A 86 -12.78 0.15 -1.35
C GLU A 86 -12.88 -1.34 -0.94
N LYS A 87 -14.09 -1.87 -0.69
CA LYS A 87 -14.31 -3.18 -0.04
C LYS A 87 -14.76 -4.29 -1.00
N GLU A 88 -13.98 -5.37 -1.06
CA GLU A 88 -14.20 -6.58 -1.88
C GLU A 88 -14.23 -7.85 -1.01
N GLY A 89 -15.43 -8.44 -0.86
CA GLY A 89 -15.68 -9.60 -0.01
C GLY A 89 -15.07 -9.49 1.39
N ARG A 90 -14.19 -10.43 1.73
CA ARG A 90 -13.48 -10.49 3.02
C ARG A 90 -12.44 -9.40 3.25
N LYS A 91 -12.11 -8.59 2.24
CA LYS A 91 -10.93 -7.69 2.24
C LYS A 91 -11.14 -6.34 1.56
N PHE A 92 -10.04 -5.59 1.46
CA PHE A 92 -9.96 -4.29 0.78
C PHE A 92 -9.21 -4.38 -0.55
N VAL A 93 -9.47 -3.38 -1.40
CA VAL A 93 -8.74 -3.07 -2.63
C VAL A 93 -8.17 -1.66 -2.46
N TYR A 94 -6.98 -1.45 -3.01
CA TYR A 94 -6.23 -0.21 -2.94
C TYR A 94 -5.90 0.22 -4.36
N ARG A 95 -6.46 1.36 -4.76
CA ARG A 95 -6.49 1.86 -6.14
C ARG A 95 -6.38 3.39 -6.25
N PRO A 96 -6.14 3.95 -7.45
CA PRO A 96 -6.29 5.39 -7.71
C PRO A 96 -7.75 5.77 -8.03
N LEU A 97 -8.02 7.07 -7.97
CA LEU A 97 -9.23 7.77 -8.42
C LEU A 97 -8.95 8.64 -9.66
N MET A 98 -9.88 9.51 -10.07
CA MET A 98 -9.72 10.40 -11.25
C MET A 98 -10.43 11.75 -11.08
N GLU A 99 -10.21 12.68 -12.01
CA GLU A 99 -10.77 14.05 -12.06
C GLU A 99 -11.27 14.44 -13.45
N PHE A 31 10.11 17.05 -6.65
CA PHE A 31 8.82 16.40 -6.31
C PHE A 31 9.03 15.51 -5.09
N ASN A 32 8.38 15.80 -3.95
CA ASN A 32 8.64 15.09 -2.68
C ASN A 32 7.37 15.07 -1.81
N VAL A 33 6.81 13.88 -1.51
CA VAL A 33 5.56 13.73 -0.72
C VAL A 33 5.58 12.59 0.31
N SER A 34 6.62 11.76 0.33
CA SER A 34 6.76 10.56 1.17
C SER A 34 7.47 10.86 2.50
N ASN A 35 7.40 9.91 3.44
CA ASN A 35 8.12 9.93 4.71
C ASN A 35 8.81 8.58 4.96
N ALA A 36 8.02 7.49 5.03
CA ALA A 36 8.48 6.13 5.30
C ALA A 36 9.43 5.61 4.19
N GLU A 37 8.90 5.43 2.98
CA GLU A 37 9.62 5.14 1.72
C GLU A 37 8.62 5.31 0.54
N LEU A 38 8.85 4.70 -0.64
CA LEU A 38 7.95 4.80 -1.81
C LEU A 38 7.52 3.46 -2.45
N ILE A 39 8.09 2.33 -2.03
CA ILE A 39 7.83 0.98 -2.62
C ILE A 39 6.32 0.69 -2.70
N VAL A 40 5.59 0.89 -1.60
CA VAL A 40 4.13 0.66 -1.50
C VAL A 40 3.26 1.52 -2.42
N MET A 41 3.78 2.58 -3.05
CA MET A 41 3.07 3.29 -4.13
C MET A 41 3.48 2.71 -5.50
N ARG A 42 4.79 2.59 -5.75
CA ARG A 42 5.33 2.20 -7.05
C ARG A 42 4.93 0.79 -7.50
N VAL A 43 4.75 -0.16 -6.58
CA VAL A 43 4.35 -1.54 -6.98
C VAL A 43 2.88 -1.60 -7.42
N ILE A 44 1.95 -1.11 -6.59
CA ILE A 44 0.51 -1.19 -6.86
C ILE A 44 0.11 -0.48 -8.16
N TRP A 45 0.76 0.65 -8.46
CA TRP A 45 0.53 1.39 -9.71
C TRP A 45 0.50 0.50 -10.96
N SER A 46 1.35 -0.53 -11.00
CA SER A 46 1.54 -1.39 -12.18
C SER A 46 0.33 -2.28 -12.46
N LEU A 47 -0.16 -2.89 -11.39
CA LEU A 47 -1.19 -3.90 -11.32
C LEU A 47 -2.60 -3.35 -11.54
N GLY A 48 -2.82 -2.11 -11.11
CA GLY A 48 -4.06 -1.36 -11.30
C GLY A 48 -4.96 -1.37 -10.07
N GLU A 49 -5.22 -2.54 -9.48
CA GLU A 49 -6.00 -2.68 -8.25
C GLU A 49 -5.60 -3.90 -7.40
N ALA A 50 -5.06 -3.63 -6.20
CA ALA A 50 -4.45 -4.66 -5.36
C ALA A 50 -5.33 -4.98 -4.14
N ARG A 51 -5.43 -6.27 -3.78
CA ARG A 51 -6.16 -6.74 -2.58
C ARG A 51 -5.22 -6.70 -1.36
N VAL A 52 -5.71 -6.84 -0.12
CA VAL A 52 -4.84 -6.65 1.07
C VAL A 52 -3.71 -7.67 1.30
N ASP A 53 -3.94 -8.93 0.95
CA ASP A 53 -2.91 -9.99 0.83
C ASP A 53 -2.06 -9.80 -0.42
N GLU A 54 -2.56 -9.05 -1.41
CA GLU A 54 -1.83 -8.72 -2.62
C GLU A 54 -0.75 -7.67 -2.36
N ILE A 55 -1.12 -6.53 -1.77
CA ILE A 55 -0.17 -5.46 -1.43
C ILE A 55 0.99 -5.95 -0.58
N TYR A 56 0.72 -6.76 0.46
CA TYR A 56 1.74 -7.40 1.29
C TYR A 56 2.70 -8.27 0.49
N ALA A 57 2.18 -8.93 -0.53
CA ALA A 57 2.98 -9.72 -1.46
C ALA A 57 4.13 -8.95 -2.12
N GLN A 58 4.07 -7.60 -2.20
CA GLN A 58 5.17 -6.82 -2.76
C GLN A 58 6.12 -6.23 -1.70
N ILE A 59 5.92 -6.53 -0.41
CA ILE A 59 6.66 -6.03 0.76
C ILE A 59 7.63 -7.13 1.25
N PRO A 60 8.94 -7.07 0.95
CA PRO A 60 9.90 -8.15 1.24
C PRO A 60 10.43 -8.16 2.70
N GLN A 61 11.08 -9.26 3.10
CA GLN A 61 11.78 -9.44 4.39
C GLN A 61 13.01 -8.51 4.58
N GLU A 62 13.26 -7.56 3.66
CA GLU A 62 14.27 -6.50 3.80
C GLU A 62 13.85 -5.36 4.76
N LEU A 63 12.54 -5.22 5.01
CA LEU A 63 11.93 -4.15 5.81
C LEU A 63 11.64 -4.53 7.26
N GLU A 64 11.29 -5.82 7.43
CA GLU A 64 11.11 -6.55 8.70
C GLU A 64 9.75 -6.32 9.39
N TRP A 65 8.74 -5.89 8.61
CA TRP A 65 7.40 -5.55 9.07
C TRP A 65 6.42 -6.73 9.12
N SER A 66 5.30 -6.56 9.84
CA SER A 66 4.19 -7.52 9.93
C SER A 66 2.94 -7.05 9.16
N LEU A 67 1.93 -7.91 8.99
CA LEU A 67 0.64 -7.54 8.37
C LEU A 67 -0.04 -6.37 9.13
N ALA A 68 0.10 -6.31 10.46
CA ALA A 68 -0.34 -5.16 11.24
C ALA A 68 0.27 -3.84 10.73
N THR A 69 1.57 -3.84 10.39
CA THR A 69 2.28 -2.69 9.82
C THR A 69 1.68 -2.21 8.51
N VAL A 70 1.51 -3.05 7.47
CA VAL A 70 0.96 -2.55 6.22
C VAL A 70 -0.41 -1.88 6.37
N LYS A 71 -1.36 -2.44 7.11
CA LYS A 71 -2.64 -1.79 7.46
C LYS A 71 -2.48 -0.36 7.97
N THR A 72 -1.67 -0.16 9.01
CA THR A 72 -1.42 1.20 9.56
C THR A 72 -0.72 2.12 8.56
N LEU A 73 0.20 1.61 7.75
CA LEU A 73 0.97 2.40 6.81
C LEU A 73 0.09 2.85 5.63
N LEU A 74 -0.71 1.94 5.06
CA LEU A 74 -1.71 2.27 4.03
C LEU A 74 -2.58 3.43 4.46
N GLY A 75 -3.05 3.33 5.70
CA GLY A 75 -3.86 4.35 6.34
C GLY A 75 -3.21 5.73 6.26
N ARG A 76 -1.87 5.80 6.37
CA ARG A 76 -1.11 7.06 6.27
C ARG A 76 -0.98 7.51 4.81
N LEU A 77 -0.85 6.56 3.88
CA LEU A 77 -0.88 6.88 2.45
C LEU A 77 -2.21 7.50 2.03
N VAL A 78 -3.27 6.79 2.40
CA VAL A 78 -4.65 7.16 2.02
C VAL A 78 -5.10 8.46 2.71
N LYS A 79 -4.72 8.69 3.99
CA LYS A 79 -4.85 9.96 4.70
C LYS A 79 -4.05 11.15 4.15
N LYS A 80 -3.15 10.88 3.21
CA LYS A 80 -2.20 11.85 2.62
C LYS A 80 -2.08 11.82 1.08
N GLU A 81 -3.18 11.47 0.41
CA GLU A 81 -3.40 11.60 -1.04
C GLU A 81 -2.37 10.84 -1.94
N MET A 82 -1.71 9.81 -1.37
CA MET A 82 -0.79 8.94 -2.11
C MET A 82 -1.53 7.87 -2.93
N LEU A 83 -2.62 7.31 -2.38
CA LEU A 83 -3.59 6.43 -3.10
C LEU A 83 -4.96 6.41 -2.39
N SER A 84 -5.93 5.67 -2.93
CA SER A 84 -7.25 5.46 -2.31
C SER A 84 -7.63 3.98 -2.28
N THR A 85 -8.76 3.68 -1.66
CA THR A 85 -9.23 2.30 -1.47
C THR A 85 -10.76 2.20 -1.48
N GLU A 86 -11.26 1.07 -2.00
CA GLU A 86 -12.66 0.63 -1.93
C GLU A 86 -12.75 -0.81 -1.37
N LYS A 87 -13.96 -1.38 -1.25
CA LYS A 87 -14.25 -2.63 -0.55
C LYS A 87 -14.83 -3.73 -1.44
N GLU A 88 -14.26 -4.93 -1.37
CA GLU A 88 -14.63 -6.12 -2.19
C GLU A 88 -14.20 -7.44 -1.52
N GLY A 89 -14.72 -8.61 -1.92
CA GLY A 89 -14.28 -9.94 -1.45
C GLY A 89 -14.11 -10.11 0.08
N ARG A 90 -14.97 -9.44 0.87
CA ARG A 90 -14.89 -9.26 2.34
C ARG A 90 -13.50 -8.79 2.83
N LYS A 91 -12.89 -7.95 2.01
CA LYS A 91 -11.54 -7.37 2.01
C LYS A 91 -11.59 -5.93 1.46
N PHE A 92 -10.41 -5.33 1.37
CA PHE A 92 -10.19 -4.07 0.66
C PHE A 92 -9.47 -4.28 -0.67
N VAL A 93 -9.68 -3.31 -1.56
CA VAL A 93 -8.94 -3.08 -2.80
C VAL A 93 -8.33 -1.69 -2.71
N TYR A 94 -7.07 -1.59 -3.13
CA TYR A 94 -6.24 -0.41 -3.05
C TYR A 94 -5.87 0.00 -4.50
N ARG A 95 -6.32 1.20 -4.91
CA ARG A 95 -6.18 1.77 -6.28
C ARG A 95 -5.51 3.16 -6.32
N PRO A 96 -4.71 3.44 -7.38
CA PRO A 96 -4.17 4.76 -7.65
C PRO A 96 -5.27 5.73 -8.15
N LEU A 97 -4.94 7.02 -8.05
CA LEU A 97 -5.80 8.16 -8.31
C LEU A 97 -5.12 9.21 -9.21
N MET A 98 -5.81 10.31 -9.53
CA MET A 98 -5.40 11.29 -10.54
C MET A 98 -5.64 12.74 -10.11
N GLU A 99 -4.64 13.57 -10.42
CA GLU A 99 -4.58 15.04 -10.38
C GLU A 99 -3.76 15.54 -11.58
N PHE A 31 20.54 16.13 7.62
CA PHE A 31 19.98 14.78 7.46
C PHE A 31 18.50 14.87 7.09
N ASN A 32 17.77 13.75 7.05
CA ASN A 32 16.34 13.70 6.74
C ASN A 32 15.70 12.57 7.56
N VAL A 33 14.40 12.66 7.87
CA VAL A 33 13.64 11.61 8.59
C VAL A 33 12.15 11.57 8.18
N SER A 34 11.61 12.68 7.69
CA SER A 34 10.26 12.76 7.13
C SER A 34 10.16 12.05 5.77
N ASN A 35 9.57 10.84 5.81
CA ASN A 35 9.11 9.92 4.75
C ASN A 35 9.42 8.46 5.17
N ALA A 36 8.41 7.58 5.23
CA ALA A 36 8.53 6.24 5.80
C ALA A 36 9.31 5.21 4.95
N GLU A 37 9.21 5.33 3.62
CA GLU A 37 9.68 4.37 2.62
C GLU A 37 9.43 4.94 1.21
N LEU A 38 9.77 4.21 0.16
CA LEU A 38 9.49 4.59 -1.24
C LEU A 38 8.87 3.43 -2.05
N ILE A 39 9.22 2.17 -1.76
CA ILE A 39 8.68 1.03 -2.53
C ILE A 39 7.16 0.93 -2.40
N VAL A 40 6.58 1.14 -1.21
CA VAL A 40 5.12 1.16 -0.98
C VAL A 40 4.39 2.23 -1.80
N MET A 41 5.09 3.30 -2.19
CA MET A 41 4.57 4.41 -2.98
C MET A 41 4.84 4.25 -4.49
N ARG A 42 5.37 3.11 -4.96
CA ARG A 42 5.48 2.82 -6.41
C ARG A 42 5.14 1.40 -6.86
N VAL A 43 5.13 0.41 -5.94
CA VAL A 43 4.67 -0.97 -6.20
C VAL A 43 3.23 -1.01 -6.71
N ILE A 44 2.31 -0.53 -5.89
CA ILE A 44 0.86 -0.72 -6.08
C ILE A 44 0.38 -0.08 -7.38
N TRP A 45 0.95 1.08 -7.65
CA TRP A 45 0.68 1.92 -8.82
C TRP A 45 0.80 1.16 -10.15
N SER A 46 1.71 0.17 -10.22
CA SER A 46 2.05 -0.46 -11.51
C SER A 46 0.98 -1.45 -12.00
N LEU A 47 0.30 -2.09 -11.06
CA LEU A 47 -0.75 -3.06 -11.26
C LEU A 47 -2.07 -2.42 -11.67
N GLY A 48 -2.39 -1.31 -11.03
CA GLY A 48 -3.60 -0.50 -11.19
C GLY A 48 -4.44 -0.58 -9.92
N GLU A 49 -4.91 -1.78 -9.60
CA GLU A 49 -5.55 -2.10 -8.33
C GLU A 49 -4.99 -3.39 -7.72
N ALA A 50 -4.82 -3.38 -6.39
CA ALA A 50 -4.32 -4.53 -5.64
C ALA A 50 -5.08 -4.70 -4.32
N ARG A 51 -5.30 -5.95 -3.92
CA ARG A 51 -6.01 -6.27 -2.67
C ARG A 51 -5.09 -6.12 -1.47
N VAL A 52 -5.60 -6.01 -0.23
CA VAL A 52 -4.74 -5.78 0.97
C VAL A 52 -3.60 -6.77 1.17
N ASP A 53 -3.92 -8.03 0.96
CA ASP A 53 -2.99 -9.16 1.13
C ASP A 53 -1.97 -9.18 -0.03
N GLU A 54 -2.37 -8.63 -1.21
CA GLU A 54 -1.61 -8.52 -2.45
C GLU A 54 -0.56 -7.40 -2.39
N ILE A 55 -0.98 -6.22 -1.90
CA ILE A 55 -0.05 -5.09 -1.64
C ILE A 55 1.02 -5.49 -0.63
N TYR A 56 0.65 -6.20 0.44
CA TYR A 56 1.61 -6.80 1.34
C TYR A 56 2.45 -7.92 0.74
N ALA A 57 1.88 -8.70 -0.17
CA ALA A 57 2.60 -9.79 -0.83
C ALA A 57 3.83 -9.34 -1.64
N GLN A 58 3.91 -8.05 -2.00
CA GLN A 58 5.09 -7.55 -2.72
C GLN A 58 6.23 -7.14 -1.77
N ILE A 59 6.02 -7.11 -0.46
CA ILE A 59 6.94 -6.54 0.53
C ILE A 59 7.97 -7.59 1.01
N PRO A 60 9.29 -7.34 0.87
CA PRO A 60 10.33 -8.34 1.13
C PRO A 60 10.68 -8.52 2.61
N GLN A 61 11.04 -9.75 2.94
CA GLN A 61 11.24 -10.26 4.30
C GLN A 61 12.45 -9.66 5.04
N GLU A 62 13.50 -9.21 4.33
CA GLU A 62 14.69 -8.58 4.95
C GLU A 62 14.34 -7.38 5.86
N LEU A 63 13.21 -6.71 5.58
CA LEU A 63 12.66 -5.55 6.30
C LEU A 63 12.02 -5.92 7.64
N GLU A 64 11.59 -7.17 7.76
CA GLU A 64 10.88 -7.76 8.91
C GLU A 64 9.48 -7.15 9.18
N TRP A 65 8.88 -6.49 8.18
CA TRP A 65 7.57 -5.85 8.31
C TRP A 65 6.41 -6.85 8.44
N SER A 66 5.97 -7.10 9.66
CA SER A 66 4.74 -7.85 9.99
C SER A 66 3.48 -7.19 9.43
N LEU A 67 2.47 -7.99 9.03
CA LEU A 67 1.31 -7.56 8.25
C LEU A 67 0.60 -6.27 8.72
N ALA A 68 0.58 -5.97 10.02
CA ALA A 68 0.03 -4.71 10.50
C ALA A 68 0.75 -3.47 9.92
N THR A 69 2.08 -3.51 9.76
CA THR A 69 2.88 -2.31 9.42
C THR A 69 2.49 -1.68 8.07
N VAL A 70 2.39 -2.46 7.01
CA VAL A 70 1.92 -1.95 5.73
C VAL A 70 0.55 -1.29 5.84
N LYS A 71 -0.40 -1.88 6.58
CA LYS A 71 -1.78 -1.40 6.68
C LYS A 71 -1.87 -0.05 7.38
N THR A 72 -1.09 0.13 8.45
CA THR A 72 -0.97 1.46 9.13
C THR A 72 -0.28 2.52 8.25
N LEU A 73 0.67 2.14 7.38
CA LEU A 73 1.39 3.03 6.48
C LEU A 73 0.52 3.40 5.24
N LEU A 74 -0.13 2.40 4.66
CA LEU A 74 -1.18 2.56 3.64
C LEU A 74 -2.22 3.55 4.09
N GLY A 75 -2.64 3.35 5.33
CA GLY A 75 -3.60 4.18 6.07
C GLY A 75 -3.21 5.66 6.07
N ARG A 76 -1.92 5.97 5.92
CA ARG A 76 -1.39 7.32 5.66
C ARG A 76 -1.47 7.69 4.19
N LEU A 77 -0.99 6.82 3.27
CA LEU A 77 -1.05 7.10 1.82
C LEU A 77 -2.45 7.43 1.30
N VAL A 78 -3.39 6.57 1.70
CA VAL A 78 -4.81 6.64 1.26
C VAL A 78 -5.53 7.89 1.78
N LYS A 79 -5.19 8.35 2.98
CA LYS A 79 -5.74 9.58 3.62
C LYS A 79 -5.11 10.84 3.05
N LYS A 80 -3.80 10.74 2.82
CA LYS A 80 -2.98 11.74 2.10
C LYS A 80 -3.52 12.04 0.72
N GLU A 81 -3.07 11.34 -0.32
CA GLU A 81 -3.44 11.64 -1.71
C GLU A 81 -2.93 10.65 -2.78
N MET A 82 -2.53 9.41 -2.42
CA MET A 82 -2.13 8.45 -3.44
C MET A 82 -3.36 7.80 -4.06
N LEU A 83 -3.92 6.82 -3.35
CA LEU A 83 -4.94 5.90 -3.86
C LEU A 83 -6.12 5.88 -2.91
N SER A 84 -7.27 5.48 -3.42
CA SER A 84 -8.42 5.17 -2.56
C SER A 84 -8.54 3.65 -2.35
N THR A 85 -9.46 3.25 -1.49
CA THR A 85 -9.68 1.83 -1.22
C THR A 85 -11.14 1.53 -0.88
N GLU A 86 -11.62 0.37 -1.31
CA GLU A 86 -13.01 -0.08 -1.25
C GLU A 86 -13.09 -1.61 -1.01
N LYS A 87 -14.26 -2.07 -0.56
CA LYS A 87 -14.51 -3.42 -0.05
C LYS A 87 -15.10 -4.34 -1.14
N GLU A 88 -14.60 -5.57 -1.17
CA GLU A 88 -14.96 -6.64 -2.11
C GLU A 88 -15.49 -7.86 -1.33
N GLY A 89 -16.76 -7.82 -0.93
CA GLY A 89 -17.53 -8.91 -0.29
C GLY A 89 -17.12 -9.31 1.14
N ARG A 90 -15.83 -9.18 1.47
CA ARG A 90 -15.19 -9.33 2.79
C ARG A 90 -13.83 -8.64 2.79
N LYS A 91 -13.07 -8.86 1.71
CA LYS A 91 -11.71 -8.39 1.49
C LYS A 91 -11.71 -6.90 1.09
N PHE A 92 -10.55 -6.29 0.97
CA PHE A 92 -10.35 -4.90 0.56
C PHE A 92 -9.43 -4.82 -0.67
N VAL A 93 -9.61 -3.77 -1.45
CA VAL A 93 -8.79 -3.44 -2.63
C VAL A 93 -8.51 -1.95 -2.64
N TYR A 94 -7.33 -1.62 -3.15
CA TYR A 94 -6.65 -0.35 -3.15
C TYR A 94 -6.33 0.05 -4.61
N ARG A 95 -6.99 1.10 -5.09
CA ARG A 95 -6.98 1.59 -6.51
C ARG A 95 -7.02 3.13 -6.66
N PRO A 96 -6.54 3.72 -7.77
CA PRO A 96 -6.61 5.17 -8.02
C PRO A 96 -8.05 5.68 -8.27
N LEU A 97 -8.20 7.00 -8.38
CA LEU A 97 -9.46 7.72 -8.50
C LEU A 97 -9.43 8.85 -9.56
N MET A 98 -8.48 8.77 -10.50
CA MET A 98 -8.23 9.74 -11.59
C MET A 98 -8.15 9.08 -12.97
N GLU A 99 -8.03 7.74 -13.01
CA GLU A 99 -7.92 6.86 -14.19
C GLU A 99 -8.51 5.48 -13.85
N PHE A 31 26.56 8.71 10.08
CA PHE A 31 25.38 9.42 10.63
C PHE A 31 24.20 9.14 9.69
N ASN A 32 23.32 8.20 10.04
CA ASN A 32 22.32 7.62 9.13
C ASN A 32 20.99 7.29 9.84
N VAL A 33 19.92 7.10 9.06
CA VAL A 33 18.55 6.82 9.55
C VAL A 33 17.82 5.89 8.56
N SER A 34 16.73 5.22 8.98
CA SER A 34 15.90 4.37 8.11
C SER A 34 14.63 5.09 7.64
N ASN A 35 13.95 4.54 6.63
CA ASN A 35 12.84 5.18 5.91
C ASN A 35 11.69 4.20 5.62
N ALA A 36 10.50 4.74 5.39
CA ALA A 36 9.31 4.03 4.88
C ALA A 36 9.41 3.67 3.39
N GLU A 37 10.43 4.17 2.67
CA GLU A 37 10.55 4.13 1.21
C GLU A 37 9.25 4.64 0.50
N LEU A 38 9.06 4.31 -0.77
CA LEU A 38 7.79 4.53 -1.51
C LEU A 38 7.28 3.24 -2.18
N ILE A 39 7.81 2.07 -1.80
CA ILE A 39 7.41 0.75 -2.29
C ILE A 39 5.88 0.63 -2.31
N VAL A 40 5.25 0.88 -1.16
CA VAL A 40 3.80 0.77 -0.90
C VAL A 40 2.90 1.73 -1.68
N MET A 41 3.47 2.70 -2.39
CA MET A 41 2.76 3.53 -3.36
C MET A 41 3.10 3.07 -4.78
N ARG A 42 4.38 2.89 -5.08
CA ARG A 42 4.87 2.72 -6.47
C ARG A 42 4.89 1.27 -6.98
N VAL A 43 4.78 0.24 -6.13
CA VAL A 43 4.54 -1.16 -6.58
C VAL A 43 3.12 -1.31 -7.12
N ILE A 44 2.12 -0.97 -6.29
CA ILE A 44 0.70 -1.17 -6.62
C ILE A 44 0.09 -0.18 -7.60
N TRP A 45 0.65 1.02 -7.72
CA TRP A 45 0.32 1.92 -8.82
C TRP A 45 0.36 1.17 -10.15
N SER A 46 1.35 0.29 -10.36
CA SER A 46 1.55 -0.28 -11.71
C SER A 46 0.61 -1.44 -12.01
N LEU A 47 0.17 -2.11 -10.95
CA LEU A 47 -0.74 -3.24 -10.93
C LEU A 47 -2.19 -2.90 -11.31
N GLY A 48 -2.64 -1.77 -10.74
CA GLY A 48 -3.94 -1.13 -10.97
C GLY A 48 -4.86 -1.34 -9.77
N GLU A 49 -5.12 -2.60 -9.43
CA GLU A 49 -6.01 -3.00 -8.33
C GLU A 49 -5.34 -4.13 -7.54
N ALA A 50 -5.07 -3.87 -6.26
CA ALA A 50 -4.42 -4.81 -5.34
C ALA A 50 -5.35 -5.11 -4.17
N ARG A 51 -5.33 -6.36 -3.67
CA ARG A 51 -6.05 -6.77 -2.45
C ARG A 51 -5.14 -6.52 -1.23
N VAL A 52 -5.66 -6.58 0.00
CA VAL A 52 -4.87 -6.26 1.21
C VAL A 52 -3.70 -7.21 1.50
N ASP A 53 -3.91 -8.49 1.26
CA ASP A 53 -2.83 -9.46 1.32
C ASP A 53 -1.81 -9.31 0.16
N GLU A 54 -2.20 -8.65 -0.92
CA GLU A 54 -1.37 -8.34 -2.11
C GLU A 54 -0.39 -7.19 -1.80
N ILE A 55 -0.92 -6.07 -1.29
CA ILE A 55 -0.10 -4.89 -0.95
C ILE A 55 1.00 -5.19 0.07
N TYR A 56 0.70 -6.02 1.06
CA TYR A 56 1.68 -6.61 1.95
C TYR A 56 2.62 -7.59 1.27
N ALA A 57 2.14 -8.38 0.31
CA ALA A 57 2.99 -9.31 -0.46
C ALA A 57 4.22 -8.65 -1.13
N GLN A 58 4.20 -7.33 -1.35
CA GLN A 58 5.33 -6.63 -1.97
C GLN A 58 6.46 -6.27 -0.96
N ILE A 59 6.30 -6.68 0.30
CA ILE A 59 7.18 -6.41 1.44
C ILE A 59 7.98 -7.65 1.90
N PRO A 60 9.26 -7.79 1.49
CA PRO A 60 10.12 -8.93 1.83
C PRO A 60 10.90 -8.81 3.16
N GLN A 61 11.47 -9.94 3.60
CA GLN A 61 12.39 -10.06 4.75
C GLN A 61 13.68 -9.21 4.69
N GLU A 62 13.97 -8.47 3.61
CA GLU A 62 15.04 -7.47 3.64
C GLU A 62 14.64 -6.20 4.45
N LEU A 63 13.33 -6.00 4.66
CA LEU A 63 12.74 -4.89 5.43
C LEU A 63 12.44 -5.24 6.89
N GLU A 64 12.08 -6.50 7.12
CA GLU A 64 11.78 -7.12 8.43
C GLU A 64 10.58 -6.51 9.21
N TRP A 65 9.65 -5.85 8.51
CA TRP A 65 8.39 -5.35 9.04
C TRP A 65 7.34 -6.45 9.30
N SER A 66 6.32 -6.14 10.12
CA SER A 66 5.10 -6.96 10.30
C SER A 66 3.95 -6.50 9.38
N LEU A 67 3.01 -7.40 9.06
CA LEU A 67 1.78 -7.15 8.33
C LEU A 67 1.02 -5.91 8.82
N ALA A 68 0.88 -5.74 10.14
CA ALA A 68 0.22 -4.59 10.73
C ALA A 68 0.80 -3.26 10.21
N THR A 69 2.12 -3.19 10.02
CA THR A 69 2.83 -1.97 9.63
C THR A 69 2.48 -1.48 8.24
N VAL A 70 2.38 -2.35 7.22
CA VAL A 70 1.91 -1.88 5.91
C VAL A 70 0.50 -1.35 6.00
N LYS A 71 -0.40 -2.10 6.64
CA LYS A 71 -1.82 -1.77 6.70
C LYS A 71 -2.05 -0.38 7.26
N THR A 72 -1.29 -0.04 8.32
CA THR A 72 -1.28 1.34 8.84
C THR A 72 -0.59 2.35 7.90
N LEU A 73 0.61 2.09 7.38
CA LEU A 73 1.40 3.06 6.63
C LEU A 73 0.71 3.39 5.30
N LEU A 74 0.38 2.35 4.54
CA LEU A 74 -0.36 2.40 3.31
C LEU A 74 -1.73 3.05 3.54
N GLY A 75 -2.40 2.60 4.61
CA GLY A 75 -3.62 3.20 5.16
C GLY A 75 -3.50 4.71 5.44
N ARG A 76 -2.31 5.22 5.77
CA ARG A 76 -2.04 6.65 5.96
C ARG A 76 -1.82 7.36 4.63
N LEU A 77 -1.28 6.68 3.61
CA LEU A 77 -1.29 7.22 2.24
C LEU A 77 -2.72 7.41 1.76
N VAL A 78 -3.55 6.40 2.02
CA VAL A 78 -4.96 6.40 1.55
C VAL A 78 -5.80 7.48 2.27
N LYS A 79 -5.56 7.71 3.56
CA LYS A 79 -6.15 8.83 4.35
C LYS A 79 -5.62 10.22 4.04
N LYS A 80 -4.49 10.30 3.36
CA LYS A 80 -3.94 11.53 2.79
C LYS A 80 -4.47 11.72 1.36
N GLU A 81 -3.59 11.56 0.36
CA GLU A 81 -3.85 12.00 -1.02
C GLU A 81 -3.14 11.18 -2.12
N MET A 82 -2.58 9.99 -1.86
CA MET A 82 -1.80 9.23 -2.87
C MET A 82 -2.54 8.03 -3.49
N LEU A 83 -3.35 7.35 -2.65
CA LEU A 83 -4.05 6.09 -2.89
C LEU A 83 -5.53 6.24 -2.54
N SER A 84 -6.34 5.29 -2.97
CA SER A 84 -7.70 5.11 -2.42
C SER A 84 -8.13 3.66 -2.52
N THR A 85 -9.18 3.28 -1.78
CA THR A 85 -9.51 1.87 -1.60
C THR A 85 -11.00 1.66 -1.36
N GLU A 86 -11.55 0.63 -2.02
CA GLU A 86 -12.98 0.33 -2.16
C GLU A 86 -13.31 -1.08 -1.67
N LYS A 87 -14.54 -1.35 -1.21
CA LYS A 87 -15.01 -2.69 -0.82
C LYS A 87 -15.37 -3.56 -2.04
N GLU A 88 -14.87 -4.78 -2.08
CA GLU A 88 -15.24 -5.83 -3.03
C GLU A 88 -15.75 -7.09 -2.28
N GLY A 89 -17.06 -7.09 -2.02
CA GLY A 89 -17.76 -8.12 -1.24
C GLY A 89 -17.43 -8.09 0.25
N ARG A 90 -16.22 -8.53 0.62
CA ARG A 90 -15.68 -8.58 1.99
C ARG A 90 -14.20 -8.12 2.07
N LYS A 91 -13.44 -8.36 0.99
CA LYS A 91 -12.09 -7.90 0.76
C LYS A 91 -12.09 -6.40 0.39
N PHE A 92 -10.99 -5.72 0.68
CA PHE A 92 -10.70 -4.38 0.17
C PHE A 92 -9.89 -4.46 -1.11
N VAL A 93 -10.04 -3.47 -1.97
CA VAL A 93 -9.24 -3.25 -3.17
C VAL A 93 -8.64 -1.87 -3.14
N TYR A 94 -7.33 -1.81 -3.37
CA TYR A 94 -6.49 -0.64 -3.25
C TYR A 94 -5.99 -0.24 -4.64
N ARG A 95 -6.33 0.98 -5.07
CA ARG A 95 -5.84 1.63 -6.31
C ARG A 95 -4.96 2.88 -6.08
N PRO A 96 -4.11 3.28 -7.05
CA PRO A 96 -3.43 4.58 -7.03
C PRO A 96 -4.40 5.76 -7.22
N LEU A 97 -3.97 6.96 -6.81
CA LEU A 97 -4.66 8.24 -6.90
C LEU A 97 -3.75 9.43 -7.26
N MET A 98 -2.41 9.30 -7.26
CA MET A 98 -1.46 10.39 -7.56
C MET A 98 -0.13 9.91 -8.21
N GLU A 99 0.62 10.87 -8.76
CA GLU A 99 1.84 10.71 -9.60
C GLU A 99 3.07 11.43 -8.98
N PHE A 31 25.43 10.45 1.97
CA PHE A 31 24.44 10.82 3.01
C PHE A 31 23.35 9.76 3.12
N ASN A 32 22.58 9.71 4.21
CA ASN A 32 21.70 8.56 4.57
C ASN A 32 20.18 8.87 4.59
N VAL A 33 19.71 9.75 3.71
CA VAL A 33 18.25 10.04 3.54
C VAL A 33 17.45 8.76 3.23
N SER A 34 16.29 8.59 3.88
CA SER A 34 15.45 7.37 3.75
C SER A 34 14.00 7.64 4.16
N ASN A 35 13.04 7.29 3.30
CA ASN A 35 11.61 7.59 3.43
C ASN A 35 10.77 6.39 2.97
N ALA A 36 9.79 5.94 3.76
CA ALA A 36 8.88 4.84 3.43
C ALA A 36 8.04 5.08 2.16
N GLU A 37 7.78 6.34 1.83
CA GLU A 37 7.03 6.86 0.66
C GLU A 37 7.65 6.55 -0.73
N LEU A 38 8.20 5.35 -0.94
CA LEU A 38 8.76 4.90 -2.22
C LEU A 38 8.34 3.47 -2.55
N ILE A 39 8.45 2.52 -1.62
CA ILE A 39 8.04 1.12 -1.84
C ILE A 39 6.52 1.07 -2.14
N VAL A 40 5.73 1.57 -1.18
CA VAL A 40 4.26 1.63 -1.23
C VAL A 40 3.72 2.61 -2.29
N MET A 41 4.55 3.55 -2.75
CA MET A 41 4.29 4.41 -3.91
C MET A 41 4.50 3.68 -5.25
N ARG A 42 5.06 2.47 -5.26
CA ARG A 42 5.53 1.78 -6.49
C ARG A 42 4.98 0.37 -6.71
N VAL A 43 4.73 -0.42 -5.65
CA VAL A 43 4.05 -1.73 -5.79
C VAL A 43 2.74 -1.64 -6.59
N ILE A 44 1.81 -0.81 -6.10
CA ILE A 44 0.42 -0.84 -6.58
C ILE A 44 0.25 -0.21 -7.96
N TRP A 45 1.06 0.80 -8.24
CA TRP A 45 1.04 1.58 -9.50
C TRP A 45 1.10 0.66 -10.74
N SER A 46 1.84 -0.43 -10.66
CA SER A 46 2.00 -1.38 -11.78
C SER A 46 0.86 -2.39 -11.93
N LEU A 47 0.34 -2.83 -10.78
CA LEU A 47 -0.71 -3.82 -10.61
C LEU A 47 -2.10 -3.31 -11.03
N GLY A 48 -2.36 -2.06 -10.66
CA GLY A 48 -3.56 -1.30 -10.97
C GLY A 48 -4.48 -1.19 -9.77
N GLU A 49 -4.96 -2.34 -9.28
CA GLU A 49 -5.87 -2.39 -8.13
C GLU A 49 -5.54 -3.62 -7.25
N ALA A 50 -5.07 -3.34 -6.04
CA ALA A 50 -4.45 -4.35 -5.16
C ALA A 50 -5.39 -4.82 -4.04
N ARG A 51 -5.43 -6.13 -3.82
CA ARG A 51 -6.11 -6.76 -2.68
C ARG A 51 -5.23 -6.59 -1.45
N VAL A 52 -5.79 -6.74 -0.24
CA VAL A 52 -5.01 -6.47 0.99
C VAL A 52 -3.86 -7.44 1.28
N ASP A 53 -4.03 -8.67 0.83
CA ASP A 53 -2.97 -9.68 0.83
C ASP A 53 -1.83 -9.26 -0.14
N GLU A 54 -2.16 -8.62 -1.26
CA GLU A 54 -1.24 -8.25 -2.34
C GLU A 54 -0.28 -7.09 -1.97
N ILE A 55 -0.84 -6.03 -1.37
CA ILE A 55 -0.07 -4.85 -0.90
C ILE A 55 1.05 -5.21 0.07
N TYR A 56 0.81 -6.19 0.92
CA TYR A 56 1.80 -6.84 1.76
C TYR A 56 2.70 -7.84 1.01
N ALA A 57 2.15 -8.61 0.08
CA ALA A 57 2.89 -9.72 -0.58
C ALA A 57 4.17 -9.26 -1.29
N GLN A 58 4.23 -7.98 -1.66
CA GLN A 58 5.37 -7.34 -2.31
C GLN A 58 6.54 -7.01 -1.36
N ILE A 59 6.30 -7.11 -0.05
CA ILE A 59 7.19 -6.64 1.03
C ILE A 59 8.02 -7.79 1.68
N PRO A 60 9.33 -7.95 1.36
CA PRO A 60 10.16 -9.10 1.75
C PRO A 60 10.83 -9.00 3.13
N GLN A 61 11.37 -10.14 3.60
CA GLN A 61 12.00 -10.26 4.93
C GLN A 61 13.21 -9.36 5.21
N GLU A 62 13.91 -8.87 4.19
CA GLU A 62 15.10 -7.99 4.32
C GLU A 62 14.81 -6.64 5.04
N LEU A 63 13.55 -6.22 5.08
CA LEU A 63 13.10 -4.93 5.64
C LEU A 63 12.76 -4.98 7.14
N GLU A 64 12.40 -6.19 7.57
CA GLU A 64 11.99 -6.57 8.93
C GLU A 64 10.63 -5.98 9.39
N TRP A 65 9.58 -6.14 8.57
CA TRP A 65 8.19 -5.74 8.89
C TRP A 65 7.26 -6.94 9.12
N SER A 66 6.17 -6.76 9.88
CA SER A 66 5.07 -7.74 10.02
C SER A 66 3.78 -7.18 9.38
N LEU A 67 2.75 -8.01 9.12
CA LEU A 67 1.56 -7.65 8.36
C LEU A 67 0.83 -6.40 8.86
N ALA A 68 0.71 -6.26 10.19
CA ALA A 68 0.12 -5.06 10.79
C ALA A 68 0.81 -3.77 10.31
N THR A 69 2.13 -3.79 10.07
CA THR A 69 2.93 -2.60 9.75
C THR A 69 2.60 -2.00 8.38
N VAL A 70 2.53 -2.80 7.30
CA VAL A 70 2.09 -2.25 6.01
C VAL A 70 0.70 -1.67 6.11
N LYS A 71 -0.25 -2.39 6.71
CA LYS A 71 -1.65 -1.99 6.78
C LYS A 71 -1.84 -0.63 7.46
N THR A 72 -1.15 -0.43 8.58
CA THR A 72 -1.17 0.90 9.24
C THR A 72 -0.55 2.00 8.38
N LEU A 73 0.59 1.74 7.72
CA LEU A 73 1.35 2.74 7.00
C LEU A 73 0.55 3.14 5.73
N LEU A 74 0.19 2.14 4.94
CA LEU A 74 -0.60 2.26 3.75
C LEU A 74 -1.94 2.93 4.04
N GLY A 75 -2.61 2.50 5.11
CA GLY A 75 -3.84 3.12 5.65
C GLY A 75 -3.73 4.62 5.96
N ARG A 76 -2.53 5.13 6.27
CA ARG A 76 -2.23 6.55 6.43
C ARG A 76 -1.98 7.20 5.08
N LEU A 77 -1.39 6.49 4.10
CA LEU A 77 -1.28 7.05 2.73
C LEU A 77 -2.65 7.36 2.14
N VAL A 78 -3.55 6.41 2.34
CA VAL A 78 -4.96 6.52 1.89
C VAL A 78 -5.71 7.69 2.57
N LYS A 79 -5.30 8.06 3.79
CA LYS A 79 -5.77 9.26 4.51
C LYS A 79 -5.11 10.57 4.07
N LYS A 80 -3.92 10.49 3.49
CA LYS A 80 -3.24 11.57 2.75
C LYS A 80 -3.91 11.66 1.36
N GLU A 81 -3.16 11.76 0.27
CA GLU A 81 -3.71 11.95 -1.08
C GLU A 81 -2.95 11.09 -2.13
N MET A 82 -2.31 10.01 -1.65
CA MET A 82 -1.49 9.08 -2.44
C MET A 82 -2.33 8.24 -3.42
N LEU A 83 -3.22 7.45 -2.81
CA LEU A 83 -4.23 6.61 -3.47
C LEU A 83 -5.46 6.40 -2.56
N SER A 84 -6.45 5.68 -3.07
CA SER A 84 -7.74 5.44 -2.41
C SER A 84 -8.07 3.96 -2.41
N THR A 85 -9.15 3.62 -1.73
CA THR A 85 -9.57 2.23 -1.57
C THR A 85 -11.08 2.08 -1.54
N GLU A 86 -11.53 0.93 -2.03
CA GLU A 86 -12.94 0.55 -2.25
C GLU A 86 -13.16 -0.91 -1.77
N LYS A 87 -14.41 -1.39 -1.86
CA LYS A 87 -14.86 -2.61 -1.23
C LYS A 87 -15.39 -3.65 -2.23
N GLU A 88 -14.93 -4.89 -2.03
CA GLU A 88 -15.33 -6.07 -2.80
C GLU A 88 -15.78 -7.23 -1.90
N GLY A 89 -17.08 -7.29 -1.58
CA GLY A 89 -17.81 -8.38 -0.87
C GLY A 89 -17.45 -8.60 0.61
N ARG A 90 -16.15 -8.73 0.90
CA ARG A 90 -15.56 -8.84 2.26
C ARG A 90 -14.17 -8.17 2.34
N LYS A 91 -13.35 -8.19 1.27
CA LYS A 91 -12.01 -7.58 1.24
C LYS A 91 -11.99 -6.18 0.60
N PHE A 92 -10.87 -5.50 0.76
CA PHE A 92 -10.62 -4.17 0.18
C PHE A 92 -9.85 -4.28 -1.13
N VAL A 93 -9.94 -3.21 -1.91
CA VAL A 93 -9.16 -2.95 -3.12
C VAL A 93 -8.56 -1.56 -3.03
N TYR A 94 -7.23 -1.48 -3.07
CA TYR A 94 -6.43 -0.26 -2.97
C TYR A 94 -5.94 0.14 -4.38
N ARG A 95 -6.42 1.27 -4.91
CA ARG A 95 -6.21 1.75 -6.30
C ARG A 95 -6.09 3.29 -6.45
N PRO A 96 -5.48 3.81 -7.53
CA PRO A 96 -5.45 5.25 -7.85
C PRO A 96 -6.77 5.76 -8.47
N LEU A 97 -6.85 7.08 -8.67
CA LEU A 97 -8.04 7.83 -9.12
C LEU A 97 -7.78 8.92 -10.17
N MET A 98 -6.76 8.72 -11.00
CA MET A 98 -6.41 9.58 -12.16
C MET A 98 -7.13 9.06 -13.44
N GLU A 99 -7.37 9.98 -14.40
CA GLU A 99 -8.21 9.80 -15.60
C GLU A 99 -7.57 10.35 -16.87
N PHE A 31 24.34 10.33 0.80
CA PHE A 31 22.96 10.40 1.37
C PHE A 31 22.75 9.47 2.56
N ASN A 32 22.60 8.13 2.40
CA ASN A 32 22.25 7.20 3.51
C ASN A 32 21.00 7.64 4.33
N VAL A 33 19.79 7.44 3.77
CA VAL A 33 18.51 7.78 4.43
C VAL A 33 17.42 6.71 4.21
N SER A 34 16.31 6.80 4.95
CA SER A 34 15.13 5.93 4.85
C SER A 34 13.86 6.78 4.70
N ASN A 35 12.97 6.46 3.75
CA ASN A 35 11.63 7.06 3.57
C ASN A 35 10.64 5.94 3.14
N ALA A 36 9.42 5.92 3.72
CA ALA A 36 8.47 4.80 3.56
C ALA A 36 7.79 4.70 2.19
N GLU A 37 7.33 5.84 1.67
CA GLU A 37 6.46 5.98 0.50
C GLU A 37 7.03 5.43 -0.82
N LEU A 38 8.34 5.26 -0.91
CA LEU A 38 9.06 4.78 -2.12
C LEU A 38 8.53 3.42 -2.59
N ILE A 39 8.69 2.37 -1.76
CA ILE A 39 8.38 1.00 -2.16
C ILE A 39 6.88 0.79 -2.40
N VAL A 40 6.03 1.20 -1.44
CA VAL A 40 4.57 1.00 -1.50
C VAL A 40 3.92 1.67 -2.69
N MET A 41 4.42 2.83 -3.14
CA MET A 41 3.94 3.44 -4.38
C MET A 41 4.32 2.59 -5.60
N ARG A 42 5.61 2.22 -5.74
CA ARG A 42 6.08 1.53 -6.95
C ARG A 42 5.41 0.18 -7.21
N VAL A 43 5.13 -0.64 -6.19
CA VAL A 43 4.35 -1.89 -6.38
C VAL A 43 2.95 -1.60 -6.94
N ILE A 44 2.18 -0.77 -6.25
CA ILE A 44 0.74 -0.69 -6.53
C ILE A 44 0.44 0.05 -7.83
N TRP A 45 1.23 1.07 -8.12
CA TRP A 45 1.10 1.88 -9.34
C TRP A 45 1.06 1.01 -10.62
N SER A 46 1.86 -0.05 -10.66
CA SER A 46 2.02 -0.88 -11.86
C SER A 46 0.88 -1.88 -12.06
N LEU A 47 0.34 -2.34 -10.93
CA LEU A 47 -0.73 -3.30 -10.74
C LEU A 47 -2.12 -2.76 -11.07
N GLY A 48 -2.39 -1.56 -10.59
CA GLY A 48 -3.61 -0.78 -10.87
C GLY A 48 -4.75 -1.04 -9.88
N GLU A 49 -4.87 -2.27 -9.38
CA GLU A 49 -5.71 -2.66 -8.27
C GLU A 49 -5.04 -3.82 -7.54
N ALA A 50 -4.89 -3.71 -6.23
CA ALA A 50 -4.32 -4.76 -5.40
C ALA A 50 -5.06 -4.87 -4.06
N ARG A 51 -5.61 -6.06 -3.78
CA ARG A 51 -6.30 -6.38 -2.52
C ARG A 51 -5.30 -6.33 -1.35
N VAL A 52 -5.76 -6.26 -0.11
CA VAL A 52 -4.91 -5.98 1.06
C VAL A 52 -3.78 -6.96 1.27
N ASP A 53 -4.09 -8.25 1.13
CA ASP A 53 -3.13 -9.31 1.22
C ASP A 53 -2.22 -9.41 -0.03
N GLU A 54 -2.65 -8.85 -1.16
CA GLU A 54 -1.90 -8.67 -2.43
C GLU A 54 -0.84 -7.56 -2.32
N ILE A 55 -1.23 -6.36 -1.87
CA ILE A 55 -0.28 -5.25 -1.58
C ILE A 55 0.77 -5.67 -0.57
N TYR A 56 0.37 -6.39 0.49
CA TYR A 56 1.30 -7.02 1.40
C TYR A 56 2.16 -8.12 0.76
N ALA A 57 1.61 -8.92 -0.14
CA ALA A 57 2.33 -10.04 -0.78
C ALA A 57 3.59 -9.61 -1.53
N GLN A 58 3.66 -8.33 -1.89
CA GLN A 58 4.79 -7.75 -2.59
C GLN A 58 5.94 -7.32 -1.64
N ILE A 59 5.72 -7.32 -0.32
CA ILE A 59 6.61 -6.73 0.69
C ILE A 59 7.47 -7.82 1.38
N PRO A 60 8.80 -7.89 1.12
CA PRO A 60 9.68 -8.91 1.70
C PRO A 60 10.13 -8.61 3.14
N GLN A 61 10.59 -9.66 3.82
CA GLN A 61 11.07 -9.65 5.22
C GLN A 61 12.35 -8.83 5.52
N GLU A 62 13.07 -8.36 4.49
CA GLU A 62 14.36 -7.63 4.57
C GLU A 62 14.35 -6.41 5.52
N LEU A 63 13.20 -5.74 5.58
CA LEU A 63 12.96 -4.43 6.22
C LEU A 63 12.64 -4.55 7.72
N GLU A 64 12.30 -5.77 8.12
CA GLU A 64 11.71 -6.15 9.41
C GLU A 64 10.29 -5.54 9.56
N TRP A 65 9.58 -5.41 8.44
CA TRP A 65 8.16 -5.05 8.41
C TRP A 65 7.28 -6.29 8.42
N SER A 66 5.99 -6.07 8.72
CA SER A 66 4.96 -7.08 8.92
C SER A 66 3.67 -6.71 8.18
N LEU A 67 2.68 -7.61 8.22
CA LEU A 67 1.33 -7.33 7.79
C LEU A 67 0.68 -6.21 8.61
N ALA A 68 0.96 -6.17 9.91
CA ALA A 68 0.56 -5.06 10.78
C ALA A 68 1.16 -3.74 10.28
N THR A 69 2.44 -3.71 9.90
CA THR A 69 3.09 -2.50 9.37
C THR A 69 2.38 -1.99 8.12
N VAL A 70 2.18 -2.83 7.10
CA VAL A 70 1.65 -2.33 5.85
C VAL A 70 0.22 -1.81 5.99
N LYS A 71 -0.64 -2.52 6.73
CA LYS A 71 -2.03 -2.09 6.97
C LYS A 71 -2.12 -0.76 7.68
N THR A 72 -1.27 -0.53 8.68
CA THR A 72 -1.24 0.80 9.33
C THR A 72 -0.70 1.93 8.42
N LEU A 73 0.31 1.62 7.59
CA LEU A 73 1.05 2.60 6.79
C LEU A 73 0.21 3.02 5.57
N LEU A 74 -0.43 2.03 4.93
CA LEU A 74 -1.46 2.24 3.91
C LEU A 74 -2.52 3.19 4.42
N GLY A 75 -3.01 2.86 5.61
CA GLY A 75 -3.98 3.64 6.36
C GLY A 75 -3.59 5.10 6.54
N ARG A 76 -2.28 5.42 6.47
CA ARG A 76 -1.78 6.80 6.40
C ARG A 76 -1.79 7.37 4.98
N LEU A 77 -1.33 6.60 3.97
CA LEU A 77 -1.33 7.09 2.58
C LEU A 77 -2.72 7.52 2.14
N VAL A 78 -3.68 6.63 2.44
CA VAL A 78 -5.10 6.79 2.11
C VAL A 78 -5.76 7.97 2.87
N LYS A 79 -5.26 8.33 4.06
CA LYS A 79 -5.65 9.55 4.80
C LYS A 79 -5.22 10.88 4.17
N LYS A 80 -4.23 10.79 3.28
CA LYS A 80 -3.60 11.88 2.50
C LYS A 80 -4.09 11.80 1.04
N GLU A 81 -3.20 11.93 0.05
CA GLU A 81 -3.54 12.10 -1.38
C GLU A 81 -2.58 11.29 -2.28
N MET A 82 -2.17 10.06 -1.89
CA MET A 82 -1.30 9.22 -2.69
C MET A 82 -2.17 8.13 -3.34
N LEU A 83 -2.80 7.28 -2.52
CA LEU A 83 -3.70 6.20 -2.94
C LEU A 83 -5.07 6.37 -2.28
N SER A 84 -6.03 5.58 -2.75
CA SER A 84 -7.34 5.36 -2.12
C SER A 84 -7.60 3.87 -1.99
N THR A 85 -8.70 3.55 -1.32
CA THR A 85 -9.19 2.19 -1.15
C THR A 85 -10.71 2.15 -1.13
N GLU A 86 -11.24 0.99 -1.53
CA GLU A 86 -12.65 0.64 -1.47
C GLU A 86 -12.81 -0.82 -1.01
N LYS A 87 -14.05 -1.29 -0.86
CA LYS A 87 -14.39 -2.53 -0.19
C LYS A 87 -15.12 -3.46 -1.15
N GLU A 88 -14.57 -4.65 -1.34
CA GLU A 88 -15.00 -5.63 -2.35
C GLU A 88 -14.63 -7.07 -1.99
N GLY A 89 -15.43 -8.04 -2.47
CA GLY A 89 -15.28 -9.46 -2.15
C GLY A 89 -15.09 -9.77 -0.65
N ARG A 90 -15.76 -8.98 0.21
CA ARG A 90 -15.65 -8.88 1.69
C ARG A 90 -14.26 -8.47 2.25
N LYS A 91 -13.26 -8.30 1.37
CA LYS A 91 -11.92 -7.71 1.57
C LYS A 91 -11.89 -6.21 1.24
N PHE A 92 -10.70 -5.61 1.38
CA PHE A 92 -10.42 -4.28 0.83
C PHE A 92 -9.67 -4.44 -0.49
N VAL A 93 -9.85 -3.44 -1.35
CA VAL A 93 -9.11 -3.18 -2.58
C VAL A 93 -8.39 -1.85 -2.39
N TYR A 94 -7.12 -1.80 -2.75
CA TYR A 94 -6.31 -0.59 -2.75
C TYR A 94 -5.97 -0.24 -4.19
N ARG A 95 -6.23 1.01 -4.56
CA ARG A 95 -6.22 1.50 -5.94
C ARG A 95 -5.69 2.96 -5.99
N PRO A 96 -4.84 3.33 -6.96
CA PRO A 96 -4.50 4.74 -7.20
C PRO A 96 -5.67 5.46 -7.87
N LEU A 97 -5.79 6.77 -7.66
CA LEU A 97 -6.91 7.59 -8.14
C LEU A 97 -7.09 7.66 -9.66
N MET A 98 -6.07 7.28 -10.44
CA MET A 98 -6.06 7.37 -11.91
C MET A 98 -6.18 8.84 -12.40
N GLU A 99 -6.52 9.03 -13.68
CA GLU A 99 -6.76 10.33 -14.33
C GLU A 99 -8.06 10.29 -15.15
N PHE A 31 15.15 6.56 16.02
CA PHE A 31 15.23 6.16 14.60
C PHE A 31 14.02 6.71 13.85
N ASN A 32 14.07 6.88 12.53
CA ASN A 32 12.91 7.36 11.76
C ASN A 32 12.87 6.72 10.36
N VAL A 33 11.66 6.69 9.77
CA VAL A 33 11.41 6.21 8.41
C VAL A 33 12.01 7.11 7.33
N SER A 34 12.28 6.53 6.16
CA SER A 34 12.89 7.19 4.99
C SER A 34 12.34 6.67 3.64
N ASN A 35 12.05 5.37 3.53
CA ASN A 35 11.69 4.69 2.27
C ASN A 35 10.21 4.20 2.21
N ALA A 36 9.32 4.68 3.08
CA ALA A 36 7.90 4.28 3.04
C ALA A 36 7.22 4.72 1.74
N GLU A 37 7.42 5.97 1.31
CA GLU A 37 7.02 6.50 -0.01
C GLU A 37 7.96 6.02 -1.14
N LEU A 38 8.36 4.75 -1.07
CA LEU A 38 9.26 4.10 -2.03
C LEU A 38 8.91 2.60 -2.19
N ILE A 39 8.73 1.86 -1.08
CA ILE A 39 8.33 0.44 -1.11
C ILE A 39 6.98 0.26 -1.81
N VAL A 40 5.96 0.99 -1.36
CA VAL A 40 4.59 0.93 -1.89
C VAL A 40 4.44 1.58 -3.27
N MET A 41 5.17 2.68 -3.50
CA MET A 41 5.12 3.49 -4.74
C MET A 41 6.05 2.92 -5.83
N ARG A 42 5.94 1.61 -6.06
CA ARG A 42 6.68 0.91 -7.12
C ARG A 42 5.93 -0.29 -7.68
N VAL A 43 5.38 -1.17 -6.83
CA VAL A 43 4.60 -2.34 -7.28
C VAL A 43 3.15 -1.99 -7.65
N ILE A 44 2.44 -1.23 -6.80
CA ILE A 44 0.98 -1.04 -6.90
C ILE A 44 0.55 -0.27 -8.15
N TRP A 45 1.28 0.78 -8.48
CA TRP A 45 1.02 1.63 -9.65
C TRP A 45 1.01 0.80 -10.95
N SER A 46 1.86 -0.22 -11.00
CA SER A 46 2.02 -1.11 -12.16
C SER A 46 0.88 -2.12 -12.28
N LEU A 47 0.38 -2.55 -11.12
CA LEU A 47 -0.67 -3.54 -10.90
C LEU A 47 -2.05 -3.07 -11.40
N GLY A 48 -2.48 -1.89 -10.96
CA GLY A 48 -3.69 -1.17 -11.42
C GLY A 48 -4.66 -0.93 -10.27
N GLU A 49 -5.03 -2.01 -9.59
CA GLU A 49 -5.73 -2.06 -8.31
C GLU A 49 -5.19 -3.23 -7.50
N ALA A 50 -5.12 -3.13 -6.16
CA ALA A 50 -4.57 -4.22 -5.35
C ALA A 50 -5.35 -4.43 -4.04
N ARG A 51 -5.39 -5.68 -3.57
CA ARG A 51 -6.09 -6.05 -2.32
C ARG A 51 -5.10 -6.08 -1.15
N VAL A 52 -5.53 -6.05 0.11
CA VAL A 52 -4.63 -5.82 1.26
C VAL A 52 -3.55 -6.87 1.46
N ASP A 53 -3.89 -8.11 1.21
CA ASP A 53 -2.97 -9.22 1.20
C ASP A 53 -2.01 -9.18 0.00
N GLU A 54 -2.45 -8.56 -1.09
CA GLU A 54 -1.76 -8.47 -2.37
C GLU A 54 -0.64 -7.42 -2.28
N ILE A 55 -0.97 -6.22 -1.78
CA ILE A 55 0.01 -5.13 -1.56
C ILE A 55 1.15 -5.60 -0.66
N TYR A 56 0.81 -6.38 0.38
CA TYR A 56 1.73 -7.01 1.29
C TYR A 56 2.55 -8.13 0.66
N ALA A 57 1.94 -8.92 -0.23
CA ALA A 57 2.59 -10.09 -0.83
C ALA A 57 3.86 -9.73 -1.60
N GLN A 58 3.94 -8.48 -2.08
CA GLN A 58 5.10 -7.99 -2.82
C GLN A 58 6.25 -7.50 -1.91
N ILE A 59 6.02 -7.37 -0.61
CA ILE A 59 6.95 -6.80 0.37
C ILE A 59 7.81 -7.93 0.98
N PRO A 60 9.12 -8.05 0.67
CA PRO A 60 9.96 -9.22 0.99
C PRO A 60 10.27 -9.47 2.50
N GLN A 61 9.60 -8.79 3.41
CA GLN A 61 9.63 -9.03 4.87
C GLN A 61 10.98 -8.89 5.62
N GLU A 62 12.12 -8.84 4.92
CA GLU A 62 13.51 -8.68 5.44
C GLU A 62 13.77 -7.50 6.41
N LEU A 63 12.84 -6.55 6.43
CA LEU A 63 12.77 -5.34 7.27
C LEU A 63 12.19 -5.60 8.67
N GLU A 64 11.62 -6.78 8.81
CA GLU A 64 10.78 -7.29 9.92
C GLU A 64 9.41 -6.57 9.98
N TRP A 65 8.99 -6.01 8.83
CA TRP A 65 7.67 -5.43 8.61
C TRP A 65 6.60 -6.53 8.61
N SER A 66 5.89 -6.68 9.73
CA SER A 66 4.69 -7.52 9.83
C SER A 66 3.54 -6.93 8.99
N LEU A 67 2.48 -7.72 8.73
CA LEU A 67 1.28 -7.27 8.04
C LEU A 67 0.66 -5.99 8.61
N ALA A 68 0.79 -5.76 9.91
CA ALA A 68 0.34 -4.51 10.52
C ALA A 68 1.01 -3.27 9.88
N THR A 69 2.31 -3.34 9.56
CA THR A 69 3.09 -2.19 9.06
C THR A 69 2.56 -1.66 7.75
N VAL A 70 2.33 -2.51 6.74
CA VAL A 70 1.84 -2.01 5.46
C VAL A 70 0.44 -1.42 5.58
N LYS A 71 -0.46 -2.09 6.32
CA LYS A 71 -1.83 -1.60 6.55
C LYS A 71 -1.83 -0.22 7.19
N THR A 72 -1.00 -0.02 8.22
CA THR A 72 -0.90 1.32 8.83
C THR A 72 -0.20 2.36 7.95
N LEU A 73 0.74 1.98 7.07
CA LEU A 73 1.40 2.87 6.11
C LEU A 73 0.37 3.36 5.08
N LEU A 74 -0.41 2.44 4.51
CA LEU A 74 -1.55 2.75 3.64
C LEU A 74 -2.47 3.76 4.28
N GLY A 75 -2.85 3.46 5.50
CA GLY A 75 -3.74 4.27 6.33
C GLY A 75 -3.28 5.73 6.43
N ARG A 76 -1.97 5.98 6.29
CA ARG A 76 -1.40 7.33 6.15
C ARG A 76 -1.51 7.86 4.72
N LEU A 77 -1.19 7.06 3.70
CA LEU A 77 -1.32 7.49 2.30
C LEU A 77 -2.73 7.99 2.01
N VAL A 78 -3.68 7.14 2.41
CA VAL A 78 -5.12 7.39 2.23
C VAL A 78 -5.59 8.57 3.09
N LYS A 79 -5.06 8.77 4.32
CA LYS A 79 -5.33 10.02 5.05
C LYS A 79 -4.93 11.28 4.29
N LYS A 80 -3.83 11.22 3.53
CA LYS A 80 -3.33 12.31 2.67
C LYS A 80 -3.80 12.24 1.19
N GLU A 81 -4.91 11.55 0.92
CA GLU A 81 -5.57 11.45 -0.39
C GLU A 81 -4.73 10.82 -1.52
N MET A 82 -3.53 10.27 -1.25
CA MET A 82 -2.61 9.80 -2.29
C MET A 82 -3.08 8.42 -2.82
N LEU A 83 -3.88 7.72 -2.00
CA LEU A 83 -4.55 6.45 -2.24
C LEU A 83 -5.98 6.55 -1.73
N SER A 84 -6.82 5.66 -2.25
CA SER A 84 -8.15 5.38 -1.68
C SER A 84 -8.39 3.88 -1.67
N THR A 85 -9.47 3.45 -1.02
CA THR A 85 -9.74 2.04 -0.82
C THR A 85 -11.21 1.74 -0.53
N GLU A 86 -11.75 0.68 -1.14
CA GLU A 86 -13.14 0.20 -0.91
C GLU A 86 -13.24 -1.33 -0.72
N LYS A 87 -14.32 -1.84 -0.09
CA LYS A 87 -14.52 -3.27 0.15
C LYS A 87 -14.84 -4.03 -1.15
N GLU A 88 -14.03 -5.02 -1.48
CA GLU A 88 -14.11 -5.80 -2.72
C GLU A 88 -13.44 -7.18 -2.55
N GLY A 89 -14.22 -8.28 -2.62
CA GLY A 89 -13.74 -9.64 -2.35
C GLY A 89 -13.51 -9.93 -0.87
N ARG A 90 -14.49 -9.57 0.00
CA ARG A 90 -14.46 -9.52 1.49
C ARG A 90 -13.44 -8.52 2.07
N LYS A 91 -12.22 -8.57 1.54
CA LYS A 91 -11.07 -7.70 1.82
C LYS A 91 -11.21 -6.35 1.12
N PHE A 92 -10.24 -5.48 1.31
CA PHE A 92 -10.23 -4.13 0.73
C PHE A 92 -9.41 -4.09 -0.56
N VAL A 93 -9.89 -3.35 -1.56
CA VAL A 93 -9.14 -2.96 -2.75
C VAL A 93 -8.63 -1.54 -2.53
N TYR A 94 -7.32 -1.42 -2.36
CA TYR A 94 -6.58 -0.17 -2.35
C TYR A 94 -6.22 0.17 -3.81
N ARG A 95 -6.64 1.37 -4.24
CA ARG A 95 -6.47 1.87 -5.62
C ARG A 95 -6.23 3.39 -5.68
N PRO A 96 -5.60 3.90 -6.75
CA PRO A 96 -5.42 5.34 -7.01
C PRO A 96 -6.68 6.00 -7.59
N LEU A 97 -6.67 7.34 -7.62
CA LEU A 97 -7.74 8.22 -8.11
C LEU A 97 -7.22 9.44 -8.92
N MET A 98 -8.15 10.23 -9.45
CA MET A 98 -7.88 11.46 -10.25
C MET A 98 -6.95 11.25 -11.48
N GLU A 99 -7.16 10.13 -12.21
CA GLU A 99 -6.62 9.74 -13.53
C GLU A 99 -5.42 8.77 -13.45
N PHE A 31 13.93 16.15 -5.43
CA PHE A 31 14.39 15.56 -4.15
C PHE A 31 13.34 14.58 -3.64
N ASN A 32 13.69 13.62 -2.77
CA ASN A 32 12.76 12.65 -2.18
C ASN A 32 13.21 12.31 -0.75
N VAL A 33 12.28 12.38 0.23
CA VAL A 33 12.57 12.30 1.69
C VAL A 33 11.50 11.51 2.48
N SER A 34 10.63 10.76 1.80
CA SER A 34 9.41 10.11 2.31
C SER A 34 9.59 8.90 3.25
N ASN A 35 10.82 8.59 3.66
CA ASN A 35 11.35 7.39 4.35
C ASN A 35 10.48 6.11 4.42
N ALA A 36 9.30 6.13 5.07
CA ALA A 36 8.38 4.98 5.07
C ALA A 36 7.93 4.56 3.66
N GLU A 37 7.55 5.51 2.79
CA GLU A 37 6.93 5.19 1.50
C GLU A 37 7.94 5.19 0.33
N LEU A 38 8.65 4.07 0.20
CA LEU A 38 9.48 3.77 -0.98
C LEU A 38 8.86 2.64 -1.82
N ILE A 39 8.99 1.38 -1.40
CA ILE A 39 8.49 0.23 -2.16
C ILE A 39 6.97 0.26 -2.45
N VAL A 40 6.16 0.77 -1.51
CA VAL A 40 4.71 0.91 -1.70
C VAL A 40 4.34 1.84 -2.87
N MET A 41 5.20 2.85 -3.15
CA MET A 41 5.05 3.82 -4.22
C MET A 41 5.37 3.25 -5.62
N ARG A 42 5.78 1.98 -5.74
CA ARG A 42 6.02 1.33 -7.04
C ARG A 42 5.28 0.02 -7.19
N VAL A 43 5.43 -0.91 -6.25
CA VAL A 43 4.99 -2.32 -6.50
C VAL A 43 3.48 -2.38 -6.73
N ILE A 44 2.71 -1.45 -6.16
CA ILE A 44 1.25 -1.39 -6.36
C ILE A 44 0.88 -0.64 -7.66
N TRP A 45 1.63 0.44 -7.98
CA TRP A 45 1.35 1.29 -9.14
C TRP A 45 1.42 0.51 -10.45
N SER A 46 2.25 -0.53 -10.47
CA SER A 46 2.47 -1.36 -11.67
C SER A 46 1.27 -2.28 -11.97
N LEU A 47 0.51 -2.69 -10.94
CA LEU A 47 -0.81 -3.30 -11.10
C LEU A 47 -1.85 -2.23 -11.48
N GLY A 48 -2.02 -1.27 -10.57
CA GLY A 48 -2.97 -0.15 -10.65
C GLY A 48 -4.11 -0.29 -9.64
N GLU A 49 -4.55 -1.52 -9.40
CA GLU A 49 -5.51 -1.91 -8.39
C GLU A 49 -5.00 -3.18 -7.69
N ALA A 50 -5.03 -3.21 -6.36
CA ALA A 50 -4.47 -4.33 -5.57
C ALA A 50 -5.39 -4.68 -4.40
N ARG A 51 -5.42 -5.94 -3.96
CA ARG A 51 -6.10 -6.35 -2.73
C ARG A 51 -5.19 -6.16 -1.52
N VAL A 52 -5.73 -6.15 -0.30
CA VAL A 52 -4.89 -5.94 0.92
C VAL A 52 -3.75 -6.91 1.19
N ASP A 53 -3.96 -8.17 0.86
CA ASP A 53 -2.95 -9.22 0.91
C ASP A 53 -1.97 -9.16 -0.26
N GLU A 54 -2.41 -8.54 -1.36
CA GLU A 54 -1.64 -8.31 -2.58
C GLU A 54 -0.56 -7.24 -2.33
N ILE A 55 -0.95 -6.10 -1.77
CA ILE A 55 0.00 -5.03 -1.37
C ILE A 55 1.07 -5.48 -0.38
N TYR A 56 0.71 -6.35 0.57
CA TYR A 56 1.66 -7.03 1.44
C TYR A 56 2.51 -8.07 0.73
N ALA A 57 1.97 -8.78 -0.26
CA ALA A 57 2.70 -9.83 -0.97
C ALA A 57 4.01 -9.34 -1.60
N GLN A 58 4.08 -8.03 -1.87
CA GLN A 58 5.23 -7.39 -2.48
C GLN A 58 6.32 -7.00 -1.46
N ILE A 59 6.13 -7.34 -0.18
CA ILE A 59 7.01 -7.03 0.95
C ILE A 59 7.62 -8.35 1.51
N PRO A 60 8.75 -8.83 0.94
CA PRO A 60 9.32 -10.18 1.22
C PRO A 60 10.05 -10.32 2.59
N GLN A 61 9.93 -9.29 3.44
CA GLN A 61 10.34 -9.21 4.85
C GLN A 61 11.82 -8.90 5.16
N GLU A 62 12.65 -8.55 4.16
CA GLU A 62 14.07 -8.15 4.30
C GLU A 62 14.37 -7.01 5.31
N LEU A 63 13.36 -6.25 5.70
CA LEU A 63 13.39 -5.09 6.61
C LEU A 63 13.07 -5.44 8.07
N GLU A 64 12.57 -6.66 8.25
CA GLU A 64 11.94 -7.21 9.46
C GLU A 64 10.63 -6.49 9.86
N TRP A 65 10.05 -5.80 8.88
CA TRP A 65 8.68 -5.28 8.91
C TRP A 65 7.71 -6.45 8.82
N SER A 66 6.45 -6.25 9.24
CA SER A 66 5.39 -7.26 9.11
C SER A 66 4.09 -6.66 8.59
N LEU A 67 3.05 -7.49 8.40
CA LEU A 67 1.74 -7.12 7.91
C LEU A 67 1.12 -5.91 8.64
N ALA A 68 1.34 -5.80 9.95
CA ALA A 68 0.91 -4.65 10.73
C ALA A 68 1.46 -3.34 10.15
N THR A 69 2.74 -3.32 9.71
CA THR A 69 3.41 -2.12 9.19
C THR A 69 2.76 -1.61 7.89
N VAL A 70 2.58 -2.46 6.88
CA VAL A 70 2.02 -1.99 5.61
C VAL A 70 0.63 -1.38 5.80
N LYS A 71 -0.26 -2.02 6.58
CA LYS A 71 -1.61 -1.51 6.85
C LYS A 71 -1.59 -0.12 7.47
N THR A 72 -0.80 0.06 8.52
CA THR A 72 -0.68 1.40 9.14
C THR A 72 -0.17 2.46 8.16
N LEU A 73 0.69 2.11 7.18
CA LEU A 73 1.24 3.01 6.19
C LEU A 73 0.20 3.42 5.12
N LEU A 74 -0.57 2.45 4.63
CA LEU A 74 -1.67 2.68 3.68
C LEU A 74 -2.60 3.76 4.15
N GLY A 75 -2.98 3.64 5.40
CA GLY A 75 -3.91 4.54 6.09
C GLY A 75 -3.43 5.98 5.98
N ARG A 76 -2.10 6.17 5.98
CA ARG A 76 -1.47 7.48 5.80
C ARG A 76 -1.59 7.92 4.36
N LEU A 77 -1.32 7.03 3.38
CA LEU A 77 -1.52 7.39 1.96
C LEU A 77 -2.95 7.85 1.66
N VAL A 78 -3.91 7.04 2.14
CA VAL A 78 -5.36 7.25 1.88
C VAL A 78 -5.98 8.44 2.64
N LYS A 79 -5.51 8.75 3.85
CA LYS A 79 -5.85 9.96 4.63
C LYS A 79 -5.27 11.28 4.09
N LYS A 80 -4.36 11.17 3.13
CA LYS A 80 -3.50 12.25 2.61
C LYS A 80 -3.53 12.38 1.08
N GLU A 81 -4.59 11.89 0.44
CA GLU A 81 -4.87 12.05 -1.00
C GLU A 81 -3.80 11.47 -1.95
N MET A 82 -3.08 10.37 -1.62
CA MET A 82 -2.26 9.66 -2.58
C MET A 82 -3.03 8.45 -3.16
N LEU A 83 -3.62 7.59 -2.32
CA LEU A 83 -4.39 6.40 -2.72
C LEU A 83 -5.84 6.48 -2.23
N SER A 84 -6.68 5.55 -2.69
CA SER A 84 -8.02 5.32 -2.13
C SER A 84 -8.36 3.84 -2.16
N THR A 85 -9.46 3.47 -1.51
CA THR A 85 -9.77 2.05 -1.29
C THR A 85 -11.26 1.80 -1.05
N GLU A 86 -11.76 0.69 -1.60
CA GLU A 86 -13.15 0.21 -1.44
C GLU A 86 -13.20 -1.31 -1.18
N LYS A 87 -14.31 -1.83 -0.63
CA LYS A 87 -14.40 -3.21 -0.12
C LYS A 87 -15.48 -4.00 -0.87
N GLU A 88 -15.10 -5.21 -1.26
CA GLU A 88 -15.88 -6.07 -2.20
C GLU A 88 -15.88 -7.54 -1.77
N GLY A 89 -17.07 -8.16 -1.77
CA GLY A 89 -17.38 -9.52 -1.28
C GLY A 89 -17.02 -9.74 0.20
N ARG A 90 -15.73 -9.81 0.51
CA ARG A 90 -15.17 -9.81 1.88
C ARG A 90 -13.87 -9.01 1.97
N LYS A 91 -12.94 -9.10 1.00
CA LYS A 91 -11.65 -8.41 0.98
C LYS A 91 -11.70 -6.93 0.56
N PHE A 92 -10.65 -6.18 0.89
CA PHE A 92 -10.49 -4.77 0.55
C PHE A 92 -9.62 -4.62 -0.70
N VAL A 93 -9.86 -3.55 -1.47
CA VAL A 93 -9.16 -3.21 -2.72
C VAL A 93 -8.63 -1.78 -2.61
N TYR A 94 -7.41 -1.55 -3.09
CA TYR A 94 -6.70 -0.29 -3.09
C TYR A 94 -6.40 0.14 -4.54
N ARG A 95 -6.90 1.30 -4.94
CA ARG A 95 -6.73 1.91 -6.29
C ARG A 95 -6.56 3.44 -6.24
N PRO A 96 -6.11 4.11 -7.31
CA PRO A 96 -6.15 5.58 -7.39
C PRO A 96 -7.59 6.11 -7.55
N LEU A 97 -7.72 7.44 -7.61
CA LEU A 97 -8.95 8.14 -8.02
C LEU A 97 -9.28 7.90 -9.50
N MET A 98 -10.52 8.20 -9.89
CA MET A 98 -11.10 7.82 -11.19
C MET A 98 -11.08 6.28 -11.31
N GLU A 99 -10.46 5.72 -12.36
CA GLU A 99 -10.13 4.29 -12.53
C GLU A 99 -8.64 4.16 -12.88
N PHE A 31 22.80 6.33 8.87
CA PHE A 31 22.60 5.24 7.89
C PHE A 31 21.20 5.35 7.34
N ASN A 32 21.07 5.50 6.02
CA ASN A 32 19.83 5.92 5.38
C ASN A 32 19.74 5.39 3.93
N VAL A 33 18.71 4.61 3.58
CA VAL A 33 18.47 4.12 2.20
C VAL A 33 17.00 3.73 1.97
N SER A 34 16.45 4.03 0.79
CA SER A 34 15.01 3.87 0.44
C SER A 34 14.04 4.52 1.46
N ASN A 35 12.73 4.31 1.29
CA ASN A 35 11.72 4.68 2.29
C ASN A 35 10.52 3.69 2.24
N ALA A 36 9.72 3.63 3.31
CA ALA A 36 8.41 2.95 3.29
C ALA A 36 7.58 3.46 2.10
N GLU A 37 7.49 4.79 1.97
CA GLU A 37 6.92 5.48 0.83
C GLU A 37 7.89 5.46 -0.38
N LEU A 38 8.18 4.26 -0.86
CA LEU A 38 8.85 4.02 -2.13
C LEU A 38 8.30 2.73 -2.72
N ILE A 39 8.60 1.58 -2.09
CA ILE A 39 8.03 0.28 -2.45
C ILE A 39 6.50 0.29 -2.59
N VAL A 40 5.76 0.86 -1.63
CA VAL A 40 4.29 0.93 -1.69
C VAL A 40 3.77 1.90 -2.76
N MET A 41 4.58 2.87 -3.18
CA MET A 41 4.19 3.87 -4.19
C MET A 41 4.46 3.38 -5.63
N ARG A 42 5.06 2.21 -5.81
CA ARG A 42 5.36 1.64 -7.14
C ARG A 42 4.55 0.39 -7.45
N VAL A 43 4.47 -0.61 -6.57
CA VAL A 43 3.85 -1.90 -6.92
C VAL A 43 2.35 -1.74 -7.25
N ILE A 44 1.62 -0.96 -6.44
CA ILE A 44 0.21 -0.62 -6.65
C ILE A 44 0.00 0.24 -7.91
N TRP A 45 0.85 1.25 -8.09
CA TRP A 45 0.83 2.18 -9.23
C TRP A 45 1.07 1.45 -10.56
N SER A 46 1.88 0.40 -10.51
CA SER A 46 2.25 -0.40 -11.69
C SER A 46 1.18 -1.42 -12.08
N LEU A 47 0.43 -1.91 -11.09
CA LEU A 47 -0.75 -2.74 -11.26
C LEU A 47 -1.97 -1.96 -11.77
N GLY A 48 -2.61 -1.28 -10.81
CA GLY A 48 -3.78 -0.41 -10.97
C GLY A 48 -4.87 -0.66 -9.94
N GLU A 49 -4.92 -1.87 -9.39
CA GLU A 49 -5.84 -2.41 -8.38
C GLU A 49 -5.12 -3.62 -7.78
N ALA A 50 -4.82 -3.57 -6.48
CA ALA A 50 -4.22 -4.69 -5.74
C ALA A 50 -4.98 -4.95 -4.43
N ARG A 51 -4.86 -6.14 -3.85
CA ARG A 51 -5.63 -6.55 -2.67
C ARG A 51 -4.70 -6.44 -1.44
N VAL A 52 -5.22 -6.36 -0.21
CA VAL A 52 -4.38 -6.18 0.99
C VAL A 52 -3.32 -7.26 1.19
N ASP A 53 -3.69 -8.51 0.99
CA ASP A 53 -2.82 -9.64 1.02
C ASP A 53 -1.90 -9.72 -0.23
N GLU A 54 -2.25 -9.05 -1.33
CA GLU A 54 -1.42 -8.93 -2.53
C GLU A 54 -0.35 -7.84 -2.40
N ILE A 55 -0.70 -6.65 -1.90
CA ILE A 55 0.26 -5.56 -1.63
C ILE A 55 1.31 -6.04 -0.63
N TYR A 56 0.87 -6.77 0.40
CA TYR A 56 1.70 -7.43 1.38
C TYR A 56 2.64 -8.47 0.78
N ALA A 57 2.16 -9.19 -0.24
CA ALA A 57 2.96 -10.20 -0.92
C ALA A 57 4.15 -9.61 -1.69
N GLN A 58 4.11 -8.31 -2.02
CA GLN A 58 5.23 -7.68 -2.70
C GLN A 58 6.34 -7.26 -1.73
N ILE A 59 6.04 -7.20 -0.43
CA ILE A 59 6.89 -6.60 0.62
C ILE A 59 8.00 -7.57 1.13
N PRO A 60 9.29 -7.18 1.06
CA PRO A 60 10.42 -7.99 1.50
C PRO A 60 10.63 -7.98 3.02
N GLN A 61 11.43 -8.93 3.50
CA GLN A 61 11.66 -9.19 4.92
C GLN A 61 12.74 -8.27 5.57
N GLU A 62 13.61 -7.62 4.77
CA GLU A 62 14.67 -6.68 5.23
C GLU A 62 14.17 -5.53 6.14
N LEU A 63 12.86 -5.24 6.06
CA LEU A 63 12.14 -4.19 6.77
C LEU A 63 11.70 -4.55 8.18
N GLU A 64 11.64 -5.85 8.44
CA GLU A 64 11.27 -6.50 9.72
C GLU A 64 9.79 -6.24 10.11
N TRP A 65 8.89 -6.29 9.12
CA TRP A 65 7.46 -5.96 9.25
C TRP A 65 6.53 -7.19 9.34
N SER A 66 5.23 -6.92 9.53
CA SER A 66 4.12 -7.86 9.57
C SER A 66 2.90 -7.30 8.81
N LEU A 67 1.88 -8.13 8.52
CA LEU A 67 0.67 -7.75 7.82
C LEU A 67 -0.07 -6.54 8.39
N ALA A 68 -0.02 -6.30 9.70
CA ALA A 68 -0.61 -5.09 10.25
C ALA A 68 0.09 -3.82 9.73
N THR A 69 1.42 -3.85 9.58
CA THR A 69 2.25 -2.68 9.24
C THR A 69 1.87 -2.08 7.90
N VAL A 70 1.70 -2.91 6.87
CA VAL A 70 1.34 -2.37 5.56
C VAL A 70 0.02 -1.59 5.63
N LYS A 71 -0.98 -2.08 6.36
CA LYS A 71 -2.32 -1.48 6.51
C LYS A 71 -2.28 -0.11 7.19
N THR A 72 -1.46 0.04 8.25
CA THR A 72 -1.21 1.35 8.91
C THR A 72 -0.37 2.34 8.06
N LEU A 73 0.49 1.85 7.16
CA LEU A 73 1.32 2.66 6.26
C LEU A 73 0.43 3.17 5.10
N LEU A 74 -0.32 2.25 4.49
CA LEU A 74 -1.38 2.55 3.52
C LEU A 74 -2.30 3.61 4.09
N GLY A 75 -2.77 3.37 5.29
CA GLY A 75 -3.64 4.25 6.07
C GLY A 75 -3.13 5.68 6.17
N ARG A 76 -1.81 5.88 6.08
CA ARG A 76 -1.20 7.22 5.94
C ARG A 76 -1.35 7.71 4.51
N LEU A 77 -0.99 6.88 3.52
CA LEU A 77 -1.15 7.29 2.12
C LEU A 77 -2.58 7.74 1.79
N VAL A 78 -3.53 6.89 2.20
CA VAL A 78 -4.95 7.04 1.83
C VAL A 78 -5.66 8.21 2.54
N LYS A 79 -5.30 8.57 3.78
CA LYS A 79 -5.80 9.81 4.41
C LYS A 79 -5.23 11.07 3.72
N LYS A 80 -3.96 11.02 3.33
CA LYS A 80 -3.15 12.13 2.78
C LYS A 80 -3.19 12.22 1.23
N GLU A 81 -4.30 11.81 0.62
CA GLU A 81 -4.62 11.81 -0.82
C GLU A 81 -3.51 11.35 -1.80
N MET A 82 -2.67 10.35 -1.42
CA MET A 82 -1.77 9.71 -2.37
C MET A 82 -2.52 8.58 -3.08
N LEU A 83 -3.15 7.71 -2.28
CA LEU A 83 -3.86 6.49 -2.73
C LEU A 83 -5.32 6.49 -2.26
N SER A 84 -6.10 5.54 -2.78
CA SER A 84 -7.44 5.22 -2.30
C SER A 84 -7.59 3.71 -2.06
N THR A 85 -8.72 3.31 -1.46
CA THR A 85 -9.03 1.90 -1.20
C THR A 85 -10.54 1.65 -1.24
N GLU A 86 -10.96 0.41 -1.53
CA GLU A 86 -12.39 0.01 -1.58
C GLU A 86 -12.60 -1.39 -0.99
N LYS A 87 -13.76 -1.63 -0.36
CA LYS A 87 -14.17 -2.94 0.20
C LYS A 87 -14.87 -3.78 -0.87
N GLU A 88 -14.40 -5.01 -1.11
CA GLU A 88 -15.08 -6.02 -1.93
C GLU A 88 -15.62 -7.13 -1.02
N GLY A 89 -16.82 -6.92 -0.46
CA GLY A 89 -17.56 -7.75 0.50
C GLY A 89 -16.84 -8.11 1.82
N ARG A 90 -15.68 -8.76 1.72
CA ARG A 90 -14.89 -9.38 2.79
C ARG A 90 -13.37 -9.13 2.65
N LYS A 91 -12.87 -8.86 1.44
CA LYS A 91 -11.52 -8.43 1.16
C LYS A 91 -11.48 -6.93 0.87
N PHE A 92 -10.27 -6.38 0.76
CA PHE A 92 -10.01 -4.95 0.58
C PHE A 92 -9.07 -4.74 -0.61
N VAL A 93 -9.37 -3.73 -1.43
CA VAL A 93 -8.59 -3.32 -2.61
C VAL A 93 -7.94 -1.98 -2.31
N TYR A 94 -6.78 -1.76 -2.91
CA TYR A 94 -6.01 -0.52 -2.90
C TYR A 94 -5.63 -0.11 -4.34
N ARG A 95 -5.93 1.14 -4.70
CA ARG A 95 -5.56 1.73 -6.01
C ARG A 95 -5.15 3.23 -5.97
N PRO A 96 -4.37 3.74 -6.96
CA PRO A 96 -3.95 5.15 -7.02
C PRO A 96 -5.06 6.10 -7.53
N LEU A 97 -4.88 7.42 -7.41
CA LEU A 97 -5.89 8.43 -7.73
C LEU A 97 -5.38 9.62 -8.55
N MET A 98 -6.29 10.18 -9.38
CA MET A 98 -6.02 11.28 -10.32
C MET A 98 -7.31 12.01 -10.80
N GLU A 99 -8.42 11.28 -10.95
CA GLU A 99 -9.74 11.75 -11.43
C GLU A 99 -10.45 12.70 -10.46
N PHE A 31 19.01 7.35 16.29
CA PHE A 31 20.27 7.29 15.51
C PHE A 31 19.97 7.65 14.05
N ASN A 32 19.98 6.70 13.10
CA ASN A 32 19.55 6.85 11.71
C ASN A 32 18.05 7.26 11.56
N VAL A 33 17.61 7.44 10.32
CA VAL A 33 16.24 7.87 9.96
C VAL A 33 15.34 6.73 9.49
N SER A 34 14.03 7.00 9.44
CA SER A 34 12.96 6.02 9.19
C SER A 34 11.96 6.51 8.13
N ASN A 35 12.46 6.80 6.92
CA ASN A 35 11.59 7.07 5.75
C ASN A 35 10.65 5.85 5.53
N ALA A 36 9.37 6.08 5.17
CA ALA A 36 8.46 5.00 4.73
C ALA A 36 8.81 4.41 3.35
N GLU A 37 9.78 5.04 2.66
CA GLU A 37 10.14 4.79 1.25
C GLU A 37 8.92 4.90 0.29
N LEU A 38 8.91 4.17 -0.83
CA LEU A 38 7.93 4.32 -1.92
C LEU A 38 7.50 3.01 -2.61
N ILE A 39 8.02 1.84 -2.22
CA ILE A 39 7.59 0.50 -2.68
C ILE A 39 6.08 0.35 -2.79
N VAL A 40 5.32 0.82 -1.78
CA VAL A 40 3.84 0.81 -1.75
C VAL A 40 3.19 1.56 -2.93
N MET A 41 3.91 2.48 -3.57
CA MET A 41 3.52 3.25 -4.75
C MET A 41 4.34 2.87 -6.00
N ARG A 42 5.24 1.86 -5.91
CA ARG A 42 5.93 1.27 -7.06
C ARG A 42 5.28 -0.04 -7.50
N VAL A 43 4.88 -0.92 -6.57
CA VAL A 43 4.41 -2.28 -6.93
C VAL A 43 2.95 -2.27 -7.40
N ILE A 44 2.03 -1.81 -6.55
CA ILE A 44 0.58 -1.80 -6.81
C ILE A 44 0.25 -0.97 -8.05
N TRP A 45 0.93 0.17 -8.15
CA TRP A 45 0.75 1.16 -9.22
C TRP A 45 0.86 0.57 -10.62
N SER A 46 1.69 -0.47 -10.78
CA SER A 46 1.92 -1.14 -12.07
C SER A 46 0.76 -2.08 -12.43
N LEU A 47 0.32 -2.85 -11.44
CA LEU A 47 -0.70 -3.87 -11.49
C LEU A 47 -2.10 -3.27 -11.66
N GLY A 48 -2.41 -2.25 -10.86
CA GLY A 48 -3.57 -1.36 -10.93
C GLY A 48 -4.44 -1.37 -9.66
N GLU A 49 -4.68 -2.57 -9.14
CA GLU A 49 -5.53 -2.83 -7.97
C GLU A 49 -4.99 -4.01 -7.17
N ALA A 50 -4.68 -3.77 -5.89
CA ALA A 50 -4.21 -4.80 -4.98
C ALA A 50 -5.14 -4.89 -3.75
N ARG A 51 -5.57 -6.09 -3.34
CA ARG A 51 -6.26 -6.26 -2.05
C ARG A 51 -5.24 -6.18 -0.93
N VAL A 52 -5.71 -6.10 0.30
CA VAL A 52 -4.89 -6.18 1.51
C VAL A 52 -3.99 -7.40 1.61
N ASP A 53 -4.49 -8.56 1.20
CA ASP A 53 -3.63 -9.77 1.09
C ASP A 53 -2.66 -9.73 -0.10
N GLU A 54 -2.98 -8.92 -1.11
CA GLU A 54 -2.12 -8.70 -2.29
C GLU A 54 -0.97 -7.72 -2.01
N ILE A 55 -1.27 -6.55 -1.44
CA ILE A 55 -0.24 -5.54 -1.10
C ILE A 55 0.82 -6.11 -0.15
N TYR A 56 0.41 -6.92 0.83
CA TYR A 56 1.34 -7.66 1.67
C TYR A 56 2.29 -8.56 0.88
N ALA A 57 1.74 -9.16 -0.16
CA ALA A 57 2.42 -10.06 -1.08
C ALA A 57 3.57 -9.42 -1.86
N GLN A 58 3.68 -8.07 -1.86
CA GLN A 58 4.82 -7.40 -2.47
C GLN A 58 5.77 -6.75 -1.43
N ILE A 59 5.62 -7.05 -0.12
CA ILE A 59 6.44 -6.51 0.98
C ILE A 59 7.80 -7.26 1.10
N PRO A 60 8.96 -6.60 0.82
CA PRO A 60 10.28 -7.26 0.80
C PRO A 60 10.98 -7.35 2.16
N GLN A 61 11.87 -8.33 2.29
CA GLN A 61 12.52 -8.69 3.58
C GLN A 61 13.43 -7.65 4.25
N GLU A 62 14.06 -6.69 3.54
CA GLU A 62 14.92 -5.70 4.25
C GLU A 62 14.18 -4.96 5.37
N LEU A 63 12.87 -4.81 5.20
CA LEU A 63 12.04 -3.88 6.02
C LEU A 63 11.68 -4.50 7.37
N GLU A 64 11.60 -5.83 7.39
CA GLU A 64 11.07 -6.65 8.52
C GLU A 64 9.61 -6.32 9.00
N TRP A 65 8.72 -6.02 8.05
CA TRP A 65 7.37 -5.53 8.35
C TRP A 65 6.33 -6.63 8.49
N SER A 66 5.77 -6.74 9.71
CA SER A 66 4.57 -7.56 9.99
C SER A 66 3.30 -7.07 9.24
N LEU A 67 2.28 -7.94 9.13
CA LEU A 67 0.96 -7.61 8.54
C LEU A 67 0.34 -6.34 9.14
N ALA A 68 0.33 -6.19 10.47
CA ALA A 68 -0.16 -4.97 11.12
C ALA A 68 0.57 -3.68 10.66
N THR A 69 1.83 -3.76 10.21
CA THR A 69 2.58 -2.64 9.63
C THR A 69 2.00 -2.19 8.29
N VAL A 70 1.76 -3.07 7.31
CA VAL A 70 1.19 -2.58 6.04
C VAL A 70 -0.17 -1.91 6.29
N LYS A 71 -1.00 -2.56 7.10
CA LYS A 71 -2.34 -2.14 7.51
C LYS A 71 -2.40 -0.70 8.03
N THR A 72 -1.53 -0.38 8.98
CA THR A 72 -1.43 1.00 9.51
C THR A 72 -0.91 1.99 8.47
N LEU A 73 0.08 1.59 7.66
CA LEU A 73 0.81 2.47 6.77
C LEU A 73 -0.10 2.95 5.63
N LEU A 74 -0.93 2.06 5.06
CA LEU A 74 -1.93 2.45 4.06
C LEU A 74 -2.78 3.60 4.54
N GLY A 75 -3.29 3.45 5.75
CA GLY A 75 -4.10 4.45 6.46
C GLY A 75 -3.43 5.83 6.55
N ARG A 76 -2.09 5.86 6.51
CA ARG A 76 -1.30 7.09 6.42
C ARG A 76 -1.30 7.62 4.99
N LEU A 77 -1.05 6.75 3.99
CA LEU A 77 -1.06 7.13 2.57
C LEU A 77 -2.39 7.76 2.15
N VAL A 78 -3.47 7.04 2.46
CA VAL A 78 -4.81 7.40 1.98
C VAL A 78 -5.30 8.72 2.59
N LYS A 79 -5.01 8.99 3.88
CA LYS A 79 -5.22 10.28 4.56
C LYS A 79 -4.37 11.45 4.06
N LYS A 80 -3.37 11.17 3.24
CA LYS A 80 -2.50 12.15 2.58
C LYS A 80 -2.77 12.30 1.06
N GLU A 81 -3.81 11.67 0.50
CA GLU A 81 -4.15 11.69 -0.95
C GLU A 81 -3.10 11.05 -1.88
N MET A 82 -2.21 10.18 -1.36
CA MET A 82 -1.28 9.44 -2.20
C MET A 82 -2.03 8.34 -2.94
N LEU A 83 -2.80 7.55 -2.18
CA LEU A 83 -3.58 6.39 -2.63
C LEU A 83 -5.03 6.51 -2.19
N SER A 84 -5.87 5.63 -2.71
CA SER A 84 -7.25 5.42 -2.24
C SER A 84 -7.63 3.94 -2.13
N THR A 85 -8.79 3.70 -1.56
CA THR A 85 -9.29 2.34 -1.34
C THR A 85 -10.80 2.30 -1.27
N GLU A 86 -11.36 1.18 -1.73
CA GLU A 86 -12.79 0.84 -1.67
C GLU A 86 -12.95 -0.64 -1.24
N LYS A 87 -14.17 -1.16 -1.16
CA LYS A 87 -14.48 -2.47 -0.53
C LYS A 87 -14.94 -3.46 -1.59
N GLU A 88 -14.19 -4.54 -1.81
CA GLU A 88 -14.45 -5.57 -2.84
C GLU A 88 -14.30 -7.00 -2.32
N GLY A 89 -14.98 -7.98 -2.94
CA GLY A 89 -15.12 -9.36 -2.44
C GLY A 89 -15.26 -9.41 -0.92
N ARG A 90 -14.35 -10.12 -0.24
CA ARG A 90 -14.30 -10.24 1.23
C ARG A 90 -13.21 -9.37 1.90
N LYS A 91 -12.79 -8.27 1.25
CA LYS A 91 -11.65 -7.39 1.59
C LYS A 91 -11.80 -5.94 1.10
N PHE A 92 -10.79 -5.15 1.43
CA PHE A 92 -10.53 -3.85 0.82
C PHE A 92 -9.68 -4.07 -0.44
N VAL A 93 -9.86 -3.21 -1.43
CA VAL A 93 -8.97 -3.09 -2.59
C VAL A 93 -8.36 -1.69 -2.54
N TYR A 94 -7.08 -1.63 -2.88
CA TYR A 94 -6.22 -0.46 -2.79
C TYR A 94 -5.71 -0.12 -4.19
N ARG A 95 -6.06 1.09 -4.63
CA ARG A 95 -5.79 1.65 -5.97
C ARG A 95 -5.53 3.17 -6.00
N PRO A 96 -5.01 3.74 -7.10
CA PRO A 96 -5.01 5.19 -7.34
C PRO A 96 -6.44 5.71 -7.59
N LEU A 97 -6.58 7.02 -7.82
CA LEU A 97 -7.82 7.68 -8.22
C LEU A 97 -8.25 7.36 -9.69
N MET A 98 -9.18 8.14 -10.24
CA MET A 98 -9.59 8.11 -11.65
C MET A 98 -9.93 9.54 -12.16
N GLU A 99 -10.41 9.66 -13.39
CA GLU A 99 -10.52 10.92 -14.15
C GLU A 99 -11.94 11.25 -14.66
#